data_6AKM
# 
_entry.id   6AKM 
# 
_audit_conform.dict_name       mmcif_pdbx.dic 
_audit_conform.dict_version    5.380 
_audit_conform.dict_location   http://mmcif.pdb.org/dictionaries/ascii/mmcif_pdbx.dic 
# 
loop_
_database_2.database_id 
_database_2.database_code 
_database_2.pdbx_database_accession 
_database_2.pdbx_DOI 
PDB   6AKM         pdb_00006akm 10.2210/pdb6akm/pdb 
WWPDB D_1300008923 ?            ?                   
# 
_pdbx_database_status.status_code                     REL 
_pdbx_database_status.status_code_sf                  REL 
_pdbx_database_status.status_code_mr                  ? 
_pdbx_database_status.entry_id                        6AKM 
_pdbx_database_status.recvd_initial_deposition_date   2018-09-02 
_pdbx_database_status.SG_entry                        N 
_pdbx_database_status.deposit_site                    PDBJ 
_pdbx_database_status.process_site                    PDBJ 
_pdbx_database_status.status_code_cs                  ? 
_pdbx_database_status.methods_development_category    ? 
_pdbx_database_status.pdb_format_compatible           Y 
_pdbx_database_status.status_code_nmr_data            ? 
# 
loop_
_audit_author.name 
_audit_author.pdbx_ordinal 
_audit_author.identifier_ORCID 
'Ma, J.'     1 ? 
'Chen, M.'   2 ? 
'Zhou, Z.C.' 3 ? 
# 
_citation.abstract                  ? 
_citation.abstract_id_CAS           ? 
_citation.book_id_ISBN              ? 
_citation.book_publisher            ? 
_citation.book_publisher_city       ? 
_citation.book_title                ? 
_citation.coordinate_linkage        ? 
_citation.country                   UK 
_citation.database_id_Medline       ? 
_citation.details                   ? 
_citation.id                        primary 
_citation.journal_abbrev            'Cell Discov' 
_citation.journal_id_ASTM           ? 
_citation.journal_id_CSD            ? 
_citation.journal_id_ISSN           2056-5968 
_citation.journal_full              ? 
_citation.journal_issue             ? 
_citation.journal_volume            5 
_citation.language                  ? 
_citation.page_first                3 
_citation.page_last                 3 
_citation.title                     'Architecture, substructures, and dynamic assembly of STRIPAK complexes in Hippo signaling.' 
_citation.year                      2019 
_citation.database_id_CSD           ? 
_citation.pdbx_database_id_DOI      10.1038/s41421-018-0077-3 
_citation.pdbx_database_id_PubMed   30622739 
_citation.unpublished_flag          ? 
# 
loop_
_citation_author.citation_id 
_citation_author.name 
_citation_author.ordinal 
_citation_author.identifier_ORCID 
primary 'Tang, Y.'  1  0000-0001-5490-3385 
primary 'Chen, M.'  2  0000-0002-9790-7244 
primary 'Zhou, L.'  3  ?                   
primary 'Ma, J.'    4  ?                   
primary 'Li, Y.'    5  ?                   
primary 'Zhang, H.' 6  ?                   
primary 'Shi, Z.'   7  0000-0002-9624-4960 
primary 'Xu, Q.'    8  ?                   
primary 'Zhang, X.' 9  ?                   
primary 'Gao, Z.'   10 ?                   
primary 'Zhao, Y.'  11 ?                   
primary 'Cheng, Y.' 12 ?                   
primary 'Jiao, S.'  13 ?                   
primary 'Zhou, Z.'  14 0000-0002-5441-3922 
# 
_cell.angle_alpha                  90.00 
_cell.angle_alpha_esd              ? 
_cell.angle_beta                   90.00 
_cell.angle_beta_esd               ? 
_cell.angle_gamma                  120.00 
_cell.angle_gamma_esd              ? 
_cell.entry_id                     6AKM 
_cell.details                      ? 
_cell.formula_units_Z              ? 
_cell.length_a                     66.763 
_cell.length_a_esd                 ? 
_cell.length_b                     66.763 
_cell.length_b_esd                 ? 
_cell.length_c                     61.353 
_cell.length_c_esd                 ? 
_cell.volume                       ? 
_cell.volume_esd                   ? 
_cell.Z_PDB                        6 
_cell.reciprocal_angle_alpha       ? 
_cell.reciprocal_angle_beta        ? 
_cell.reciprocal_angle_gamma       ? 
_cell.reciprocal_angle_alpha_esd   ? 
_cell.reciprocal_angle_beta_esd    ? 
_cell.reciprocal_angle_gamma_esd   ? 
_cell.reciprocal_length_a          ? 
_cell.reciprocal_length_b          ? 
_cell.reciprocal_length_c          ? 
_cell.reciprocal_length_a_esd      ? 
_cell.reciprocal_length_b_esd      ? 
_cell.reciprocal_length_c_esd      ? 
_cell.pdbx_unique_axis             ? 
# 
_symmetry.entry_id                         6AKM 
_symmetry.cell_setting                     ? 
_symmetry.Int_Tables_number                154 
_symmetry.space_group_name_Hall            ? 
_symmetry.space_group_name_H-M             'P 32 2 1' 
_symmetry.pdbx_full_space_group_name_H-M   ? 
# 
loop_
_entity.id 
_entity.type 
_entity.src_method 
_entity.pdbx_description 
_entity.formula_weight 
_entity.pdbx_number_of_molecules 
_entity.pdbx_ec 
_entity.pdbx_mutation 
_entity.pdbx_fragment 
_entity.details 
1 polymer     man 'Suppressor of IKBKE 1'                   7184.042 1  ? ? ? ? 
2 polymer     man 'Sarcolemmal membrane-associated protein' 7421.357 1  ? ? ? ? 
3 non-polymer syn GLYCEROL                                  92.094   1  ? ? ? ? 
4 water       nat water                                     18.015   35 ? ? ? ? 
# 
loop_
_entity_name_com.entity_id 
_entity_name_com.name 
1 'Suppressor of IKK-epsilon'      
2 'Sarcolemmal-associated protein' 
# 
loop_
_entity_poly.entity_id 
_entity_poly.type 
_entity_poly.nstd_linkage 
_entity_poly.nstd_monomer 
_entity_poly.pdbx_seq_one_letter_code 
_entity_poly.pdbx_seq_one_letter_code_can 
_entity_poly.pdbx_strand_id 
_entity_poly.pdbx_target_identifier 
1 'polypeptide(L)' no no STMAIEKILTDAKTLLERLREHDAAAESLVDQSAALHRRVAAMREAGTALPDQYQEDASDMKDMS 
STMAIEKILTDAKTLLERLREHDAAAESLVDQSAALHRRVAAMREAGTALPDQYQEDASDMKDMS A ? 
2 'polypeptide(L)' no no STMEQLSQYLQEALHREQMLEQKLATLQRLLAITQEASDTSWQALIDEDRLLSRLEVMGNQLQA  
STMEQLSQYLQEALHREQMLEQKLATLQRLLAITQEASDTSWQALIDEDRLLSRLEVMGNQLQA  B ? 
# 
loop_
_entity_poly_seq.entity_id 
_entity_poly_seq.num 
_entity_poly_seq.mon_id 
_entity_poly_seq.hetero 
1 1  SER n 
1 2  THR n 
1 3  MET n 
1 4  ALA n 
1 5  ILE n 
1 6  GLU n 
1 7  LYS n 
1 8  ILE n 
1 9  LEU n 
1 10 THR n 
1 11 ASP n 
1 12 ALA n 
1 13 LYS n 
1 14 THR n 
1 15 LEU n 
1 16 LEU n 
1 17 GLU n 
1 18 ARG n 
1 19 LEU n 
1 20 ARG n 
1 21 GLU n 
1 22 HIS n 
1 23 ASP n 
1 24 ALA n 
1 25 ALA n 
1 26 ALA n 
1 27 GLU n 
1 28 SER n 
1 29 LEU n 
1 30 VAL n 
1 31 ASP n 
1 32 GLN n 
1 33 SER n 
1 34 ALA n 
1 35 ALA n 
1 36 LEU n 
1 37 HIS n 
1 38 ARG n 
1 39 ARG n 
1 40 VAL n 
1 41 ALA n 
1 42 ALA n 
1 43 MET n 
1 44 ARG n 
1 45 GLU n 
1 46 ALA n 
1 47 GLY n 
1 48 THR n 
1 49 ALA n 
1 50 LEU n 
1 51 PRO n 
1 52 ASP n 
1 53 GLN n 
1 54 TYR n 
1 55 GLN n 
1 56 GLU n 
1 57 ASP n 
1 58 ALA n 
1 59 SER n 
1 60 ASP n 
1 61 MET n 
1 62 LYS n 
1 63 ASP n 
1 64 MET n 
1 65 SER n 
2 1  SER n 
2 2  THR n 
2 3  MET n 
2 4  GLU n 
2 5  GLN n 
2 6  LEU n 
2 7  SER n 
2 8  GLN n 
2 9  TYR n 
2 10 LEU n 
2 11 GLN n 
2 12 GLU n 
2 13 ALA n 
2 14 LEU n 
2 15 HIS n 
2 16 ARG n 
2 17 GLU n 
2 18 GLN n 
2 19 MET n 
2 20 LEU n 
2 21 GLU n 
2 22 GLN n 
2 23 LYS n 
2 24 LEU n 
2 25 ALA n 
2 26 THR n 
2 27 LEU n 
2 28 GLN n 
2 29 ARG n 
2 30 LEU n 
2 31 LEU n 
2 32 ALA n 
2 33 ILE n 
2 34 THR n 
2 35 GLN n 
2 36 GLU n 
2 37 ALA n 
2 38 SER n 
2 39 ASP n 
2 40 THR n 
2 41 SER n 
2 42 TRP n 
2 43 GLN n 
2 44 ALA n 
2 45 LEU n 
2 46 ILE n 
2 47 ASP n 
2 48 GLU n 
2 49 ASP n 
2 50 ARG n 
2 51 LEU n 
2 52 LEU n 
2 53 SER n 
2 54 ARG n 
2 55 LEU n 
2 56 GLU n 
2 57 VAL n 
2 58 MET n 
2 59 GLY n 
2 60 ASN n 
2 61 GLN n 
2 62 LEU n 
2 63 GLN n 
2 64 ALA n 
# 
loop_
_entity_src_gen.entity_id 
_entity_src_gen.pdbx_src_id 
_entity_src_gen.pdbx_alt_source_flag 
_entity_src_gen.pdbx_seq_type 
_entity_src_gen.pdbx_beg_seq_num 
_entity_src_gen.pdbx_end_seq_num 
_entity_src_gen.gene_src_common_name 
_entity_src_gen.gene_src_genus 
_entity_src_gen.pdbx_gene_src_gene 
_entity_src_gen.gene_src_species 
_entity_src_gen.gene_src_strain 
_entity_src_gen.gene_src_tissue 
_entity_src_gen.gene_src_tissue_fraction 
_entity_src_gen.gene_src_details 
_entity_src_gen.pdbx_gene_src_fragment 
_entity_src_gen.pdbx_gene_src_scientific_name 
_entity_src_gen.pdbx_gene_src_ncbi_taxonomy_id 
_entity_src_gen.pdbx_gene_src_variant 
_entity_src_gen.pdbx_gene_src_cell_line 
_entity_src_gen.pdbx_gene_src_atcc 
_entity_src_gen.pdbx_gene_src_organ 
_entity_src_gen.pdbx_gene_src_organelle 
_entity_src_gen.pdbx_gene_src_cell 
_entity_src_gen.pdbx_gene_src_cellular_location 
_entity_src_gen.host_org_common_name 
_entity_src_gen.pdbx_host_org_scientific_name 
_entity_src_gen.pdbx_host_org_ncbi_taxonomy_id 
_entity_src_gen.host_org_genus 
_entity_src_gen.pdbx_host_org_gene 
_entity_src_gen.pdbx_host_org_organ 
_entity_src_gen.host_org_species 
_entity_src_gen.pdbx_host_org_tissue 
_entity_src_gen.pdbx_host_org_tissue_fraction 
_entity_src_gen.pdbx_host_org_strain 
_entity_src_gen.pdbx_host_org_variant 
_entity_src_gen.pdbx_host_org_cell_line 
_entity_src_gen.pdbx_host_org_atcc 
_entity_src_gen.pdbx_host_org_culture_collection 
_entity_src_gen.pdbx_host_org_cell 
_entity_src_gen.pdbx_host_org_organelle 
_entity_src_gen.pdbx_host_org_cellular_location 
_entity_src_gen.pdbx_host_org_vector_type 
_entity_src_gen.pdbx_host_org_vector 
_entity_src_gen.host_org_details 
_entity_src_gen.expression_system_id 
_entity_src_gen.plasmid_name 
_entity_src_gen.plasmid_details 
_entity_src_gen.pdbx_description 
1 1 sample 'Biological sequence' 1 65 Human ? 'SIKE1, SIKE'                            ? ? ? ? ? ? 'Homo sapiens' 9606 ? ? ? ? ? ? 
? ? 'Escherichia coli BL21(DE3)' 469008 ? ? ? ? ? ? 'BL21 (DE3)' CodonPlus ? ? ? ? ? ? ? ? ? ? ? ? ? 
2 1 sample 'Biological sequence' 1 64 Human ? 'SLMAP, KIAA1601, SLAP, UNQ1847/PRO3577' ? ? ? ? ? ? 'Homo sapiens' 9606 ? ? ? ? ? ? 
? ? 'Escherichia coli BL21(DE3)' 469008 ? ? ? ? ? ? 'BL21 (DE3)' CodonPlus ? ? ? ? ? ? ? ? ? ? ? ? ? 
# 
loop_
_struct_ref.id 
_struct_ref.db_name 
_struct_ref.db_code 
_struct_ref.pdbx_db_accession 
_struct_ref.pdbx_db_isoform 
_struct_ref.entity_id 
_struct_ref.pdbx_seq_one_letter_code 
_struct_ref.pdbx_align_begin 
1 UNP SIKE1_HUMAN Q9BRV8 ? 1 IEKILTDAKTLLERLREHDAAAESLVDQSAALHRRVAAMREAGTALPDQYQEDASDMKDMS 5   
2 UNP SLMAP_HUMAN Q14BN4 ? 2 QLSQYLQEALHREQMLEQKLATLQRLLAITQEASDTSWQALIDEDRLLSRLEVMGNQLQA  167 
# 
loop_
_struct_ref_seq.align_id 
_struct_ref_seq.ref_id 
_struct_ref_seq.pdbx_PDB_id_code 
_struct_ref_seq.pdbx_strand_id 
_struct_ref_seq.seq_align_beg 
_struct_ref_seq.pdbx_seq_align_beg_ins_code 
_struct_ref_seq.seq_align_end 
_struct_ref_seq.pdbx_seq_align_end_ins_code 
_struct_ref_seq.pdbx_db_accession 
_struct_ref_seq.db_align_beg 
_struct_ref_seq.pdbx_db_align_beg_ins_code 
_struct_ref_seq.db_align_end 
_struct_ref_seq.pdbx_db_align_end_ins_code 
_struct_ref_seq.pdbx_auth_seq_align_beg 
_struct_ref_seq.pdbx_auth_seq_align_end 
1 1 6AKM A 5 ? 65 ? Q9BRV8 5   ? 65  ? 5   65  
2 2 6AKM B 5 ? 64 ? Q14BN4 167 ? 226 ? 167 226 
# 
loop_
_struct_ref_seq_dif.align_id 
_struct_ref_seq_dif.pdbx_pdb_id_code 
_struct_ref_seq_dif.mon_id 
_struct_ref_seq_dif.pdbx_pdb_strand_id 
_struct_ref_seq_dif.seq_num 
_struct_ref_seq_dif.pdbx_pdb_ins_code 
_struct_ref_seq_dif.pdbx_seq_db_name 
_struct_ref_seq_dif.pdbx_seq_db_accession_code 
_struct_ref_seq_dif.db_mon_id 
_struct_ref_seq_dif.pdbx_seq_db_seq_num 
_struct_ref_seq_dif.details 
_struct_ref_seq_dif.pdbx_auth_seq_num 
_struct_ref_seq_dif.pdbx_ordinal 
1 6AKM SER A 1 ? UNP Q9BRV8 ? ? 'expression tag' 1   1 
1 6AKM THR A 2 ? UNP Q9BRV8 ? ? 'expression tag' 2   2 
1 6AKM MET A 3 ? UNP Q9BRV8 ? ? 'expression tag' 3   3 
1 6AKM ALA A 4 ? UNP Q9BRV8 ? ? 'expression tag' 4   4 
2 6AKM SER B 1 ? UNP Q14BN4 ? ? 'expression tag' 163 5 
2 6AKM THR B 2 ? UNP Q14BN4 ? ? 'expression tag' 164 6 
2 6AKM MET B 3 ? UNP Q14BN4 ? ? 'expression tag' 165 7 
2 6AKM GLU B 4 ? UNP Q14BN4 ? ? 'expression tag' 166 8 
# 
loop_
_chem_comp.id 
_chem_comp.type 
_chem_comp.mon_nstd_flag 
_chem_comp.name 
_chem_comp.pdbx_synonyms 
_chem_comp.formula 
_chem_comp.formula_weight 
ALA 'L-peptide linking' y ALANINE         ?                               'C3 H7 N O2'     89.093  
ARG 'L-peptide linking' y ARGININE        ?                               'C6 H15 N4 O2 1' 175.209 
ASN 'L-peptide linking' y ASPARAGINE      ?                               'C4 H8 N2 O3'    132.118 
ASP 'L-peptide linking' y 'ASPARTIC ACID' ?                               'C4 H7 N O4'     133.103 
GLN 'L-peptide linking' y GLUTAMINE       ?                               'C5 H10 N2 O3'   146.144 
GLU 'L-peptide linking' y 'GLUTAMIC ACID' ?                               'C5 H9 N O4'     147.129 
GLY 'peptide linking'   y GLYCINE         ?                               'C2 H5 N O2'     75.067  
GOL non-polymer         . GLYCEROL        'GLYCERIN; PROPANE-1,2,3-TRIOL' 'C3 H8 O3'       92.094  
HIS 'L-peptide linking' y HISTIDINE       ?                               'C6 H10 N3 O2 1' 156.162 
HOH non-polymer         . WATER           ?                               'H2 O'           18.015  
ILE 'L-peptide linking' y ISOLEUCINE      ?                               'C6 H13 N O2'    131.173 
LEU 'L-peptide linking' y LEUCINE         ?                               'C6 H13 N O2'    131.173 
LYS 'L-peptide linking' y LYSINE          ?                               'C6 H15 N2 O2 1' 147.195 
MET 'L-peptide linking' y METHIONINE      ?                               'C5 H11 N O2 S'  149.211 
PRO 'L-peptide linking' y PROLINE         ?                               'C5 H9 N O2'     115.130 
SER 'L-peptide linking' y SERINE          ?                               'C3 H7 N O3'     105.093 
THR 'L-peptide linking' y THREONINE       ?                               'C4 H9 N O3'     119.119 
TRP 'L-peptide linking' y TRYPTOPHAN      ?                               'C11 H12 N2 O2'  204.225 
TYR 'L-peptide linking' y TYROSINE        ?                               'C9 H11 N O3'    181.189 
VAL 'L-peptide linking' y VALINE          ?                               'C5 H11 N O2'    117.146 
# 
_exptl.absorpt_coefficient_mu     ? 
_exptl.absorpt_correction_T_max   ? 
_exptl.absorpt_correction_T_min   ? 
_exptl.absorpt_correction_type    ? 
_exptl.absorpt_process_details    ? 
_exptl.entry_id                   6AKM 
_exptl.crystals_number            1 
_exptl.details                    ? 
_exptl.method                     'X-RAY DIFFRACTION' 
_exptl.method_details             ? 
# 
_exptl_crystal.colour                      ? 
_exptl_crystal.density_diffrn              ? 
_exptl_crystal.density_Matthews            2.70 
_exptl_crystal.density_method              ? 
_exptl_crystal.density_percent_sol         54.49 
_exptl_crystal.description                 ? 
_exptl_crystal.F_000                       ? 
_exptl_crystal.id                          1 
_exptl_crystal.preparation                 ? 
_exptl_crystal.size_max                    ? 
_exptl_crystal.size_mid                    ? 
_exptl_crystal.size_min                    ? 
_exptl_crystal.size_rad                    ? 
_exptl_crystal.colour_lustre               ? 
_exptl_crystal.colour_modifier             ? 
_exptl_crystal.colour_primary              ? 
_exptl_crystal.density_meas                ? 
_exptl_crystal.density_meas_esd            ? 
_exptl_crystal.density_meas_gt             ? 
_exptl_crystal.density_meas_lt             ? 
_exptl_crystal.density_meas_temp           ? 
_exptl_crystal.density_meas_temp_esd       ? 
_exptl_crystal.density_meas_temp_gt        ? 
_exptl_crystal.density_meas_temp_lt        ? 
_exptl_crystal.pdbx_crystal_image_url      ? 
_exptl_crystal.pdbx_crystal_image_format   ? 
_exptl_crystal.pdbx_mosaicity              ? 
_exptl_crystal.pdbx_mosaicity_esd          ? 
# 
_exptl_crystal_grow.apparatus       ? 
_exptl_crystal_grow.atmosphere      ? 
_exptl_crystal_grow.crystal_id      1 
_exptl_crystal_grow.details         ? 
_exptl_crystal_grow.method          'VAPOR DIFFUSION, SITTING DROP' 
_exptl_crystal_grow.method_ref      ? 
_exptl_crystal_grow.pH              ? 
_exptl_crystal_grow.pressure        ? 
_exptl_crystal_grow.pressure_esd    ? 
_exptl_crystal_grow.seeding         ? 
_exptl_crystal_grow.seeding_ref     ? 
_exptl_crystal_grow.temp            289 
_exptl_crystal_grow.temp_details    ? 
_exptl_crystal_grow.temp_esd        ? 
_exptl_crystal_grow.time            ? 
_exptl_crystal_grow.pdbx_details    
;0.1 M sodium citrate, pH 5.5;
15% (w/v) PEG 6000
;
_exptl_crystal_grow.pdbx_pH_range   ? 
# 
_diffrn.ambient_environment              ? 
_diffrn.ambient_temp                     100 
_diffrn.ambient_temp_details             ? 
_diffrn.ambient_temp_esd                 ? 
_diffrn.crystal_id                       1 
_diffrn.crystal_support                  ? 
_diffrn.crystal_treatment                ? 
_diffrn.details                          ? 
_diffrn.id                               1 
_diffrn.ambient_pressure                 ? 
_diffrn.ambient_pressure_esd             ? 
_diffrn.ambient_pressure_gt              ? 
_diffrn.ambient_pressure_lt              ? 
_diffrn.ambient_temp_gt                  ? 
_diffrn.ambient_temp_lt                  ? 
_diffrn.pdbx_serial_crystal_experiment   N 
# 
_diffrn_detector.details                      ? 
_diffrn_detector.detector                     PIXEL 
_diffrn_detector.diffrn_id                    1 
_diffrn_detector.type                         'DECTRIS PILATUS3 6M' 
_diffrn_detector.area_resol_mean              ? 
_diffrn_detector.dtime                        ? 
_diffrn_detector.pdbx_frames_total            ? 
_diffrn_detector.pdbx_collection_time_total   ? 
_diffrn_detector.pdbx_collection_date         2017-12-11 
_diffrn_detector.pdbx_frequency               ? 
# 
_diffrn_radiation.collimation                      ? 
_diffrn_radiation.diffrn_id                        1 
_diffrn_radiation.filter_edge                      ? 
_diffrn_radiation.inhomogeneity                    ? 
_diffrn_radiation.monochromator                    ? 
_diffrn_radiation.polarisn_norm                    ? 
_diffrn_radiation.polarisn_ratio                   ? 
_diffrn_radiation.probe                            ? 
_diffrn_radiation.type                             ? 
_diffrn_radiation.xray_symbol                      ? 
_diffrn_radiation.wavelength_id                    1 
_diffrn_radiation.pdbx_monochromatic_or_laue_m_l   M 
_diffrn_radiation.pdbx_wavelength_list             ? 
_diffrn_radiation.pdbx_wavelength                  ? 
_diffrn_radiation.pdbx_diffrn_protocol             'SINGLE WAVELENGTH' 
_diffrn_radiation.pdbx_analyzer                    ? 
_diffrn_radiation.pdbx_scattering_type             x-ray 
# 
_diffrn_radiation_wavelength.id           1 
_diffrn_radiation_wavelength.wavelength   0.97853 
_diffrn_radiation_wavelength.wt           1.0 
# 
_diffrn_source.current                     ? 
_diffrn_source.details                     ? 
_diffrn_source.diffrn_id                   1 
_diffrn_source.power                       ? 
_diffrn_source.size                        ? 
_diffrn_source.source                      SYNCHROTRON 
_diffrn_source.target                      ? 
_diffrn_source.type                        'SSRF BEAMLINE BL18U1' 
_diffrn_source.voltage                     ? 
_diffrn_source.take-off_angle              ? 
_diffrn_source.pdbx_wavelength_list        0.97853 
_diffrn_source.pdbx_wavelength             ? 
_diffrn_source.pdbx_synchrotron_beamline   BL18U1 
_diffrn_source.pdbx_synchrotron_site       SSRF 
# 
_reflns.B_iso_Wilson_estimate            ? 
_reflns.entry_id                         6AKM 
_reflns.data_reduction_details           ? 
_reflns.data_reduction_method            ? 
_reflns.d_resolution_high                2.3 
_reflns.d_resolution_low                 50 
_reflns.details                          ? 
_reflns.limit_h_max                      ? 
_reflns.limit_h_min                      ? 
_reflns.limit_k_max                      ? 
_reflns.limit_k_min                      ? 
_reflns.limit_l_max                      ? 
_reflns.limit_l_min                      ? 
_reflns.number_all                       ? 
_reflns.number_obs                       7336 
_reflns.observed_criterion               ? 
_reflns.observed_criterion_F_max         ? 
_reflns.observed_criterion_F_min         ? 
_reflns.observed_criterion_I_max         ? 
_reflns.observed_criterion_I_min         ? 
_reflns.observed_criterion_sigma_F       ? 
_reflns.observed_criterion_sigma_I       ? 
_reflns.percent_possible_obs             100 
_reflns.R_free_details                   ? 
_reflns.Rmerge_F_all                     ? 
_reflns.Rmerge_F_obs                     ? 
_reflns.Friedel_coverage                 ? 
_reflns.number_gt                        ? 
_reflns.threshold_expression             ? 
_reflns.pdbx_redundancy                  18.8 
_reflns.pdbx_Rmerge_I_obs                0.094 
_reflns.pdbx_Rmerge_I_all                ? 
_reflns.pdbx_Rsym_value                  ? 
_reflns.pdbx_netI_over_av_sigmaI         ? 
_reflns.pdbx_netI_over_sigmaI            21.6 
_reflns.pdbx_res_netI_over_av_sigmaI_2   ? 
_reflns.pdbx_res_netI_over_sigmaI_2      ? 
_reflns.pdbx_chi_squared                 ? 
_reflns.pdbx_scaling_rejects             ? 
_reflns.pdbx_d_res_high_opt              ? 
_reflns.pdbx_d_res_low_opt               ? 
_reflns.pdbx_d_res_opt_method            ? 
_reflns.phase_calculation_details        ? 
_reflns.pdbx_Rrim_I_all                  0.097 
_reflns.pdbx_Rpim_I_all                  0.022 
_reflns.pdbx_d_opt                       ? 
_reflns.pdbx_number_measured_all         ? 
_reflns.pdbx_diffrn_id                   1 
_reflns.pdbx_ordinal                     1 
_reflns.pdbx_CC_half                     ? 
_reflns.pdbx_R_split                     ? 
# 
_reflns_shell.d_res_high                  2.3 
_reflns_shell.d_res_low                   2.38 
_reflns_shell.meanI_over_sigI_all         ? 
_reflns_shell.meanI_over_sigI_obs         5.2 
_reflns_shell.number_measured_all         ? 
_reflns_shell.number_measured_obs         ? 
_reflns_shell.number_possible             ? 
_reflns_shell.number_unique_all           ? 
_reflns_shell.number_unique_obs           713 
_reflns_shell.percent_possible_all        100 
_reflns_shell.percent_possible_obs        ? 
_reflns_shell.Rmerge_F_all                ? 
_reflns_shell.Rmerge_F_obs                ? 
_reflns_shell.Rmerge_I_all                ? 
_reflns_shell.Rmerge_I_obs                0.821 
_reflns_shell.meanI_over_sigI_gt          ? 
_reflns_shell.meanI_over_uI_all           ? 
_reflns_shell.meanI_over_uI_gt            ? 
_reflns_shell.number_measured_gt          ? 
_reflns_shell.number_unique_gt            ? 
_reflns_shell.percent_possible_gt         ? 
_reflns_shell.Rmerge_F_gt                 ? 
_reflns_shell.Rmerge_I_gt                 ? 
_reflns_shell.pdbx_redundancy             19.0 
_reflns_shell.pdbx_Rsym_value             ? 
_reflns_shell.pdbx_chi_squared            ? 
_reflns_shell.pdbx_netI_over_sigmaI_all   ? 
_reflns_shell.pdbx_netI_over_sigmaI_obs   ? 
_reflns_shell.pdbx_Rrim_I_all             0.844 
_reflns_shell.pdbx_Rpim_I_all             0.193 
_reflns_shell.pdbx_rejects                ? 
_reflns_shell.pdbx_ordinal                1 
_reflns_shell.pdbx_diffrn_id              1 
_reflns_shell.pdbx_CC_half                0.948 
_reflns_shell.pdbx_R_split                ? 
# 
_refine.aniso_B[1][1]                            ? 
_refine.aniso_B[1][2]                            ? 
_refine.aniso_B[1][3]                            ? 
_refine.aniso_B[2][2]                            ? 
_refine.aniso_B[2][3]                            ? 
_refine.aniso_B[3][3]                            ? 
_refine.B_iso_max                                ? 
_refine.B_iso_mean                               ? 
_refine.B_iso_min                                ? 
_refine.correlation_coeff_Fo_to_Fc               ? 
_refine.correlation_coeff_Fo_to_Fc_free          ? 
_refine.details                                  ? 
_refine.diff_density_max                         ? 
_refine.diff_density_max_esd                     ? 
_refine.diff_density_min                         ? 
_refine.diff_density_min_esd                     ? 
_refine.diff_density_rms                         ? 
_refine.diff_density_rms_esd                     ? 
_refine.entry_id                                 6AKM 
_refine.pdbx_refine_id                           'X-RAY DIFFRACTION' 
_refine.ls_abs_structure_details                 ? 
_refine.ls_abs_structure_Flack                   ? 
_refine.ls_abs_structure_Flack_esd               ? 
_refine.ls_abs_structure_Rogers                  ? 
_refine.ls_abs_structure_Rogers_esd              ? 
_refine.ls_d_res_high                            2.300 
_refine.ls_d_res_low                             42.08 
_refine.ls_extinction_coef                       ? 
_refine.ls_extinction_coef_esd                   ? 
_refine.ls_extinction_expression                 ? 
_refine.ls_extinction_method                     ? 
_refine.ls_goodness_of_fit_all                   ? 
_refine.ls_goodness_of_fit_all_esd               ? 
_refine.ls_goodness_of_fit_obs                   ? 
_refine.ls_goodness_of_fit_obs_esd               ? 
_refine.ls_hydrogen_treatment                    ? 
_refine.ls_matrix_type                           ? 
_refine.ls_number_constraints                    ? 
_refine.ls_number_parameters                     ? 
_refine.ls_number_reflns_all                     ? 
_refine.ls_number_reflns_obs                     7294 
_refine.ls_number_reflns_R_free                  734 
_refine.ls_number_reflns_R_work                  ? 
_refine.ls_number_restraints                     ? 
_refine.ls_percent_reflns_obs                    99.67 
_refine.ls_percent_reflns_R_free                 10.06 
_refine.ls_R_factor_all                          ? 
_refine.ls_R_factor_obs                          0.2074 
_refine.ls_R_factor_R_free                       0.2380 
_refine.ls_R_factor_R_free_error                 ? 
_refine.ls_R_factor_R_free_error_details         ? 
_refine.ls_R_factor_R_work                       0.2040 
_refine.ls_R_Fsqd_factor_obs                     ? 
_refine.ls_R_I_factor_obs                        ? 
_refine.ls_redundancy_reflns_all                 ? 
_refine.ls_redundancy_reflns_obs                 ? 
_refine.ls_restrained_S_all                      ? 
_refine.ls_restrained_S_obs                      ? 
_refine.ls_shift_over_esd_max                    ? 
_refine.ls_shift_over_esd_mean                   ? 
_refine.ls_structure_factor_coef                 ? 
_refine.ls_weighting_details                     ? 
_refine.ls_weighting_scheme                      ? 
_refine.ls_wR_factor_all                         ? 
_refine.ls_wR_factor_obs                         ? 
_refine.ls_wR_factor_R_free                      ? 
_refine.ls_wR_factor_R_work                      ? 
_refine.occupancy_max                            ? 
_refine.occupancy_min                            ? 
_refine.solvent_model_details                    ? 
_refine.solvent_model_param_bsol                 ? 
_refine.solvent_model_param_ksol                 ? 
_refine.ls_R_factor_gt                           ? 
_refine.ls_goodness_of_fit_gt                    ? 
_refine.ls_goodness_of_fit_ref                   ? 
_refine.ls_shift_over_su_max                     ? 
_refine.ls_shift_over_su_max_lt                  ? 
_refine.ls_shift_over_su_mean                    ? 
_refine.ls_shift_over_su_mean_lt                 ? 
_refine.pdbx_ls_sigma_I                          ? 
_refine.pdbx_ls_sigma_F                          1.34 
_refine.pdbx_ls_sigma_Fsqd                       ? 
_refine.pdbx_data_cutoff_high_absF               ? 
_refine.pdbx_data_cutoff_high_rms_absF           ? 
_refine.pdbx_data_cutoff_low_absF                ? 
_refine.pdbx_isotropic_thermal_model             ? 
_refine.pdbx_ls_cross_valid_method               'FREE R-VALUE' 
_refine.pdbx_method_to_determine_struct          'MOLECULAR REPLACEMENT' 
_refine.pdbx_starting_model                      6AKK 
_refine.pdbx_stereochemistry_target_values       ? 
_refine.pdbx_R_Free_selection_details            ? 
_refine.pdbx_stereochem_target_val_spec_case     ? 
_refine.pdbx_overall_ESU_R                       ? 
_refine.pdbx_overall_ESU_R_Free                  ? 
_refine.pdbx_solvent_vdw_probe_radii             1.11 
_refine.pdbx_solvent_ion_probe_radii             ? 
_refine.pdbx_solvent_shrinkage_radii             0.90 
_refine.pdbx_real_space_R                        ? 
_refine.pdbx_density_correlation                 ? 
_refine.pdbx_pd_number_of_powder_patterns        ? 
_refine.pdbx_pd_number_of_points                 ? 
_refine.pdbx_pd_meas_number_of_points            ? 
_refine.pdbx_pd_proc_ls_prof_R_factor            ? 
_refine.pdbx_pd_proc_ls_prof_wR_factor           ? 
_refine.pdbx_pd_Marquardt_correlation_coeff      ? 
_refine.pdbx_pd_Fsqrd_R_factor                   ? 
_refine.pdbx_pd_ls_matrix_band_width             ? 
_refine.pdbx_overall_phase_error                 25.09 
_refine.pdbx_overall_SU_R_free_Cruickshank_DPI   ? 
_refine.pdbx_overall_SU_R_free_Blow_DPI          ? 
_refine.pdbx_overall_SU_R_Blow_DPI               ? 
_refine.pdbx_TLS_residual_ADP_flag               ? 
_refine.pdbx_diffrn_id                           1 
_refine.overall_SU_B                             ? 
_refine.overall_SU_ML                            0.25 
_refine.overall_SU_R_Cruickshank_DPI             ? 
_refine.overall_SU_R_free                        ? 
_refine.overall_FOM_free_R_set                   ? 
_refine.overall_FOM_work_R_set                   ? 
_refine.pdbx_average_fsc_overall                 ? 
_refine.pdbx_average_fsc_work                    ? 
_refine.pdbx_average_fsc_free                    ? 
# 
_refine_hist.pdbx_refine_id                   'X-RAY DIFFRACTION' 
_refine_hist.cycle_id                         LAST 
_refine_hist.pdbx_number_atoms_protein        698 
_refine_hist.pdbx_number_atoms_nucleic_acid   0 
_refine_hist.pdbx_number_atoms_ligand         6 
_refine_hist.number_atoms_solvent             35 
_refine_hist.number_atoms_total               739 
_refine_hist.d_res_high                       2.300 
_refine_hist.d_res_low                        42.08 
# 
loop_
_refine_ls_restr.pdbx_refine_id 
_refine_ls_restr.criterion 
_refine_ls_restr.dev_ideal 
_refine_ls_restr.dev_ideal_target 
_refine_ls_restr.number 
_refine_ls_restr.rejects 
_refine_ls_restr.type 
_refine_ls_restr.weight 
_refine_ls_restr.pdbx_restraint_function 
'X-RAY DIFFRACTION' ? 0.007  ? 745  ? f_bond_d           ? ? 
'X-RAY DIFFRACTION' ? 0.886  ? 1009 ? f_angle_d          ? ? 
'X-RAY DIFFRACTION' ? 10.271 ? 678  ? f_dihedral_angle_d ? ? 
'X-RAY DIFFRACTION' ? 0.055  ? 122  ? f_chiral_restr     ? ? 
'X-RAY DIFFRACTION' ? 0.005  ? 131  ? f_plane_restr      ? ? 
# 
loop_
_refine_ls_shell.pdbx_refine_id 
_refine_ls_shell.d_res_high 
_refine_ls_shell.d_res_low 
_refine_ls_shell.number_reflns_all 
_refine_ls_shell.number_reflns_obs 
_refine_ls_shell.number_reflns_R_free 
_refine_ls_shell.number_reflns_R_work 
_refine_ls_shell.percent_reflns_obs 
_refine_ls_shell.percent_reflns_R_free 
_refine_ls_shell.R_factor_all 
_refine_ls_shell.R_factor_obs 
_refine_ls_shell.R_factor_R_free 
_refine_ls_shell.R_factor_R_free_error 
_refine_ls_shell.R_factor_R_work 
_refine_ls_shell.redundancy_reflns_all 
_refine_ls_shell.redundancy_reflns_obs 
_refine_ls_shell.wR_factor_all 
_refine_ls_shell.wR_factor_obs 
_refine_ls_shell.wR_factor_R_free 
_refine_ls_shell.wR_factor_R_work 
_refine_ls_shell.pdbx_total_number_of_bins_used 
_refine_ls_shell.pdbx_phase_error 
_refine_ls_shell.pdbx_fsc_work 
_refine_ls_shell.pdbx_fsc_free 
'X-RAY DIFFRACTION' 2.3001 2.4777  . . 143 1289 100.00 . . . 0.2909 . 0.2323 . . . . . . . . . . 
'X-RAY DIFFRACTION' 2.4777 2.7270  . . 143 1289 100.00 . . . 0.2748 . 0.2141 . . . . . . . . . . 
'X-RAY DIFFRACTION' 2.7270 3.1216  . . 149 1306 100.00 . . . 0.2767 . 0.2120 . . . . . . . . . . 
'X-RAY DIFFRACTION' 3.1216 3.9328  . . 148 1300 100.00 . . . 0.2095 . 0.1889 . . . . . . . . . . 
'X-RAY DIFFRACTION' 3.9328 57.8364 . . 151 1376 99.00  . . . 0.2220 . 0.2018 . . . . . . . . . . 
# 
_struct.entry_id                     6AKM 
_struct.title                        'Crystal structure of SLMAP-SIKE1 complex' 
_struct.pdbx_model_details           ? 
_struct.pdbx_formula_weight          ? 
_struct.pdbx_formula_weight_method   ? 
_struct.pdbx_model_type_details      ? 
_struct.pdbx_CASP_flag               N 
# 
_struct_keywords.entry_id        6AKM 
_struct_keywords.text            'Coiled-coil domain, heterotetramer, PROTEIN BINDING' 
_struct_keywords.pdbx_keywords   'PROTEIN BINDING' 
# 
loop_
_struct_asym.id 
_struct_asym.pdbx_blank_PDB_chainid_flag 
_struct_asym.pdbx_modified 
_struct_asym.entity_id 
_struct_asym.details 
A N N 1 ? 
B N N 2 ? 
C N N 3 ? 
D N N 4 ? 
E N N 4 ? 
# 
loop_
_struct_conf.conf_type_id 
_struct_conf.id 
_struct_conf.pdbx_PDB_helix_id 
_struct_conf.beg_label_comp_id 
_struct_conf.beg_label_asym_id 
_struct_conf.beg_label_seq_id 
_struct_conf.pdbx_beg_PDB_ins_code 
_struct_conf.end_label_comp_id 
_struct_conf.end_label_asym_id 
_struct_conf.end_label_seq_id 
_struct_conf.pdbx_end_PDB_ins_code 
_struct_conf.beg_auth_comp_id 
_struct_conf.beg_auth_asym_id 
_struct_conf.beg_auth_seq_id 
_struct_conf.end_auth_comp_id 
_struct_conf.end_auth_asym_id 
_struct_conf.end_auth_seq_id 
_struct_conf.pdbx_PDB_helix_class 
_struct_conf.details 
_struct_conf.pdbx_PDB_helix_length 
HELX_P HELX_P1 AA1 MET A 3  ? GLY A 47 ? MET A 3   GLY A 47  1 ? 45 
HELX_P HELX_P2 AA2 THR B 2  ? SER B 38 ? THR B 164 SER B 200 1 ? 37 
HELX_P HELX_P3 AA3 SER B 38 ? LEU B 45 ? SER B 200 LEU B 207 1 ? 8  
# 
_struct_conf_type.id          HELX_P 
_struct_conf_type.criteria    ? 
_struct_conf_type.reference   ? 
# 
_struct_site.id                   AC1 
_struct_site.pdbx_evidence_code   Software 
_struct_site.pdbx_auth_asym_id    A 
_struct_site.pdbx_auth_comp_id    GOL 
_struct_site.pdbx_auth_seq_id     101 
_struct_site.pdbx_auth_ins_code   ? 
_struct_site.pdbx_num_residues    4 
_struct_site.details              'binding site for residue GOL A 101' 
# 
loop_
_struct_site_gen.id 
_struct_site_gen.site_id 
_struct_site_gen.pdbx_num_res 
_struct_site_gen.label_comp_id 
_struct_site_gen.label_asym_id 
_struct_site_gen.label_seq_id 
_struct_site_gen.pdbx_auth_ins_code 
_struct_site_gen.auth_comp_id 
_struct_site_gen.auth_asym_id 
_struct_site_gen.auth_seq_id 
_struct_site_gen.label_atom_id 
_struct_site_gen.label_alt_id 
_struct_site_gen.symmetry 
_struct_site_gen.details 
1 AC1 4 ARG A 38 ? ARG A 38  . ? 1_555 ? 
2 AC1 4 ARG A 39 ? ARG A 39  . ? 1_555 ? 
3 AC1 4 HOH D .  ? HOH A 209 . ? 1_555 ? 
4 AC1 4 HOH D .  ? HOH A 211 . ? 1_555 ? 
# 
_atom_sites.entry_id                    6AKM 
_atom_sites.fract_transf_matrix[1][1]   -0.00096919 
_atom_sites.fract_transf_matrix[1][2]   -0.00980696 
_atom_sites.fract_transf_matrix[1][3]   -0.01421311 
_atom_sites.fract_transf_matrix[2][1]   -0.01068818 
_atom_sites.fract_transf_matrix[2][2]   0.00443470 
_atom_sites.fract_transf_matrix[2][3]   -0.01285488 
_atom_sites.fract_transf_matrix[3][1]   0.01189731 
_atom_sites.fract_transf_matrix[3][2]   0.00877386 
_atom_sites.fract_transf_matrix[3][3]   -0.00686518 
_atom_sites.fract_transf_vector[1]      -0.116413 
_atom_sites.fract_transf_vector[2]      0.023632 
_atom_sites.fract_transf_vector[3]      0.106731 
# 
loop_
_atom_type.symbol 
C 
N 
O 
S 
# 
loop_
_atom_site.group_PDB 
_atom_site.id 
_atom_site.type_symbol 
_atom_site.label_atom_id 
_atom_site.label_alt_id 
_atom_site.label_comp_id 
_atom_site.label_asym_id 
_atom_site.label_entity_id 
_atom_site.label_seq_id 
_atom_site.pdbx_PDB_ins_code 
_atom_site.Cartn_x 
_atom_site.Cartn_y 
_atom_site.Cartn_z 
_atom_site.occupancy 
_atom_site.B_iso_or_equiv 
_atom_site.pdbx_formal_charge 
_atom_site.auth_seq_id 
_atom_site.auth_comp_id 
_atom_site.auth_asym_id 
_atom_site.auth_atom_id 
_atom_site.pdbx_PDB_model_num 
ATOM   1   N N   . THR A 1 2  ? -6.124  36.224  5.521   1.00 159.85 ? 2   THR A N   1 
ATOM   2   C CA  . THR A 1 2  ? -4.824  36.539  6.100   1.00 157.96 ? 2   THR A CA  1 
ATOM   3   C C   . THR A 1 2  ? -4.514  35.622  7.278   1.00 149.45 ? 2   THR A C   1 
ATOM   4   O O   . THR A 1 2  ? -3.346  35.360  7.581   1.00 147.50 ? 2   THR A O   1 
ATOM   5   C CB  . THR A 1 2  ? -4.752  38.006  6.568   1.00 164.47 ? 2   THR A CB  1 
ATOM   6   N N   . MET A 1 3  ? -5.564  35.131  7.932   1.00 147.93 ? 3   MET A N   1 
ATOM   7   C CA  . MET A 1 3  ? -5.386  34.323  9.127   1.00 143.18 ? 3   MET A CA  1 
ATOM   8   C C   . MET A 1 3  ? -4.701  33.001  8.790   1.00 134.67 ? 3   MET A C   1 
ATOM   9   O O   . MET A 1 3  ? -4.717  32.530  7.649   1.00 132.08 ? 3   MET A O   1 
ATOM   10  C CB  . MET A 1 3  ? -6.726  34.076  9.819   1.00 144.95 ? 3   MET A CB  1 
ATOM   11  C CG  . MET A 1 3  ? -7.283  35.317  10.514  1.00 153.27 ? 3   MET A CG  1 
ATOM   12  S SD  . MET A 1 3  ? -5.997  36.234  11.398  1.00 155.87 ? 3   MET A SD  1 
ATOM   13  C CE  . MET A 1 3  ? -6.111  35.527  13.040  1.00 153.35 ? 3   MET A CE  1 
ATOM   14  N N   . ALA A 1 4  ? -4.178  32.412  9.836   1.00 130.76 ? 4   ALA A N   1 
ATOM   15  C CA  . ALA A 1 4  ? -3.333  31.218  9.723   1.00 123.36 ? 4   ALA A CA  1 
ATOM   16  C C   . ALA A 1 4  ? -4.105  30.010  9.220   1.00 118.32 ? 4   ALA A C   1 
ATOM   17  O O   . ALA A 1 4  ? -3.701  29.455  8.195   1.00 113.45 ? 4   ALA A O   1 
ATOM   18  C CB  . ALA A 1 4  ? -2.658  30.926  11.032  1.00 121.56 ? 4   ALA A CB  1 
ATOM   19  N N   . ILE A 1 5  ? -5.102  29.597  9.951   1.00 119.70 ? 5   ILE A N   1 
ATOM   20  C CA  . ILE A 1 5  ? -5.857  28.361  9.630   1.00 115.01 ? 5   ILE A CA  1 
ATOM   21  C C   . ILE A 1 5  ? -6.292  28.332  8.173   1.00 114.82 ? 5   ILE A C   1 
ATOM   22  O O   . ILE A 1 5  ? -6.360  27.271  7.665   1.00 109.96 ? 5   ILE A O   1 
ATOM   23  C CB  . ILE A 1 5  ? -7.026  28.267  10.592  1.00 117.06 ? 5   ILE A CB  1 
ATOM   24  C CG1 . ILE A 1 5  ? -7.960  29.462  10.404  1.00 124.72 ? 5   ILE A CG1 1 
ATOM   25  C CG2 . ILE A 1 5  ? -6.464  28.193  11.998  1.00 115.90 ? 5   ILE A CG2 1 
ATOM   26  C CD1 . ILE A 1 5  ? -9.197  29.209  9.582   1.00 126.97 ? 5   ILE A CD1 1 
ATOM   27  N N   . GLU A 1 6  ? -6.549  29.438  7.526   1.00 120.39 ? 6   GLU A N   1 
ATOM   28  C CA  . GLU A 1 6  ? -6.979  29.348  6.133   1.00 122.17 ? 6   GLU A CA  1 
ATOM   29  C C   . GLU A 1 6  ? -6.005  28.511  5.300   1.00 117.59 ? 6   GLU A C   1 
ATOM   30  O O   . GLU A 1 6  ? -6.427  27.720  4.450   1.00 112.08 ? 6   GLU A O   1 
ATOM   31  C CB  . GLU A 1 6  ? -7.137  30.750  5.538   1.00 128.29 ? 6   GLU A CB  1 
ATOM   32  N N   . LYS A 1 7  ? -4.698  28.662  5.543   1.00 116.52 ? 7   LYS A N   1 
ATOM   33  C CA  . LYS A 1 7  ? -3.696  27.841  4.869   1.00 112.59 ? 7   LYS A CA  1 
ATOM   34  C C   . LYS A 1 7  ? -3.456  26.500  5.558   1.00 106.15 ? 7   LYS A C   1 
ATOM   35  O O   . LYS A 1 7  ? -3.100  25.527  4.881   1.00 104.24 ? 7   LYS A O   1 
ATOM   36  C CB  . LYS A 1 7  ? -2.367  28.594  4.753   1.00 111.79 ? 7   LYS A CB  1 
ATOM   37  N N   . ILE A 1 8  ? -3.619  26.417  6.880   1.00 101.19 ? 8   ILE A N   1 
ATOM   38  C CA  . ILE A 1 8  ? -3.556  25.127  7.563   1.00 95.06  ? 8   ILE A CA  1 
ATOM   39  C C   . ILE A 1 8  ? -4.700  24.219  7.133   1.00 96.47  ? 8   ILE A C   1 
ATOM   40  O O   . ILE A 1 8  ? -4.461  23.098  6.668   1.00 95.15  ? 8   ILE A O   1 
ATOM   41  C CB  . ILE A 1 8  ? -3.525  25.296  9.093   1.00 96.51  ? 8   ILE A CB  1 
ATOM   42  C CG1 . ILE A 1 8  ? -2.417  26.272  9.497   1.00 99.11  ? 8   ILE A CG1 1 
ATOM   43  C CG2 . ILE A 1 8  ? -3.507  23.949  9.813   1.00 91.63  ? 8   ILE A CG2 1 
ATOM   44  C CD1 . ILE A 1 8  ? -2.789  27.145  10.678  1.00 108.82 ? 8   ILE A CD1 1 
ATOM   45  N N   . LEU A 1 9  ? -5.944  24.684  7.274   1.00 97.64  ? 9   LEU A N   1 
ATOM   46  C CA  . LEU A 1 9  ? -7.079  23.842  6.905   1.00 99.69  ? 9   LEU A CA  1 
ATOM   47  C C   . LEU A 1 9  ? -6.956  23.348  5.470   1.00 94.40  ? 9   LEU A C   1 
ATOM   48  O O   . LEU A 1 9  ? -7.255  22.182  5.184   1.00 90.02  ? 9   LEU A O   1 
ATOM   49  C CB  . LEU A 1 9  ? -8.406  24.588  7.103   1.00 102.87 ? 9   LEU A CB  1 
ATOM   50  N N   . THR A 1 10 ? -6.511  24.215  4.553   1.00 96.59  ? 10  THR A N   1 
ATOM   51  C CA  . THR A 1 10 ? -6.312  23.775  3.174   1.00 94.62  ? 10  THR A CA  1 
ATOM   52  C C   . THR A 1 10 ? -5.244  22.697  3.102   1.00 88.36  ? 10  THR A C   1 
ATOM   53  O O   . THR A 1 10 ? -5.371  21.737  2.332   1.00 84.83  ? 10  THR A O   1 
ATOM   54  C CB  . THR A 1 10 ? -5.917  24.942  2.276   1.00 99.24  ? 10  THR A CB  1 
ATOM   55  O OG1 . THR A 1 10 ? -4.829  25.649  2.876   1.00 114.42 ? 10  THR A OG1 1 
ATOM   56  C CG2 . THR A 1 10 ? -7.093  25.887  2.070   1.00 106.23 ? 10  THR A CG2 1 
ATOM   57  N N   . ASP A 1 11 ? -4.183  22.841  3.904   1.00 87.50  ? 11  ASP A N   1 
ATOM   58  C CA  . ASP A 1 11 ? -3.100  21.865  3.895   1.00 88.27  ? 11  ASP A CA  1 
ATOM   59  C C   . ASP A 1 11 ? -3.554  20.538  4.488   1.00 85.35  ? 11  ASP A C   1 
ATOM   60  O O   . ASP A 1 11 ? -3.274  19.471  3.921   1.00 72.05  ? 11  ASP A O   1 
ATOM   61  C CB  . ASP A 1 11 ? -1.887  22.414  4.653   1.00 80.92  ? 11  ASP A CB  1 
ATOM   62  C CG  . ASP A 1 11 ? -1.084  23.419  3.831   1.00 97.84  ? 11  ASP A CG  1 
ATOM   63  O OD1 . ASP A 1 11 ? -1.448  23.657  2.661   1.00 103.39 ? 11  ASP A OD1 1 
ATOM   64  O OD2 . ASP A 1 11 ? -0.086  23.968  4.353   1.00 100.18 ? 11  ASP A OD2 1 
ATOM   65  N N   . ALA A 1 12 ? -4.274  20.585  5.616   1.00 78.54  ? 12  ALA A N   1 
ATOM   66  C CA  . ALA A 1 12 ? -4.798  19.355  6.203   1.00 76.82  ? 12  ALA A CA  1 
ATOM   67  C C   . ALA A 1 12 ? -5.805  18.685  5.273   1.00 75.72  ? 12  ALA A C   1 
ATOM   68  O O   . ALA A 1 12 ? -5.807  17.455  5.136   1.00 70.10  ? 12  ALA A O   1 
ATOM   69  C CB  . ALA A 1 12 ? -5.429  19.637  7.564   1.00 77.72  ? 12  ALA A CB  1 
ATOM   70  N N   . LYS A 1 13 ? -6.673  19.474  4.629   1.00 78.61  ? 13  LYS A N   1 
ATOM   71  C CA  . LYS A 1 13 ? -7.601  18.900  3.657   1.00 78.89  ? 13  LYS A CA  1 
ATOM   72  C C   . LYS A 1 13 ? -6.852  18.288  2.475   1.00 75.31  ? 13  LYS A C   1 
ATOM   73  O O   . LYS A 1 13 ? -7.267  17.255  1.935   1.00 72.50  ? 13  LYS A O   1 
ATOM   74  C CB  . LYS A 1 13 ? -8.593  19.955  3.172   1.00 84.92  ? 13  LYS A CB  1 
ATOM   75  N N   . THR A 1 14 ? -5.753  18.919  2.055   1.00 74.92  ? 14  THR A N   1 
ATOM   76  C CA  . THR A 1 14 ? -4.982  18.403  0.929   1.00 78.65  ? 14  THR A CA  1 
ATOM   77  C C   . THR A 1 14 ? -4.211  17.151  1.334   1.00 66.96  ? 14  THR A C   1 
ATOM   78  O O   . THR A 1 14 ? -4.213  16.147  0.613   1.00 64.04  ? 14  THR A O   1 
ATOM   79  C CB  . THR A 1 14 ? -4.031  19.487  0.414   1.00 77.31  ? 14  THR A CB  1 
ATOM   80  O OG1 . THR A 1 14 ? -4.784  20.516  -0.240  1.00 80.24  ? 14  THR A OG1 1 
ATOM   81  C CG2 . THR A 1 14 ? -3.012  18.898  -0.561  1.00 71.26  ? 14  THR A CG2 1 
ATOM   82  N N   . LEU A 1 15 ? -3.535  17.216  2.485   1.00 66.44  ? 15  LEU A N   1 
ATOM   83  C CA  . LEU A 1 15 ? -2.916  16.056  3.121   1.00 60.16  ? 15  LEU A CA  1 
ATOM   84  C C   . LEU A 1 15 ? -3.869  14.870  3.172   1.00 69.47  ? 15  LEU A C   1 
ATOM   85  O O   . LEU A 1 15 ? -3.516  13.750  2.777   1.00 57.86  ? 15  LEU A O   1 
ATOM   86  C CB  . LEU A 1 15 ? -2.484  16.440  4.537   1.00 67.12  ? 15  LEU A CB  1 
ATOM   87  C CG  . LEU A 1 15 ? -1.801  15.464  5.503   1.00 65.04  ? 15  LEU A CG  1 
ATOM   88  C CD1 . LEU A 1 15 ? -0.902  14.498  4.791   1.00 61.13  ? 15  LEU A CD1 1 
ATOM   89  C CD2 . LEU A 1 15 ? -1.034  16.222  6.588   1.00 59.29  ? 15  LEU A CD2 1 
ATOM   90  N N   . LEU A 1 16 ? -5.089  15.025  3.620   1.00 61.06  ? 16  LEU A N   1 
ATOM   91  C CA  . LEU A 1 16 ? -5.964  13.841  3.710   1.00 59.97  ? 16  LEU A CA  1 
ATOM   92  C C   . LEU A 1 16 ? -6.389  13.420  2.322   1.00 68.76  ? 16  LEU A C   1 
ATOM   93  O O   . LEU A 1 16 ? -6.544  12.278  2.115   1.00 58.49  ? 16  LEU A O   1 
ATOM   94  C CB  . LEU A 1 16 ? -7.195  14.152  4.545   1.00 77.12  ? 16  LEU A CB  1 
ATOM   95  C CG  . LEU A 1 16 ? -8.184  13.014  4.738   1.00 77.61  ? 16  LEU A CG  1 
ATOM   96  C CD1 . LEU A 1 16 ? -7.773  12.152  5.906   1.00 59.60  ? 16  LEU A CD1 1 
ATOM   97  C CD2 . LEU A 1 16 ? -9.554  13.570  4.987   1.00 81.94  ? 16  LEU A CD2 1 
ATOM   98  N N   . GLU A 1 17 ? -6.594  14.309  1.434   1.00 64.27  ? 17  GLU A N   1 
ATOM   99  C CA  . GLU A 1 17 ? -7.006  13.783  0.137   1.00 66.36  ? 17  GLU A CA  1 
ATOM   100 C C   . GLU A 1 17 ? -5.867  13.029  -0.553  1.00 67.45  ? 17  GLU A C   1 
ATOM   101 O O   . GLU A 1 17 ? -6.103  12.016  -1.214  1.00 58.24  ? 17  GLU A O   1 
ATOM   102 C CB  . GLU A 1 17 ? -7.554  14.901  -0.767  1.00 74.18  ? 17  GLU A CB  1 
ATOM   103 C CG  . GLU A 1 17 ? -7.432  14.661  -2.298  1.00 100.15 ? 17  GLU A CG  1 
ATOM   104 C CD  . GLU A 1 17 ? -8.291  13.480  -2.809  1.00 118.76 ? 17  GLU A CD  1 
ATOM   105 O OE1 . GLU A 1 17 ? -8.529  13.418  -4.027  1.00 123.12 ? 17  GLU A OE1 1 
ATOM   106 O OE2 . GLU A 1 17 ? -8.721  12.647  -1.994  1.00 120.88 ? 17  GLU A OE2 1 
ATOM   107 N N   . ARG A 1 18 ? -4.629  13.501  -0.434  1.00 57.26  ? 18  ARG A N   1 
ATOM   108 C CA  . ARG A 1 18 ? -3.537  12.765  -1.058  1.00 59.85  ? 18  ARG A CA  1 
ATOM   109 C C   . ARG A 1 18 ? -3.351  11.416  -0.394  1.00 58.17  ? 18  ARG A C   1 
ATOM   110 O O   . ARG A 1 18 ? -3.038  10.433  -1.069  1.00 58.09  ? 18  ARG A O   1 
ATOM   111 C CB  . ARG A 1 18 ? -2.233  13.562  -1.011  1.00 56.78  ? 18  ARG A CB  1 
ATOM   112 C CG  . ARG A 1 18 ? -2.206  14.683  -2.003  1.00 64.07  ? 18  ARG A CG  1 
ATOM   113 C CD  . ARG A 1 18 ? -1.006  15.551  -1.787  1.00 74.32  ? 18  ARG A CD  1 
ATOM   114 N NE  . ARG A 1 18 ? -1.034  16.723  -2.653  1.00 85.21  ? 18  ARG A NE  1 
ATOM   115 C CZ  . ARG A 1 18 ? -0.052  17.611  -2.721  1.00 86.82  ? 18  ARG A CZ  1 
ATOM   116 N NH1 . ARG A 1 18 ? 1.026   17.452  -1.964  1.00 81.68  ? 18  ARG A NH1 1 
ATOM   117 N NH2 . ARG A 1 18 ? -0.144  18.654  -3.537  1.00 91.97  ? 18  ARG A NH2 1 
ATOM   118 N N   . LEU A 1 19 ? -3.549  11.344  0.926   1.00 54.03  ? 19  LEU A N   1 
ATOM   119 C CA  . LEU A 1 19 ? -3.454  10.055  1.598   1.00 56.67  ? 19  LEU A CA  1 
ATOM   120 C C   . LEU A 1 19 ? -4.509  9.096   1.069   1.00 55.98  ? 19  LEU A C   1 
ATOM   121 O O   . LEU A 1 19 ? -4.246  7.903   0.901   1.00 44.07  ? 19  LEU A O   1 
ATOM   122 C CB  . LEU A 1 19 ? -3.592  10.223  3.112   1.00 46.13  ? 19  LEU A CB  1 
ATOM   123 C CG  . LEU A 1 19 ? -2.343  10.677  3.875   1.00 48.68  ? 19  LEU A CG  1 
ATOM   124 C CD1 . LEU A 1 19 ? -2.709  11.131  5.295   1.00 59.37  ? 19  LEU A CD1 1 
ATOM   125 C CD2 . LEU A 1 19 ? -1.292  9.589   3.928   1.00 50.96  ? 19  LEU A CD2 1 
ATOM   126 N N   . ARG A 1 20 ? -5.699  9.603   0.768   1.00 51.48  ? 20  ARG A N   1 
ATOM   127 C CA  . ARG A 1 20 ? -6.748  8.727   0.261   1.00 56.42  ? 20  ARG A CA  1 
ATOM   128 C C   . ARG A 1 20 ? -6.389  8.169   -1.110  1.00 66.19  ? 20  ARG A C   1 
ATOM   129 O O   . ARG A 1 20 ? -6.492  6.957   -1.340  1.00 59.73  ? 20  ARG A O   1 
ATOM   130 C CB  . ARG A 1 20 ? -8.073  9.473   0.225   1.00 52.82  ? 20  ARG A CB  1 
ATOM   131 C CG  . ARG A 1 20 ? -8.677  9.603   1.618   1.00 62.49  ? 20  ARG A CG  1 
ATOM   132 C CD  . ARG A 1 20 ? -10.012 10.314  1.620   1.00 64.76  ? 20  ARG A CD  1 
ATOM   133 N NE  . ARG A 1 20 ? -10.667 10.195  2.923   1.00 81.58  ? 20  ARG A NE  1 
ATOM   134 C CZ  . ARG A 1 20 ? -11.638 10.999  3.357   1.00 90.23  ? 20  ARG A CZ  1 
ATOM   135 N NH1 . ARG A 1 20 ? -12.172 10.812  4.559   1.00 88.11  ? 20  ARG A NH1 1 
ATOM   136 N NH2 . ARG A 1 20 ? -12.066 12.001  2.598   1.00 87.34  ? 20  ARG A NH2 1 
ATOM   137 N N   . GLU A 1 21 ? -5.950  9.029   -2.038  1.00 60.42  ? 21  GLU A N   1 
ATOM   138 C CA  . GLU A 1 21 ? -5.659  8.515   -3.370  1.00 63.68  ? 21  GLU A CA  1 
ATOM   139 C C   . GLU A 1 21 ? -4.400  7.660   -3.364  1.00 55.37  ? 21  GLU A C   1 
ATOM   140 O O   . GLU A 1 21 ? -4.240  6.785   -4.220  1.00 47.32  ? 21  GLU A O   1 
ATOM   141 C CB  . GLU A 1 21 ? -5.541  9.654   -4.384  1.00 69.90  ? 21  GLU A CB  1 
ATOM   142 C CG  . GLU A 1 21 ? -4.448  10.643  -4.118  1.00 86.31  ? 21  GLU A CG  1 
ATOM   143 C CD  . GLU A 1 21 ? -4.478  11.796  -5.103  1.00 100.81 ? 21  GLU A CD  1 
ATOM   144 O OE1 . GLU A 1 21 ? -3.728  11.740  -6.102  1.00 104.33 ? 21  GLU A OE1 1 
ATOM   145 O OE2 . GLU A 1 21 ? -5.257  12.750  -4.891  1.00 104.08 ? 21  GLU A OE2 1 
ATOM   146 N N   . HIS A 1 22 ? -3.506  7.875   -2.403  1.00 47.60  ? 22  HIS A N   1 
ATOM   147 C CA  . HIS A 1 22 ? -2.316  7.044   -2.383  1.00 42.80  ? 22  HIS A CA  1 
ATOM   148 C C   . HIS A 1 22 ? -2.559  5.752   -1.620  1.00 47.12  ? 22  HIS A C   1 
ATOM   149 O O   . HIS A 1 22 ? -1.894  4.743   -1.890  1.00 43.45  ? 22  HIS A O   1 
ATOM   150 C CB  . HIS A 1 22 ? -1.136  7.836   -1.823  1.00 46.63  ? 22  HIS A CB  1 
ATOM   151 C CG  . HIS A 1 22 ? -0.827  9.064   -2.624  1.00 69.80  ? 22  HIS A CG  1 
ATOM   152 N ND1 . HIS A 1 22 ? -0.346  10.229  -2.063  1.00 67.56  ? 22  HIS A ND1 1 
ATOM   153 C CD2 . HIS A 1 22 ? -0.957  9.313   -3.951  1.00 77.18  ? 22  HIS A CD2 1 
ATOM   154 C CE1 . HIS A 1 22 ? -0.195  11.143  -3.006  1.00 71.60  ? 22  HIS A CE1 1 
ATOM   155 N NE2 . HIS A 1 22 ? -0.560  10.614  -4.161  1.00 81.01  ? 22  HIS A NE2 1 
ATOM   156 N N   . ASP A 1 23 ? -3.509  5.756   -0.685  1.00 46.15  ? 23  ASP A N   1 
ATOM   157 C CA  . ASP A 1 23 ? -3.949  4.505   -0.088  1.00 42.04  ? 23  ASP A CA  1 
ATOM   158 C C   . ASP A 1 23 ? -4.631  3.623   -1.125  1.00 50.47  ? 23  ASP A C   1 
ATOM   159 O O   . ASP A 1 23 ? -4.453  2.400   -1.119  1.00 44.13  ? 23  ASP A O   1 
ATOM   160 C CB  . ASP A 1 23 ? -4.841  4.789   1.124   1.00 41.43  ? 23  ASP A CB  1 
ATOM   161 C CG  . ASP A 1 23 ? -5.540  3.538   1.662   1.00 51.04  ? 23  ASP A CG  1 
ATOM   162 O OD1 . ASP A 1 23 ? -4.844  2.705   2.287   1.00 49.65  ? 23  ASP A OD1 1 
ATOM   163 O OD2 . ASP A 1 23 ? -6.749  3.344   1.381   1.00 51.35  ? 23  ASP A OD2 1 
ATOM   164 N N   . ALA A 1 24 ? -5.367  4.224   -2.059  1.00 48.65  ? 24  ALA A N   1 
ATOM   165 C CA  . ALA A 1 24 ? -5.862  3.446   -3.190  1.00 44.36  ? 24  ALA A CA  1 
ATOM   166 C C   . ALA A 1 24 ? -4.714  2.936   -4.050  1.00 51.02  ? 24  ALA A C   1 
ATOM   167 O O   . ALA A 1 24 ? -4.724  1.782   -4.492  1.00 58.45  ? 24  ALA A O   1 
ATOM   168 C CB  . ALA A 1 24 ? -6.826  4.280   -4.029  1.00 44.42  ? 24  ALA A CB  1 
ATOM   169 N N   . ALA A 1 25 ? -3.714  3.780   -4.309  1.00 51.22  ? 25  ALA A N   1 
ATOM   170 C CA  . ALA A 1 25 ? -2.576  3.327   -5.103  1.00 46.41  ? 25  ALA A CA  1 
ATOM   171 C C   . ALA A 1 25 ? -1.906  2.122   -4.458  1.00 39.86  ? 25  ALA A C   1 
ATOM   172 O O   . ALA A 1 25 ? -1.484  1.188   -5.149  1.00 41.28  ? 25  ALA A O   1 
ATOM   173 C CB  . ALA A 1 25 ? -1.572  4.465   -5.282  1.00 37.75  ? 25  ALA A CB  1 
ATOM   174 N N   . ALA A 1 26 ? -1.790  2.127   -3.131  1.00 37.39  ? 26  ALA A N   1 
ATOM   175 C CA  . ALA A 1 26 ? -1.192  0.984   -2.461  1.00 38.52  ? 26  ALA A CA  1 
ATOM   176 C C   . ALA A 1 26 ? -2.067  -0.246  -2.616  1.00 37.99  ? 26  ALA A C   1 
ATOM   177 O O   . ALA A 1 26 ? -1.557  -1.368  -2.702  1.00 34.76  ? 26  ALA A O   1 
ATOM   178 C CB  . ALA A 1 26 ? -0.967  1.298   -0.979  1.00 35.60  ? 26  ALA A CB  1 
ATOM   179 N N   . GLU A 1 27 ? -3.384  -0.052  -2.636  1.00 34.54  ? 27  GLU A N   1 
ATOM   180 C CA  . GLU A 1 27 ? -4.280  -1.176  -2.842  1.00 38.04  ? 27  GLU A CA  1 
ATOM   181 C C   . GLU A 1 27 ? -4.051  -1.811  -4.201  1.00 39.62  ? 27  GLU A C   1 
ATOM   182 O O   . GLU A 1 27 ? -4.019  -3.044  -4.319  1.00 35.62  ? 27  GLU A O   1 
ATOM   183 C CB  . GLU A 1 27 ? -5.731  -0.737  -2.692  1.00 37.50  ? 27  GLU A CB  1 
ATOM   184 C CG  . GLU A 1 27 ? -6.693  -1.902  -2.803  1.00 58.34  ? 27  GLU A CG  1 
ATOM   185 C CD  . GLU A 1 27 ? -7.940  -1.729  -1.965  1.00 66.90  ? 27  GLU A CD  1 
ATOM   186 O OE1 . GLU A 1 27 ? -8.009  -2.304  -0.850  1.00 64.71  ? 27  GLU A OE1 1 
ATOM   187 O OE2 . GLU A 1 27 ? -8.854  -1.028  -2.443  1.00 73.88  ? 27  GLU A OE2 1 
ATOM   188 N N   A SER A 1 28 ? -3.887  -1.003  -5.251  0.37 36.68  ? 28  SER A N   1 
ATOM   189 N N   B SER A 1 28 ? -3.892  -1.005  -5.253  0.38 36.72  ? 28  SER A N   1 
ATOM   190 N N   C SER A 1 28 ? -3.882  -1.000  -5.248  0.25 36.45  ? 28  SER A N   1 
ATOM   191 C CA  A SER A 1 28 ? -3.604  -1.563  -6.565  0.37 34.56  ? 28  SER A CA  1 
ATOM   192 C CA  B SER A 1 28 ? -3.608  -1.574  -6.563  0.38 34.52  ? 28  SER A CA  1 
ATOM   193 C CA  C SER A 1 28 ? -3.604  -1.557  -6.564  0.25 34.83  ? 28  SER A CA  1 
ATOM   194 C C   A SER A 1 28 ? -2.236  -2.232  -6.600  0.37 31.98  ? 28  SER A C   1 
ATOM   195 C C   B SER A 1 28 ? -2.239  -2.239  -6.595  0.38 31.92  ? 28  SER A C   1 
ATOM   196 C C   C SER A 1 28 ? -2.238  -2.228  -6.602  0.25 32.31  ? 28  SER A C   1 
ATOM   197 O O   A SER A 1 28 ? -2.042  -3.203  -7.338  0.37 34.95  ? 28  SER A O   1 
ATOM   198 O O   B SER A 1 28 ? -2.044  -3.215  -7.326  0.38 34.91  ? 28  SER A O   1 
ATOM   199 O O   C SER A 1 28 ? -2.045  -3.195  -7.346  0.25 34.41  ? 28  SER A O   1 
ATOM   200 C CB  A SER A 1 28 ? -3.699  -0.478  -7.637  0.37 36.98  ? 28  SER A CB  1 
ATOM   201 C CB  B SER A 1 28 ? -3.711  -0.500  -7.646  0.38 36.93  ? 28  SER A CB  1 
ATOM   202 C CB  C SER A 1 28 ? -3.694  -0.468  -7.634  0.25 36.49  ? 28  SER A CB  1 
ATOM   203 O OG  A SER A 1 28 ? -5.044  -0.096  -7.857  0.37 37.38  ? 28  SER A OG  1 
ATOM   204 O OG  B SER A 1 28 ? -3.326  -1.012  -8.913  0.38 32.68  ? 28  SER A OG  1 
ATOM   205 O OG  C SER A 1 28 ? -2.729  0.546   -7.417  0.25 32.05  ? 28  SER A OG  1 
ATOM   206 N N   . LEU A 1 29 ? -1.278  -1.729  -5.814  1.00 27.65  ? 29  LEU A N   1 
ATOM   207 C CA  . LEU A 1 29 ? 0.007   -2.405  -5.707  1.00 27.98  ? 29  LEU A CA  1 
ATOM   208 C C   . LEU A 1 29 ? -0.144  -3.785  -5.098  1.00 25.11  ? 29  LEU A C   1 
ATOM   209 O O   . LEU A 1 29 ? 0.529   -4.733  -5.527  1.00 25.11  ? 29  LEU A O   1 
ATOM   210 C CB  . LEU A 1 29 ? 1.002   -1.594  -4.878  1.00 30.38  ? 29  LEU A CB  1 
ATOM   211 C CG  . LEU A 1 29 ? 1.491   -0.250  -5.401  1.00 32.94  ? 29  LEU A CG  1 
ATOM   212 C CD1 . LEU A 1 29 ? 2.303   0.430   -4.295  1.00 35.69  ? 29  LEU A CD1 1 
ATOM   213 C CD2 . LEU A 1 29 ? 2.380   -0.491  -6.599  1.00 25.12  ? 29  LEU A CD2 1 
ATOM   214 N N   . VAL A 1 30 ? -1.025  -3.918  -4.097  1.00 24.70  ? 30  VAL A N   1 
ATOM   215 C CA  . VAL A 1 30 ? -1.214  -5.220  -3.476  1.00 25.11  ? 30  VAL A CA  1 
ATOM   216 C C   . VAL A 1 30 ? -1.629  -6.219  -4.539  1.00 27.74  ? 30  VAL A C   1 
ATOM   217 O O   . VAL A 1 30 ? -1.023  -7.290  -4.681  1.00 31.54  ? 30  VAL A O   1 
ATOM   218 C CB  . VAL A 1 30 ? -2.234  -5.146  -2.327  1.00 35.30  ? 30  VAL A CB  1 
ATOM   219 C CG1 . VAL A 1 30 ? -2.650  -6.555  -1.929  1.00 36.88  ? 30  VAL A CG1 1 
ATOM   220 C CG2 . VAL A 1 30 ? -1.623  -4.430  -1.127  1.00 28.28  ? 30  VAL A CG2 1 
ATOM   221 N N   . ASP A 1 31 ? -2.581  -5.820  -5.391  1.00 26.98  ? 31  ASP A N   1 
ATOM   222 C CA  . ASP A 1 31 ? -3.072  -6.740  -6.411  1.00 27.86  ? 31  ASP A CA  1 
ATOM   223 C C   . ASP A 1 31 ? -2.022  -6.979  -7.483  1.00 24.82  ? 31  ASP A C   1 
ATOM   224 O O   . ASP A 1 31 ? -1.898  -8.105  -7.984  1.00 28.38  ? 31  ASP A O   1 
ATOM   225 C CB  . ASP A 1 31 ? -4.362  -6.211  -7.018  1.00 32.71  ? 31  ASP A CB  1 
ATOM   226 C CG  . ASP A 1 31 ? -5.573  -6.533  -6.146  1.00 58.03  ? 31  ASP A CG  1 
ATOM   227 O OD1 . ASP A 1 31 ? -5.668  -7.669  -5.595  1.00 55.03  ? 31  ASP A OD1 1 
ATOM   228 O OD2 . ASP A 1 31 ? -6.429  -5.630  -5.999  1.00 63.60  ? 31  ASP A OD2 1 
ATOM   229 N N   . GLN A 1 32 ? -1.232  -5.946  -7.816  1.00 23.73  ? 32  GLN A N   1 
ATOM   230 C CA  . GLN A 1 32 ? -0.103  -6.129  -8.728  1.00 25.76  ? 32  GLN A CA  1 
ATOM   231 C C   . GLN A 1 32 ? 0.820   -7.229  -8.213  1.00 26.54  ? 32  GLN A C   1 
ATOM   232 O O   . GLN A 1 32 ? 1.173   -8.172  -8.937  1.00 28.84  ? 32  GLN A O   1 
ATOM   233 C CB  . GLN A 1 32 ? 0.715   -4.839  -8.860  1.00 39.61  ? 32  GLN A CB  1 
ATOM   234 C CG  . GLN A 1 32 ? 0.642   -4.132  -10.195 1.00 39.11  ? 32  GLN A CG  1 
ATOM   235 C CD  . GLN A 1 32 ? 1.700   -3.033  -10.350 1.00 40.35  ? 32  GLN A CD  1 
ATOM   236 O OE1 . GLN A 1 32 ? 1.709   -2.050  -9.605  1.00 34.99  ? 32  GLN A OE1 1 
ATOM   237 N NE2 . GLN A 1 32 ? 2.535   -3.152  -11.391 1.00 26.87  ? 32  GLN A NE2 1 
ATOM   238 N N   . SER A 1 33 ? 1.223   -7.126  -6.948  1.00 24.67  ? 33  SER A N   1 
ATOM   239 C CA  . SER A 1 33 ? 2.206   -8.089  -6.455  1.00 31.13  ? 33  SER A CA  1 
ATOM   240 C C   . SER A 1 33 ? 1.589   -9.462  -6.271  1.00 19.76  ? 33  SER A C   1 
ATOM   241 O O   . SER A 1 33 ? 2.285   -10.461 -6.430  1.00 25.47  ? 33  SER A O   1 
ATOM   242 C CB  . SER A 1 33 ? 2.806   -7.616  -5.140  1.00 20.59  ? 33  SER A CB  1 
ATOM   243 O OG  . SER A 1 33 ? 1.814   -7.737  -4.160  1.00 36.82  ? 33  SER A OG  1 
ATOM   244 N N   . ALA A 1 34 ? 0.290   -9.527  -5.953  1.00 21.10  ? 34  ALA A N   1 
ATOM   245 C CA  . ALA A 1 34 ? -0.403  -10.809 -5.880  1.00 24.69  ? 34  ALA A CA  1 
ATOM   246 C C   . ALA A 1 34 ? -0.426  -11.500 -7.236  1.00 30.91  ? 34  ALA A C   1 
ATOM   247 O O   . ALA A 1 34 ? -0.210  -12.716 -7.316  1.00 26.27  ? 34  ALA A O   1 
ATOM   248 C CB  . ALA A 1 34 ? -1.830  -10.622 -5.361  1.00 23.50  ? 34  ALA A CB  1 
ATOM   249 N N   . ALA A 1 35 ? -0.673  -10.740 -8.313  1.00 29.46  ? 35  ALA A N   1 
ATOM   250 C CA  . ALA A 1 35 ? -0.646  -11.322 -9.660  1.00 34.66  ? 35  ALA A CA  1 
ATOM   251 C C   . ALA A 1 35 ? 0.747   -11.826 -9.995  1.00 32.95  ? 35  ALA A C   1 
ATOM   252 O O   . ALA A 1 35 ? 0.911   -12.886 -10.611 1.00 28.97  ? 35  ALA A O   1 
ATOM   253 C CB  . ALA A 1 35 ? -1.092  -10.294 -10.705 1.00 25.66  ? 35  ALA A CB  1 
ATOM   254 N N   . LEU A 1 36 ? 1.762   -11.076 -9.587  1.00 25.55  ? 36  LEU A N   1 
ATOM   255 C CA  . LEU A 1 36 ? 3.131   -11.529 -9.777  1.00 30.45  ? 36  LEU A CA  1 
ATOM   256 C C   . LEU A 1 36 ? 3.401   -12.785 -8.964  1.00 26.71  ? 36  LEU A C   1 
ATOM   257 O O   . LEU A 1 36 ? 4.015   -13.735 -9.463  1.00 29.05  ? 36  LEU A O   1 
ATOM   258 C CB  . LEU A 1 36 ? 4.097   -10.414 -9.383  1.00 22.52  ? 36  LEU A CB  1 
ATOM   259 C CG  . LEU A 1 36 ? 5.588   -10.666 -9.568  1.00 38.22  ? 36  LEU A CG  1 
ATOM   260 C CD1 . LEU A 1 36 ? 5.895   -11.054 -11.043 1.00 29.96  ? 36  LEU A CD1 1 
ATOM   261 C CD2 . LEU A 1 36 ? 6.351   -9.425  -9.110  1.00 38.02  ? 36  LEU A CD2 1 
ATOM   262 N N   . HIS A 1 37 ? 2.939   -12.811 -7.710  1.00 27.64  ? 37  HIS A N   1 
ATOM   263 C CA  . HIS A 1 37 ? 3.082   -14.013 -6.905  1.00 25.38  ? 37  HIS A CA  1 
ATOM   264 C C   . HIS A 1 37 ? 2.477   -15.210 -7.630  1.00 36.84  ? 37  HIS A C   1 
ATOM   265 O O   . HIS A 1 37 ? 3.113   -16.260 -7.763  1.00 31.76  ? 37  HIS A O   1 
ATOM   266 C CB  . HIS A 1 37 ? 2.409   -13.847 -5.544  1.00 23.60  ? 37  HIS A CB  1 
ATOM   267 C CG  . HIS A 1 37 ? 2.338   -15.127 -4.778  1.00 26.78  ? 37  HIS A CG  1 
ATOM   268 N ND1 . HIS A 1 37 ? 1.163   -15.818 -4.591  1.00 33.60  ? 37  HIS A ND1 1 
ATOM   269 C CD2 . HIS A 1 37 ? 3.309   -15.874 -4.203  1.00 30.35  ? 37  HIS A CD2 1 
ATOM   270 C CE1 . HIS A 1 37 ? 1.410   -16.933 -3.924  1.00 35.65  ? 37  HIS A CE1 1 
ATOM   271 N NE2 . HIS A 1 37 ? 2.705   -16.990 -3.675  1.00 37.59  ? 37  HIS A NE2 1 
ATOM   272 N N   . ARG A 1 38 ? 1.234   -15.060 -8.105  1.00 28.82  ? 38  ARG A N   1 
ATOM   273 C CA  . ARG A 1 38 ? 0.582   -16.154 -8.816  1.00 39.69  ? 38  ARG A CA  1 
ATOM   274 C C   . ARG A 1 38 ? 1.419   -16.605 -10.003 1.00 34.39  ? 38  ARG A C   1 
ATOM   275 O O   . ARG A 1 38 ? 1.548   -17.806 -10.266 1.00 37.30  ? 38  ARG A O   1 
ATOM   276 C CB  . ARG A 1 38 ? -0.815  -15.736 -9.283  1.00 36.29  ? 38  ARG A CB  1 
ATOM   277 C CG  . ARG A 1 38 ? -1.624  -16.894 -9.831  1.00 43.21  ? 38  ARG A CG  1 
ATOM   278 C CD  . ARG A 1 38 ? -2.736  -16.408 -10.729 1.00 50.33  ? 38  ARG A CD  1 
ATOM   279 N NE  . ARG A 1 38 ? -3.857  -15.893 -9.951  1.00 69.93  ? 38  ARG A NE  1 
ATOM   280 C CZ  . ARG A 1 38 ? -4.677  -16.644 -9.216  1.00 85.01  ? 38  ARG A CZ  1 
ATOM   281 N NH1 . ARG A 1 38 ? -4.520  -17.964 -9.163  1.00 87.55  ? 38  ARG A NH1 1 
ATOM   282 N NH2 . ARG A 1 38 ? -5.665  -16.071 -8.540  1.00 84.92  ? 38  ARG A NH2 1 
ATOM   283 N N   . ARG A 1 39 ? 2.004   -15.656 -10.730 1.00 29.24  ? 39  ARG A N   1 
ATOM   284 C CA  . ARG A 1 39 ? 2.742   -16.057 -11.916 1.00 29.61  ? 39  ARG A CA  1 
ATOM   285 C C   . ARG A 1 39 ? 4.020   -16.801 -11.534 1.00 32.83  ? 39  ARG A C   1 
ATOM   286 O O   . ARG A 1 39 ? 4.349   -17.817 -12.149 1.00 37.80  ? 39  ARG A O   1 
ATOM   287 C CB  . ARG A 1 39 ? 3.026   -14.844 -12.798 1.00 29.58  ? 39  ARG A CB  1 
ATOM   288 C CG  . ARG A 1 39 ? 4.218   -15.016 -13.737 1.00 41.01  ? 39  ARG A CG  1 
ATOM   289 C CD  . ARG A 1 39 ? 3.817   -15.909 -14.913 1.00 48.84  ? 39  ARG A CD  1 
ATOM   290 N NE  . ARG A 1 39 ? 2.708   -15.404 -15.719 1.00 52.83  ? 39  ARG A NE  1 
ATOM   291 C CZ  . ARG A 1 39 ? 2.786   -14.413 -16.603 1.00 64.79  ? 39  ARG A CZ  1 
ATOM   292 N NH1 . ARG A 1 39 ? 3.946   -13.821 -16.862 1.00 64.57  ? 39  ARG A NH1 1 
ATOM   293 N NH2 . ARG A 1 39 ? 1.699   -14.049 -17.269 1.00 69.42  ? 39  ARG A NH2 1 
ATOM   294 N N   . VAL A 1 40 ? 4.725   -16.346 -10.494 1.00 35.36  ? 40  VAL A N   1 
ATOM   295 C CA  . VAL A 1 40 ? 5.953   -17.027 -10.085 1.00 34.55  ? 40  VAL A CA  1 
ATOM   296 C C   . VAL A 1 40 ? 5.639   -18.418 -9.537  1.00 42.94  ? 40  VAL A C   1 
ATOM   297 O O   . VAL A 1 40 ? 6.349   -19.387 -9.825  1.00 38.47  ? 40  VAL A O   1 
ATOM   298 C CB  . VAL A 1 40 ? 6.733   -16.166 -9.072  1.00 37.36  ? 40  VAL A CB  1 
ATOM   299 C CG1 . VAL A 1 40 ? 7.910   -16.958 -8.445  1.00 32.50  ? 40  VAL A CG1 1 
ATOM   300 C CG2 . VAL A 1 40 ? 7.253   -14.911 -9.752  1.00 28.96  ? 40  VAL A CG2 1 
ATOM   301 N N   . ALA A 1 41 ? 4.549   -18.550 -8.777  1.00 38.63  ? 41  ALA A N   1 
ATOM   302 C CA  . ALA A 1 41 ? 4.189   -19.854 -8.232  1.00 36.68  ? 41  ALA A CA  1 
ATOM   303 C C   . ALA A 1 41 ? 3.778   -20.818 -9.338  1.00 39.38  ? 41  ALA A C   1 
ATOM   304 O O   . ALA A 1 41 ? 4.082   -22.017 -9.274  1.00 48.29  ? 41  ALA A O   1 
ATOM   305 C CB  . ALA A 1 41 ? 3.064   -19.701 -7.207  1.00 34.97  ? 41  ALA A CB  1 
ATOM   306 N N   . ALA A 1 42 ? 3.086   -20.315 -10.358 1.00 36.48  ? 42  ALA A N   1 
ATOM   307 C CA  . ALA A 1 42 ? 2.690   -21.168 -11.472 1.00 46.41  ? 42  ALA A CA  1 
ATOM   308 C C   . ALA A 1 42 ? 3.893   -21.595 -12.313 1.00 51.66  ? 42  ALA A C   1 
ATOM   309 O O   . ALA A 1 42 ? 3.907   -22.716 -12.837 1.00 57.62  ? 42  ALA A O   1 
ATOM   310 C CB  . ALA A 1 42 ? 1.642   -20.463 -12.335 1.00 33.82  ? 42  ALA A CB  1 
ATOM   311 N N   . MET A 1 43 ? 4.906   -20.732 -12.456 1.00 50.42  ? 43  MET A N   1 
ATOM   312 C CA  . MET A 1 43 ? 6.141   -21.170 -13.103 1.00 53.94  ? 43  MET A CA  1 
ATOM   313 C C   . MET A 1 43 ? 6.798   -22.282 -12.294 1.00 56.08  ? 43  MET A C   1 
ATOM   314 O O   . MET A 1 43 ? 7.293   -23.262 -12.859 1.00 59.22  ? 43  MET A O   1 
ATOM   315 C CB  . MET A 1 43 ? 7.112   -19.997 -13.287 1.00 49.50  ? 43  MET A CB  1 
ATOM   316 C CG  . MET A 1 43 ? 6.828   -19.077 -14.496 1.00 58.93  ? 43  MET A CG  1 
ATOM   317 S SD  . MET A 1 43 ? 7.561   -17.398 -14.378 1.00 57.45  ? 43  MET A SD  1 
ATOM   318 C CE  . MET A 1 43 ? 9.307   -17.760 -14.544 1.00 73.60  ? 43  MET A CE  1 
ATOM   319 N N   A ARG A 1 44 ? 6.771   -22.200 -10.994 0.51 60.35  ? 44  ARG A N   1 
ATOM   320 N N   B ARG A 1 44 ? 6.768   -22.199 -10.992 0.49 60.27  ? 44  ARG A N   1 
ATOM   321 C CA  A ARG A 1 44 ? 7.422   -23.258 -10.197 0.51 60.89  ? 44  ARG A CA  1 
ATOM   322 C CA  B ARG A 1 44 ? 7.418   -23.245 -10.173 0.49 60.97  ? 44  ARG A CA  1 
ATOM   323 C C   A ARG A 1 44 ? 6.623   -24.551 -10.298 0.51 66.09  ? 44  ARG A C   1 
ATOM   324 C C   B ARG A 1 44 ? 6.628   -24.547 -10.269 0.49 66.04  ? 44  ARG A C   1 
ATOM   325 O O   A ARG A 1 44 ? 7.139   -25.492 -10.857 0.51 68.45  ? 44  ARG A O   1 
ATOM   326 O O   B ARG A 1 44 ? 7.155   -25.479 -10.839 0.49 68.43  ? 44  ARG A O   1 
ATOM   327 C CB  A ARG A 1 44 ? 7.517   -22.843 -8.736  0.51 57.79  ? 44  ARG A CB  1 
ATOM   328 C CB  B ARG A 1 44 ? 7.516   -22.773 -8.727  0.49 57.94  ? 44  ARG A CB  1 
ATOM   329 C CG  A ARG A 1 44 ? 7.934   -23.991 -7.844  0.51 60.50  ? 44  ARG A CG  1 
ATOM   330 C CG  B ARG A 1 44 ? 7.598   -23.906 -7.728  0.49 61.00  ? 44  ARG A CG  1 
ATOM   331 C CD  A ARG A 1 44 ? 8.006   -23.508 -6.430  0.51 58.70  ? 44  ARG A CD  1 
ATOM   332 C CD  B ARG A 1 44 ? 8.140   -23.335 -6.449  0.49 59.93  ? 44  ARG A CD  1 
ATOM   333 N NE  A ARG A 1 44 ? 6.654   -23.395 -5.945  0.51 51.40  ? 44  ARG A NE  1 
ATOM   334 N NE  B ARG A 1 44 ? 7.132   -23.300 -5.413  0.49 59.65  ? 44  ARG A NE  1 
ATOM   335 C CZ  A ARG A 1 44 ? 6.282   -22.488 -5.079  0.51 48.90  ? 44  ARG A CZ  1 
ATOM   336 C CZ  B ARG A 1 44 ? 5.921   -22.811 -5.563  0.49 43.94  ? 44  ARG A CZ  1 
ATOM   337 N NH1 A ARG A 1 44 ? 6.805   -22.475 -3.868  0.51 47.04  ? 44  ARG A NH1 1 
ATOM   338 N NH1 B ARG A 1 44 ? 5.691   -21.567 -5.214  0.49 44.49  ? 44  ARG A NH1 1 
ATOM   339 N NH2 A ARG A 1 44 ? 5.433   -21.563 -5.452  0.51 49.80  ? 44  ARG A NH2 1 
ATOM   340 N NH2 B ARG A 1 44 ? 4.951   -23.552 -6.057  0.49 41.48  ? 44  ARG A NH2 1 
ATOM   341 N N   . GLU A 1 45 ? 5.333   -24.477 -10.122 1.00 62.75  ? 45  GLU A N   1 
ATOM   342 C CA  . GLU A 1 45 ? 4.562   -25.711 -10.224 1.00 71.00  ? 45  GLU A CA  1 
ATOM   343 C C   . GLU A 1 45 ? 4.653   -26.320 -11.620 1.00 76.82  ? 45  GLU A C   1 
ATOM   344 O O   . GLU A 1 45 ? 4.667   -27.551 -11.758 1.00 79.35  ? 45  GLU A O   1 
ATOM   345 C CB  . GLU A 1 45 ? 3.102   -25.457 -9.837  1.00 62.05  ? 45  GLU A CB  1 
ATOM   346 N N   . ALA A 1 46 ? 4.728   -25.489 -12.666 1.00 72.87  ? 46  ALA A N   1 
ATOM   347 C CA  . ALA A 1 46 ? 4.905   -26.018 -14.017 1.00 73.27  ? 46  ALA A CA  1 
ATOM   348 C C   . ALA A 1 46 ? 6.314   -26.543 -14.258 1.00 75.22  ? 46  ALA A C   1 
ATOM   349 O O   . ALA A 1 46 ? 6.548   -27.194 -15.284 1.00 86.73  ? 46  ALA A O   1 
ATOM   350 C CB  . ALA A 1 46 ? 4.567   -24.957 -15.066 1.00 70.09  ? 46  ALA A CB  1 
ATOM   351 N N   . GLY A 1 47 ? 7.250   -26.274 -13.352 1.00 68.99  ? 47  GLY A N   1 
ATOM   352 C CA  . GLY A 1 47 ? 8.561   -26.888 -13.369 1.00 78.50  ? 47  GLY A CA  1 
ATOM   353 C C   . GLY A 1 47 ? 8.728   -28.060 -12.426 1.00 85.04  ? 47  GLY A C   1 
ATOM   354 O O   . GLY A 1 47 ? 9.839   -28.595 -12.321 1.00 90.94  ? 47  GLY A O   1 
ATOM   355 N N   . THR A 1 48 ? 7.669   -28.479 -11.735 1.00 89.11  ? 48  THR A N   1 
ATOM   356 C CA  . THR A 1 48 ? 7.733   -29.568 -10.762 1.00 95.10  ? 48  THR A CA  1 
ATOM   357 C C   . THR A 1 48 ? 7.198   -30.863 -11.370 1.00 88.90  ? 48  THR A C   1 
ATOM   358 O O   . THR A 1 48 ? 7.871   -31.892 -11.346 1.00 98.20  ? 48  THR A O   1 
ATOM   359 C CB  . THR A 1 48 ? 6.930   -29.231 -9.474  1.00 100.57 ? 48  THR A CB  1 
ATOM   360 O OG1 . THR A 1 48 ? 7.698   -28.359 -8.630  1.00 98.23  ? 48  THR A OG1 1 
ATOM   361 C CG2 . THR A 1 48 ? 6.576   -30.498 -8.705  1.00 104.88 ? 48  THR A CG2 1 
ATOM   362 N N   . SER B 2 1  ? -17.365 25.014  13.376  1.00 153.83 ? 163 SER B N   1 
ATOM   363 C CA  . SER B 2 1  ? -16.134 25.253  14.116  1.00 152.72 ? 163 SER B CA  1 
ATOM   364 C C   . SER B 2 1  ? -14.946 24.681  13.363  1.00 144.23 ? 163 SER B C   1 
ATOM   365 O O   . SER B 2 1  ? -14.936 23.503  13.005  1.00 138.44 ? 163 SER B O   1 
ATOM   366 C CB  . SER B 2 1  ? -16.214 24.640  15.514  1.00 155.04 ? 163 SER B CB  1 
ATOM   367 O OG  . SER B 2 1  ? -15.032 24.894  16.250  1.00 154.73 ? 163 SER B OG  1 
ATOM   368 N N   . THR B 2 2  ? -13.935 25.515  13.121  1.00 143.90 ? 164 THR B N   1 
ATOM   369 C CA  . THR B 2 2  ? -12.766 25.026  12.401  1.00 136.55 ? 164 THR B CA  1 
ATOM   370 C C   . THR B 2 2  ? -11.896 24.122  13.271  1.00 133.00 ? 164 THR B C   1 
ATOM   371 O O   . THR B 2 2  ? -11.219 23.233  12.748  1.00 126.27 ? 164 THR B O   1 
ATOM   372 C CB  . THR B 2 2  ? -11.950 26.196  11.857  1.00 137.98 ? 164 THR B CB  1 
ATOM   373 O OG1 . THR B 2 2  ? -11.401 26.941  12.943  1.00 142.79 ? 164 THR B OG1 1 
ATOM   374 C CG2 . THR B 2 2  ? -12.817 27.105  10.996  1.00 142.17 ? 164 THR B CG2 1 
ATOM   375 N N   . MET B 2 3  ? -11.904 24.311  14.589  1.00 137.82 ? 165 MET B N   1 
ATOM   376 C CA  . MET B 2 3  ? -11.072 23.476  15.447  1.00 135.29 ? 165 MET B CA  1 
ATOM   377 C C   . MET B 2 3  ? -11.732 22.156  15.828  1.00 133.23 ? 165 MET B C   1 
ATOM   378 O O   . MET B 2 3  ? -11.083 21.312  16.462  1.00 130.84 ? 165 MET B O   1 
ATOM   379 C CB  . MET B 2 3  ? -10.680 24.256  16.696  1.00 141.87 ? 165 MET B CB  1 
ATOM   380 C CG  . MET B 2 3  ? -10.128 25.620  16.346  1.00 144.93 ? 165 MET B CG  1 
ATOM   381 S SD  . MET B 2 3  ? -8.351  25.465  16.085  1.00 139.81 ? 165 MET B SD  1 
ATOM   382 C CE  . MET B 2 3  ? -7.854  24.657  17.597  1.00 141.16 ? 165 MET B CE  1 
ATOM   383 N N   . GLU B 2 4  ? -13.004 21.976  15.493  1.00 134.79 ? 166 GLU B N   1 
ATOM   384 C CA  . GLU B 2 4  ? -13.604 20.655  15.487  1.00 131.77 ? 166 GLU B CA  1 
ATOM   385 C C   . GLU B 2 4  ? -13.477 19.984  14.131  1.00 124.52 ? 166 GLU B C   1 
ATOM   386 O O   . GLU B 2 4  ? -13.612 18.763  14.053  1.00 120.58 ? 166 GLU B O   1 
ATOM   387 C CB  . GLU B 2 4  ? -15.085 20.726  15.885  1.00 137.99 ? 166 GLU B CB  1 
ATOM   388 N N   . GLN B 2 5  ? -13.217 20.755  13.075  1.00 123.19 ? 167 GLN B N   1 
ATOM   389 C CA  . GLN B 2 5  ? -13.121 20.255  11.714  1.00 117.30 ? 167 GLN B CA  1 
ATOM   390 C C   . GLN B 2 5  ? -11.697 19.813  11.391  1.00 111.05 ? 167 GLN B C   1 
ATOM   391 O O   . GLN B 2 5  ? -11.484 18.747  10.793  1.00 105.32 ? 167 GLN B O   1 
ATOM   392 C CB  . GLN B 2 5  ? -13.611 21.340  10.753  1.00 120.17 ? 167 GLN B CB  1 
ATOM   393 C CG  . GLN B 2 5  ? -12.936 21.381  9.410   1.00 115.33 ? 167 GLN B CG  1 
ATOM   394 C CD  . GLN B 2 5  ? -13.743 22.170  8.397   1.00 118.60 ? 167 GLN B CD  1 
ATOM   395 O OE1 . GLN B 2 5  ? -14.275 23.240  8.706   1.00 125.00 ? 167 GLN B OE1 1 
ATOM   396 N NE2 . GLN B 2 5  ? -13.860 21.632  7.184   1.00 114.72 ? 167 GLN B NE2 1 
ATOM   397 N N   . LEU B 2 6  ? -10.723 20.630  11.793  1.00 112.64 ? 168 LEU B N   1 
ATOM   398 C CA  . LEU B 2 6  ? -9.351  20.203  12.019  1.00 108.68 ? 168 LEU B CA  1 
ATOM   399 C C   . LEU B 2 6  ? -9.262  18.832  12.659  1.00 106.66 ? 168 LEU B C   1 
ATOM   400 O O   . LEU B 2 6  ? -8.843  17.861  12.016  1.00 99.67  ? 168 LEU B O   1 
ATOM   401 C CB  . LEU B 2 6  ? -8.649  21.188  12.932  1.00 113.43 ? 168 LEU B CB  1 
ATOM   402 C CG  . LEU B 2 6  ? -7.142  21.324  12.833  1.00 110.98 ? 168 LEU B CG  1 
ATOM   403 C CD1 . LEU B 2 6  ? -6.705  22.039  11.562  1.00 109.53 ? 168 LEU B CD1 1 
ATOM   404 C CD2 . LEU B 2 6  ? -6.708  22.106  14.041  1.00 116.88 ? 168 LEU B CD2 1 
ATOM   405 N N   . SER B 2 7  ? -9.634  18.763  13.939  1.00 110.05 ? 169 SER B N   1 
ATOM   406 C CA  . SER B 2 7  ? -9.450  17.557  14.735  1.00 109.72 ? 169 SER B CA  1 
ATOM   407 C C   . SER B 2 7  ? -10.067 16.344  14.046  1.00 103.76 ? 169 SER B C   1 
ATOM   408 O O   . SER B 2 7  ? -9.639  15.211  14.285  1.00 100.32 ? 169 SER B O   1 
ATOM   409 C CB  . SER B 2 7  ? -10.033 17.739  16.139  1.00 115.26 ? 169 SER B CB  1 
ATOM   410 O OG  . SER B 2 7  ? -9.309  16.966  17.080  1.00 114.94 ? 169 SER B OG  1 
ATOM   411 N N   . GLN B 2 8  ? -11.054 16.579  13.172  1.00 104.00 ? 170 GLN B N   1 
ATOM   412 C CA  . GLN B 2 8  ? -11.596 15.497  12.355  1.00 99.71  ? 170 GLN B CA  1 
ATOM   413 C C   . GLN B 2 8  ? -10.648 15.138  11.212  1.00 93.08  ? 170 GLN B C   1 
ATOM   414 O O   . GLN B 2 8  ? -10.317 13.963  11.025  1.00 88.51  ? 170 GLN B O   1 
ATOM   415 C CB  . GLN B 2 8  ? -12.974 15.875  11.811  1.00 102.99 ? 170 GLN B CB  1 
ATOM   416 N N   . TYR B 2 9  ? -10.213 16.137  10.433  1.00 92.99  ? 171 TYR B N   1 
ATOM   417 C CA  . TYR B 2 9  ? -9.279  15.906  9.331   1.00 87.60  ? 171 TYR B CA  1 
ATOM   418 C C   . TYR B 2 9  ? -8.050  15.142  9.804   1.00 90.66  ? 171 TYR B C   1 
ATOM   419 O O   . TYR B 2 9  ? -7.636  14.151  9.188   1.00 78.92  ? 171 TYR B O   1 
ATOM   420 C CB  . TYR B 2 9  ? -8.846  17.237  8.721   1.00 89.58  ? 171 TYR B CB  1 
ATOM   421 C CG  . TYR B 2 9  ? -9.829  17.883  7.775   1.00 92.02  ? 171 TYR B CG  1 
ATOM   422 C CD1 . TYR B 2 9  ? -10.910 17.178  7.258   1.00 93.60  ? 171 TYR B CD1 1 
ATOM   423 C CD2 . TYR B 2 9  ? -9.655  19.209  7.377   1.00 97.18  ? 171 TYR B CD2 1 
ATOM   424 C CE1 . TYR B 2 9  ? -11.813 17.790  6.392   1.00 102.77 ? 171 TYR B CE1 1 
ATOM   425 C CE2 . TYR B 2 9  ? -10.545 19.832  6.523   1.00 98.71  ? 171 TYR B CE2 1 
ATOM   426 C CZ  . TYR B 2 9  ? -11.619 19.117  6.029   1.00 110.07 ? 171 TYR B CZ  1 
ATOM   427 O OH  . TYR B 2 9  ? -12.496 19.739  5.170   1.00 119.91 ? 171 TYR B OH  1 
ATOM   428 N N   . LEU B 2 10 ? -7.451  15.600  10.903  1.00 87.00  ? 172 LEU B N   1 
ATOM   429 C CA  . LEU B 2 10 ? -6.240  14.964  11.406  1.00 84.51  ? 172 LEU B CA  1 
ATOM   430 C C   . LEU B 2 10 ? -6.519  13.543  11.871  1.00 84.09  ? 172 LEU B C   1 
ATOM   431 O O   . LEU B 2 10 ? -5.804  12.606  11.495  1.00 77.66  ? 172 LEU B O   1 
ATOM   432 C CB  . LEU B 2 10 ? -5.640  15.785  12.542  1.00 89.30  ? 172 LEU B CB  1 
ATOM   433 C CG  . LEU B 2 10 ? -4.461  16.665  12.131  1.00 89.32  ? 172 LEU B CG  1 
ATOM   434 C CD1 . LEU B 2 10 ? -4.908  17.749  11.149  1.00 90.65  ? 172 LEU B CD1 1 
ATOM   435 C CD2 . LEU B 2 10 ? -3.790  17.266  13.359  1.00 96.12  ? 172 LEU B CD2 1 
ATOM   436 N N   . GLN B 2 11 ? -7.551  13.364  12.698  1.00 86.02  ? 173 GLN B N   1 
ATOM   437 C CA  . GLN B 2 11 ? -7.869  12.026  13.182  1.00 85.39  ? 173 GLN B CA  1 
ATOM   438 C C   . GLN B 2 11 ? -8.199  11.073  12.034  1.00 79.55  ? 173 GLN B C   1 
ATOM   439 O O   . GLN B 2 11 ? -7.924  9.871   12.126  1.00 76.60  ? 173 GLN B O   1 
ATOM   440 C CB  . GLN B 2 11 ? -9.026  12.093  14.175  1.00 90.51  ? 173 GLN B CB  1 
ATOM   441 C CG  . GLN B 2 11 ? -8.596  12.395  15.604  1.00 100.29 ? 173 GLN B CG  1 
ATOM   442 C CD  . GLN B 2 11 ? -8.180  11.147  16.369  1.00 102.75 ? 173 GLN B CD  1 
ATOM   443 O OE1 . GLN B 2 11 ? -7.142  11.136  17.041  1.00 100.01 ? 173 GLN B OE1 1 
ATOM   444 N NE2 . GLN B 2 11 ? -8.984  10.083  16.263  1.00 102.20 ? 173 GLN B NE2 1 
ATOM   445 N N   . GLU B 2 12 ? -8.788  11.585  10.955  1.00 78.85  ? 174 GLU B N   1 
ATOM   446 C CA  . GLU B 2 12 ? -9.090  10.747  9.810   1.00 74.49  ? 174 GLU B CA  1 
ATOM   447 C C   . GLU B 2 12 ? -7.882  10.562  8.900   1.00 69.43  ? 174 GLU B C   1 
ATOM   448 O O   . GLU B 2 12 ? -7.759  9.516   8.253   1.00 67.88  ? 174 GLU B O   1 
ATOM   449 C CB  . GLU B 2 12 ? -10.278 11.321  9.033   1.00 76.64  ? 174 GLU B CB  1 
ATOM   450 C CG  . GLU B 2 12 ? -9.942  12.405  8.034   1.00 78.03  ? 174 GLU B CG  1 
ATOM   451 C CD  . GLU B 2 12 ? -11.139 12.793  7.184   1.00 95.37  ? 174 GLU B CD  1 
ATOM   452 N N   . ALA B 2 13 ? -6.977  11.541  8.856   1.00 70.08  ? 175 ALA B N   1 
ATOM   453 C CA  . ALA B 2 13 ? -5.707  11.339  8.176   1.00 66.09  ? 175 ALA B CA  1 
ATOM   454 C C   . ALA B 2 13 ? -4.862  10.299  8.901   1.00 68.40  ? 175 ALA B C   1 
ATOM   455 O O   . ALA B 2 13 ? -4.192  9.478   8.261   1.00 59.89  ? 175 ALA B O   1 
ATOM   456 C CB  . ALA B 2 13 ? -4.956  12.664  8.057   1.00 68.25  ? 175 ALA B CB  1 
ATOM   457 N N   . LEU B 2 14 ? -4.892  10.301  10.237  1.00 67.36  ? 176 LEU B N   1 
ATOM   458 C CA  . LEU B 2 14 ? -4.185  9.253   10.966  1.00 66.14  ? 176 LEU B CA  1 
ATOM   459 C C   . LEU B 2 14 ? -4.803  7.887   10.694  1.00 71.26  ? 176 LEU B C   1 
ATOM   460 O O   . LEU B 2 14 ? -4.084  6.897   10.512  1.00 64.90  ? 176 LEU B O   1 
ATOM   461 C CB  . LEU B 2 14 ? -4.171  9.557   12.460  1.00 71.20  ? 176 LEU B CB  1 
ATOM   462 C CG  . LEU B 2 14 ? -3.186  10.664  12.849  1.00 73.85  ? 176 LEU B CG  1 
ATOM   463 C CD1 . LEU B 2 14 ? -3.781  11.585  13.936  1.00 80.17  ? 176 LEU B CD1 1 
ATOM   464 C CD2 . LEU B 2 14 ? -1.846  10.090  13.280  1.00 72.84  ? 176 LEU B CD2 1 
ATOM   465 N N   . HIS B 2 15 ? -6.130  7.811   10.650  1.00 64.97  ? 177 HIS B N   1 
ATOM   466 C CA  . HIS B 2 15 ? -6.761  6.535   10.364  1.00 66.84  ? 177 HIS B CA  1 
ATOM   467 C C   . HIS B 2 15 ? -6.388  6.044   8.969   1.00 65.90  ? 177 HIS B C   1 
ATOM   468 O O   . HIS B 2 15 ? -6.001  4.881   8.789   1.00 54.77  ? 177 HIS B O   1 
ATOM   469 C CB  . HIS B 2 15 ? -8.273  6.644   10.507  1.00 66.27  ? 177 HIS B CB  1 
ATOM   470 C CG  . HIS B 2 15 ? -8.988  5.388   10.130  1.00 70.01  ? 177 HIS B CG  1 
ATOM   471 N ND1 . HIS B 2 15 ? -9.862  5.316   9.067   1.00 75.24  ? 177 HIS B ND1 1 
ATOM   472 C CD2 . HIS B 2 15 ? -8.928  4.140   10.655  1.00 75.86  ? 177 HIS B CD2 1 
ATOM   473 C CE1 . HIS B 2 15 ? -10.325 4.082   8.964   1.00 78.85  ? 177 HIS B CE1 1 
ATOM   474 N NE2 . HIS B 2 15 ? -9.770  3.347   9.912   1.00 77.41  ? 177 HIS B NE2 1 
ATOM   475 N N   . ARG B 2 16 ? -6.484  6.922   7.969   1.00 62.22  ? 178 ARG B N   1 
ATOM   476 C CA  . ARG B 2 16 ? -6.202  6.496   6.605   1.00 59.70  ? 178 ARG B CA  1 
ATOM   477 C C   . ARG B 2 16 ? -4.740  6.126   6.434   1.00 54.45  ? 178 ARG B C   1 
ATOM   478 O O   . ARG B 2 16 ? -4.406  5.274   5.596   1.00 54.30  ? 178 ARG B O   1 
ATOM   479 C CB  . ARG B 2 16 ? -6.600  7.596   5.621   1.00 61.97  ? 178 ARG B CB  1 
ATOM   480 C CG  . ARG B 2 16 ? -6.461  7.245   4.142   1.00 61.26  ? 178 ARG B CG  1 
ATOM   481 C CD  . ARG B 2 16 ? -7.133  5.931   3.733   1.00 59.47  ? 178 ARG B CD  1 
ATOM   482 N NE  . ARG B 2 16 ? -8.577  6.015   3.900   1.00 59.65  ? 178 ARG B NE  1 
ATOM   483 C CZ  . ARG B 2 16 ? -9.384  4.998   4.196   1.00 64.40  ? 178 ARG B CZ  1 
ATOM   484 N NH1 . ARG B 2 16 ? -10.678 5.230   4.375   1.00 64.72  ? 178 ARG B NH1 1 
ATOM   485 N NH2 . ARG B 2 16 ? -8.930  3.751   4.236   1.00 49.61  ? 178 ARG B NH2 1 
ATOM   486 N N   . GLU B 2 17 ? -3.862  6.724   7.234   1.00 51.62  ? 179 GLU B N   1 
ATOM   487 C CA  . GLU B 2 17 ? -2.451  6.402   7.113   1.00 57.52  ? 179 GLU B CA  1 
ATOM   488 C C   . GLU B 2 17 ? -2.146  5.050   7.755   1.00 57.64  ? 179 GLU B C   1 
ATOM   489 O O   . GLU B 2 17 ? -1.222  4.353   7.328   1.00 52.08  ? 179 GLU B O   1 
ATOM   490 C CB  . GLU B 2 17 ? -1.598  7.521   7.724   1.00 52.20  ? 179 GLU B CB  1 
ATOM   491 C CG  . GLU B 2 17 ? -0.169  7.481   7.253   1.00 71.87  ? 179 GLU B CG  1 
ATOM   492 C CD  . GLU B 2 17 ? 0.693   6.466   7.996   1.00 79.06  ? 179 GLU B CD  1 
ATOM   493 O OE1 . GLU B 2 17 ? 0.301   6.004   9.099   1.00 82.76  ? 179 GLU B OE1 1 
ATOM   494 O OE2 . GLU B 2 17 ? 1.718   6.053   7.403   1.00 76.76  ? 179 GLU B OE2 1 
ATOM   495 N N   . GLN B 2 18 ? -2.918  4.642   8.764   1.00 50.42  ? 180 GLN B N   1 
ATOM   496 C CA  . GLN B 2 18 ? -2.784  3.269   9.252   1.00 59.24  ? 180 GLN B CA  1 
ATOM   497 C C   . GLN B 2 18 ? -3.333  2.257   8.247   1.00 55.63  ? 180 GLN B C   1 
ATOM   498 O O   . GLN B 2 18 ? -2.856  1.115   8.200   1.00 54.30  ? 180 GLN B O   1 
ATOM   499 C CB  . GLN B 2 18 ? -3.479  3.091   10.609  1.00 56.14  ? 180 GLN B CB  1 
ATOM   500 C CG  . GLN B 2 18 ? -2.576  3.404   11.794  1.00 75.62  ? 180 GLN B CG  1 
ATOM   501 C CD  . GLN B 2 18 ? -3.202  3.075   13.135  1.00 94.44  ? 180 GLN B CD  1 
ATOM   502 O OE1 . GLN B 2 18 ? -4.411  3.234   13.338  1.00 90.35  ? 180 GLN B OE1 1 
ATOM   503 N NE2 . GLN B 2 18 ? -2.378  2.590   14.058  1.00 106.10 ? 180 GLN B NE2 1 
ATOM   504 N N   . MET B 2 19 ? -4.343  2.646   7.463   1.00 47.96  ? 181 MET B N   1 
ATOM   505 C CA  . MET B 2 19 ? -4.811  1.817   6.354   1.00 48.70  ? 181 MET B CA  1 
ATOM   506 C C   . MET B 2 19 ? -3.694  1.614   5.344   1.00 48.53  ? 181 MET B C   1 
ATOM   507 O O   . MET B 2 19 ? -3.391  0.486   4.944   1.00 43.61  ? 181 MET B O   1 
ATOM   508 C CB  . MET B 2 19 ? -6.018  2.484   5.686   1.00 49.11  ? 181 MET B CB  1 
ATOM   509 C CG  . MET B 2 19 ? -7.095  2.824   6.697   1.00 63.54  ? 181 MET B CG  1 
ATOM   510 S SD  . MET B 2 19 ? -8.112  1.398   7.019   1.00 78.92  ? 181 MET B SD  1 
ATOM   511 C CE  . MET B 2 19 ? -7.503  0.819   8.604   1.00 82.06  ? 181 MET B CE  1 
ATOM   512 N N   . LEU B 2 20 ? -3.048  2.712   4.950   1.00 39.87  ? 182 LEU B N   1 
ATOM   513 C CA  . LEU B 2 20 ? -1.948  2.638   4.008   1.00 37.81  ? 182 LEU B CA  1 
ATOM   514 C C   . LEU B 2 20 ? -0.847  1.716   4.519   1.00 37.95  ? 182 LEU B C   1 
ATOM   515 O O   . LEU B 2 20 ? -0.357  0.864   3.770   1.00 43.06  ? 182 LEU B O   1 
ATOM   516 C CB  . LEU B 2 20 ? -1.394  4.033   3.739   1.00 38.74  ? 182 LEU B CB  1 
ATOM   517 C CG  . LEU B 2 20 ? -0.723  4.233   2.378   1.00 60.40  ? 182 LEU B CG  1 
ATOM   518 C CD1 . LEU B 2 20 ? -0.522  5.719   2.106   1.00 59.95  ? 182 LEU B CD1 1 
ATOM   519 C CD2 . LEU B 2 20 ? 0.572   3.466   2.202   1.00 53.62  ? 182 LEU B CD2 1 
ATOM   520 N N   . GLU B 2 21 ? -0.461  1.855   5.794   1.00 42.71  ? 183 GLU B N   1 
ATOM   521 C CA  . GLU B 2 21 ? 0.609   1.017   6.331   1.00 43.47  ? 183 GLU B CA  1 
ATOM   522 C C   . GLU B 2 21 ? 0.229   -0.461  6.290   1.00 43.85  ? 183 GLU B C   1 
ATOM   523 O O   . GLU B 2 21 ? 1.068   -1.317  5.991   1.00 44.35  ? 183 GLU B O   1 
ATOM   524 C CB  . GLU B 2 21 ? 0.954   1.423   7.764   1.00 46.72  ? 183 GLU B CB  1 
ATOM   525 C CG  . GLU B 2 21 ? 2.075   0.563   8.374   1.00 64.21  ? 183 GLU B CG  1 
ATOM   526 C CD  . GLU B 2 21 ? 1.568   -0.686  9.104   1.00 86.66  ? 183 GLU B CD  1 
ATOM   527 O OE1 . GLU B 2 21 ? 2.402   -1.541  9.485   1.00 90.74  ? 183 GLU B OE1 1 
ATOM   528 O OE2 . GLU B 2 21 ? 0.338   -0.813  9.298   1.00 98.88  ? 183 GLU B OE2 1 
ATOM   529 N N   . GLN B 2 22 ? -1.008  -0.759  6.548   1.00 37.24  ? 184 GLN B N   1 
ATOM   530 C CA  . GLN B 2 22 ? -1.474  -2.148  6.502   1.00 38.33  ? 184 GLN B CA  1 
ATOM   531 C C   . GLN B 2 22 ? -1.305  -2.646  5.070   1.00 42.95  ? 184 GLN B C   1 
ATOM   532 O O   . GLN B 2 22 ? -0.949  -3.732  4.932   1.00 40.70  ? 184 GLN B O   1 
ATOM   533 C CB  . GLN B 2 22 ? -2.911  -2.301  6.973   1.00 55.84  ? 184 GLN B CB  1 
ATOM   534 C CG  . GLN B 2 22 ? -3.048  -3.102  8.245   1.00 78.63  ? 184 GLN B CG  1 
ATOM   535 C CD  . GLN B 2 22 ? -4.378  -3.806  8.394   1.00 92.95  ? 184 GLN B CD  1 
ATOM   536 O OE1 . GLN B 2 22 ? -4.471  -4.931  8.879   1.00 86.24  ? 184 GLN B OE1 1 
ATOM   537 N NE2 . GLN B 2 22 ? -5.430  -3.149  7.960   1.00 86.26  ? 184 GLN B NE2 1 
ATOM   538 N N   . LYS B 2 23 ? -1.526  -1.840  4.084   1.00 33.12  ? 185 LYS B N   1 
ATOM   539 C CA  . LYS B 2 23 ? -1.270  -2.300  2.723   1.00 35.24  ? 185 LYS B CA  1 
ATOM   540 C C   . LYS B 2 23 ? 0.219   -2.474  2.478   1.00 28.44  ? 185 LYS B C   1 
ATOM   541 O O   . LYS B 2 23 ? 0.634   -3.454  1.842   1.00 29.70  ? 185 LYS B O   1 
ATOM   542 C CB  . LYS B 2 23 ? -1.900  -1.353  1.707   1.00 42.17  ? 185 LYS B CB  1 
ATOM   543 C CG  . LYS B 2 23 ? -3.435  -1.285  1.800   1.00 42.38  ? 185 LYS B CG  1 
ATOM   544 C CD  . LYS B 2 23 ? -4.000  -0.352  0.736   1.00 42.99  ? 185 LYS B CD  1 
ATOM   545 C CE  . LYS B 2 23 ? -5.526  -0.258  0.795   1.00 38.78  ? 185 LYS B CE  1 
ATOM   546 N NZ  . LYS B 2 23 ? -5.982  0.246   2.113   1.00 38.85  ? 185 LYS B NZ  1 
ATOM   547 N N   . LEU B 2 24 ? 1.052   -1.565  2.998   1.00 30.02  ? 186 LEU B N   1 
ATOM   548 C CA  . LEU B 2 24 ? 2.492   -1.720  2.791   1.00 34.62  ? 186 LEU B CA  1 
ATOM   549 C C   . LEU B 2 24 ? 2.999   -2.992  3.452   1.00 42.72  ? 186 LEU B C   1 
ATOM   550 O O   . LEU B 2 24 ? 3.857   -3.692  2.897   1.00 35.00  ? 186 LEU B O   1 
ATOM   551 C CB  . LEU B 2 24 ? 3.255   -0.518  3.335   1.00 32.12  ? 186 LEU B CB  1 
ATOM   552 C CG  . LEU B 2 24 ? 2.922   0.843   2.723   1.00 40.69  ? 186 LEU B CG  1 
ATOM   553 C CD1 . LEU B 2 24 ? 3.730   1.955   3.384   1.00 46.72  ? 186 LEU B CD1 1 
ATOM   554 C CD2 . LEU B 2 24 ? 3.145   0.824   1.222   1.00 38.23  ? 186 LEU B CD2 1 
ATOM   555 N N   . ALA B 2 25 ? 2.473   -3.309  4.642   1.00 30.39  ? 187 ALA B N   1 
ATOM   556 C CA  . ALA B 2 25 ? 2.885   -4.537  5.313   1.00 35.72  ? 187 ALA B CA  1 
ATOM   557 C C   . ALA B 2 25 ? 2.456   -5.765  4.510   1.00 28.92  ? 187 ALA B C   1 
ATOM   558 O O   . ALA B 2 25 ? 3.194   -6.748  4.421   1.00 36.26  ? 187 ALA B O   1 
ATOM   559 C CB  . ALA B 2 25 ? 2.310   -4.579  6.732   1.00 33.81  ? 187 ALA B CB  1 
ATOM   560 N N   . THR B 2 26 ? 1.278   -5.722  3.899   1.00 28.02  ? 188 THR B N   1 
ATOM   561 C CA  . THR B 2 26 ? 0.866   -6.830  3.045   1.00 29.81  ? 188 THR B CA  1 
ATOM   562 C C   . THR B 2 26 ? 1.779   -6.942  1.834   1.00 27.38  ? 188 THR B C   1 
ATOM   563 O O   . THR B 2 26 ? 2.152   -8.044  1.422   1.00 25.22  ? 188 THR B O   1 
ATOM   564 C CB  . THR B 2 26 ? -0.571  -6.628  2.597   1.00 26.57  ? 188 THR B CB  1 
ATOM   565 O OG1 . THR B 2 26 ? -1.395  -6.344  3.742   1.00 28.92  ? 188 THR B OG1 1 
ATOM   566 C CG2 . THR B 2 26 ? -1.069  -7.866  1.858   1.00 25.74  ? 188 THR B CG2 1 
ATOM   567 N N   . LEU B 2 27 ? 2.157   -5.807  1.263   1.00 26.38  ? 189 LEU B N   1 
ATOM   568 C CA  . LEU B 2 27 ? 3.110   -5.818  0.163   1.00 23.37  ? 189 LEU B CA  1 
ATOM   569 C C   . LEU B 2 27 ? 4.414   -6.480  0.564   1.00 23.80  ? 189 LEU B C   1 
ATOM   570 O O   . LEU B 2 27 ? 4.941   -7.320  -0.170  1.00 23.15  ? 189 LEU B O   1 
ATOM   571 C CB  . LEU B 2 27 ? 3.372   -4.398  -0.313  1.00 30.82  ? 189 LEU B CB  1 
ATOM   572 C CG  . LEU B 2 27 ? 2.510   -4.053  -1.503  1.00 52.87  ? 189 LEU B CG  1 
ATOM   573 C CD1 . LEU B 2 27 ? 2.422   -2.539  -1.591  1.00 59.19  ? 189 LEU B CD1 1 
ATOM   574 C CD2 . LEU B 2 27 ? 3.073   -4.674  -2.782  1.00 51.41  ? 189 LEU B CD2 1 
ATOM   575 N N   . GLN B 2 28 ? 4.963   -6.098  1.725   1.00 25.40  ? 190 GLN B N   1 
ATOM   576 C CA  . GLN B 2 28 ? 6.245   -6.660  2.139   1.00 27.90  ? 190 GLN B CA  1 
ATOM   577 C C   . GLN B 2 28 ? 6.181   -8.179  2.180   1.00 27.41  ? 190 GLN B C   1 
ATOM   578 O O   . GLN B 2 28 ? 7.090   -8.858  1.695   1.00 27.97  ? 190 GLN B O   1 
ATOM   579 C CB  . GLN B 2 28 ? 6.660   -6.109  3.505   1.00 28.97  ? 190 GLN B CB  1 
ATOM   580 C CG  . GLN B 2 28 ? 8.067   -6.491  3.907   1.00 35.42  ? 190 GLN B CG  1 
ATOM   581 C CD  . GLN B 2 28 ? 8.176   -7.900  4.467   1.00 45.06  ? 190 GLN B CD  1 
ATOM   582 O OE1 . GLN B 2 28 ? 7.329   -8.341  5.245   1.00 55.01  ? 190 GLN B OE1 1 
ATOM   583 N NE2 . GLN B 2 28 ? 9.228   -8.615  4.078   1.00 56.84  ? 190 GLN B NE2 1 
ATOM   584 N N   A ARG B 2 29 ? 5.109   -8.731  2.754   0.50 26.28  ? 191 ARG B N   1 
ATOM   585 N N   B ARG B 2 29 ? 5.103   -8.728  2.743   0.50 26.26  ? 191 ARG B N   1 
ATOM   586 C CA  A ARG B 2 29 ? 4.996   -10.177 2.869   0.50 26.52  ? 191 ARG B CA  1 
ATOM   587 C CA  B ARG B 2 29 ? 4.988   -10.171 2.874   0.50 26.53  ? 191 ARG B CA  1 
ATOM   588 C C   A ARG B 2 29 ? 4.720   -10.834 1.523   0.50 30.81  ? 191 ARG B C   1 
ATOM   589 C C   B ARG B 2 29 ? 4.695   -10.842 1.538   0.50 30.67  ? 191 ARG B C   1 
ATOM   590 O O   A ARG B 2 29 ? 5.223   -11.933 1.261   0.50 29.76  ? 191 ARG B O   1 
ATOM   591 O O   B ARG B 2 29 ? 5.171   -11.958 1.293   0.50 30.21  ? 191 ARG B O   1 
ATOM   592 C CB  A ARG B 2 29 ? 3.914   -10.530 3.889   0.50 29.31  ? 191 ARG B CB  1 
ATOM   593 C CB  B ARG B 2 29 ? 3.920   -10.500 3.915   0.50 30.06  ? 191 ARG B CB  1 
ATOM   594 C CG  A ARG B 2 29 ? 4.422   -10.445 5.350   0.50 30.81  ? 191 ARG B CG  1 
ATOM   595 C CG  B ARG B 2 29 ? 4.377   -10.149 5.356   0.50 30.72  ? 191 ARG B CG  1 
ATOM   596 C CD  A ARG B 2 29 ? 3.350   -9.911  6.271   0.50 32.39  ? 191 ARG B CD  1 
ATOM   597 C CD  B ARG B 2 29 ? 3.481   -10.795 6.382   0.50 34.33  ? 191 ARG B CD  1 
ATOM   598 N NE  A ARG B 2 29 ? 3.818   -9.720  7.643   0.50 36.09  ? 191 ARG B NE  1 
ATOM   599 N NE  B ARG B 2 29 ? 3.971   -10.662 7.753   0.50 36.69  ? 191 ARG B NE  1 
ATOM   600 C CZ  A ARG B 2 29 ? 4.381   -8.602  8.095   0.50 41.20  ? 191 ARG B CZ  1 
ATOM   601 C CZ  B ARG B 2 29 ? 4.732   -11.567 8.359   0.50 38.68  ? 191 ARG B CZ  1 
ATOM   602 N NH1 A ARG B 2 29 ? 4.558   -7.562  7.278   0.50 34.81  ? 191 ARG B NH1 1 
ATOM   603 N NH1 B ARG B 2 29 ? 5.107   -12.654 7.700   0.50 37.71  ? 191 ARG B NH1 1 
ATOM   604 N NH2 A ARG B 2 29 ? 4.769   -8.527  9.364   0.50 43.05  ? 191 ARG B NH2 1 
ATOM   605 N NH2 B ARG B 2 29 ? 5.119   -11.384 9.614   0.50 42.40  ? 191 ARG B NH2 1 
ATOM   606 N N   . LEU B 2 30 ? 3.945   -10.183 0.651   1.00 23.90  ? 192 LEU B N   1 
ATOM   607 C CA  . LEU B 2 30 ? 3.705   -10.764 -0.663  1.00 24.43  ? 192 LEU B CA  1 
ATOM   608 C C   . LEU B 2 30 ? 4.994   -10.819 -1.468  1.00 28.33  ? 192 LEU B C   1 
ATOM   609 O O   . LEU B 2 30 ? 5.260   -11.811 -2.160  1.00 23.38  ? 192 LEU B O   1 
ATOM   610 C CB  . LEU B 2 30 ? 2.652   -9.961  -1.422  1.00 26.00  ? 192 LEU B CB  1 
ATOM   611 C CG  . LEU B 2 30 ? 1.186   -10.267 -1.124  1.00 31.16  ? 192 LEU B CG  1 
ATOM   612 C CD1 . LEU B 2 30 ? 0.306   -9.296  -1.916  1.00 27.34  ? 192 LEU B CD1 1 
ATOM   613 C CD2 . LEU B 2 30 ? 0.903   -11.736 -1.484  1.00 26.31  ? 192 LEU B CD2 1 
ATOM   614 N N   . LEU B 2 31 ? 5.811   -9.763  -1.383  1.00 22.52  ? 193 LEU B N   1 
ATOM   615 C CA  . LEU B 2 31 ? 7.084   -9.777  -2.091  1.00 27.32  ? 193 LEU B CA  1 
ATOM   616 C C   . LEU B 2 31 ? 8.012   -10.842 -1.521  1.00 35.79  ? 193 LEU B C   1 
ATOM   617 O O   . LEU B 2 31 ? 8.703   -11.530 -2.278  1.00 24.97  ? 193 LEU B O   1 
ATOM   618 C CB  . LEU B 2 31 ? 7.752   -8.402  -2.049  1.00 25.23  ? 193 LEU B CB  1 
ATOM   619 C CG  . LEU B 2 31 ? 6.980   -7.372  -2.880  1.00 31.12  ? 193 LEU B CG  1 
ATOM   620 C CD1 . LEU B 2 31 ? 7.434   -5.937  -2.577  1.00 24.50  ? 193 LEU B CD1 1 
ATOM   621 C CD2 . LEU B 2 31 ? 7.058   -7.694  -4.397  1.00 26.17  ? 193 LEU B CD2 1 
ATOM   622 N N   . ALA B 2 32 ? 8.016   -11.019 -0.193  1.00 25.40  ? 194 ALA B N   1 
ATOM   623 C CA  . ALA B 2 32 ? 8.926   -12.000 0.403   1.00 27.27  ? 194 ALA B CA  1 
ATOM   624 C C   . ALA B 2 32 ? 8.572   -13.420 -0.029  1.00 30.55  ? 194 ALA B C   1 
ATOM   625 O O   . ALA B 2 32 ? 9.455   -14.192 -0.407  1.00 33.19  ? 194 ALA B O   1 
ATOM   626 C CB  . ALA B 2 32 ? 8.924   -11.886 1.937   1.00 29.04  ? 194 ALA B CB  1 
ATOM   627 N N   . ILE B 2 33 ? 7.289   -13.783 -0.008  1.00 33.86  ? 195 ILE B N   1 
ATOM   628 C CA  . ILE B 2 33 ? 6.949   -15.147 -0.397  1.00 32.14  ? 195 ILE B CA  1 
ATOM   629 C C   . ILE B 2 33 ? 7.060   -15.338 -1.906  1.00 29.72  ? 195 ILE B C   1 
ATOM   630 O O   . ILE B 2 33 ? 7.307   -16.457 -2.377  1.00 31.99  ? 195 ILE B O   1 
ATOM   631 C CB  . ILE B 2 33 ? 5.570   -15.555 0.164   1.00 30.52  ? 195 ILE B CB  1 
ATOM   632 C CG1 . ILE B 2 33 ? 4.425   -14.850 -0.536  1.00 31.91  ? 195 ILE B CG1 1 
ATOM   633 C CG2 . ILE B 2 33 ? 5.532   -15.369 1.678   1.00 28.46  ? 195 ILE B CG2 1 
ATOM   634 C CD1 . ILE B 2 33 ? 3.057   -15.484 -0.217  1.00 38.99  ? 195 ILE B CD1 1 
ATOM   635 N N   . THR B 2 34 ? 6.944   -14.266 -2.692  1.00 28.70  ? 196 THR B N   1 
ATOM   636 C CA  . THR B 2 34 ? 7.276   -14.386 -4.109  1.00 33.80  ? 196 THR B CA  1 
ATOM   637 C C   . THR B 2 34 ? 8.776   -14.603 -4.312  1.00 34.46  ? 196 THR B C   1 
ATOM   638 O O   . THR B 2 34 ? 9.190   -15.392 -5.174  1.00 32.30  ? 196 THR B O   1 
ATOM   639 C CB  . THR B 2 34 ? 6.786   -13.150 -4.861  1.00 31.32  ? 196 THR B CB  1 
ATOM   640 O OG1 . THR B 2 34 ? 5.425   -12.889 -4.482  1.00 33.42  ? 196 THR B OG1 1 
ATOM   641 C CG2 . THR B 2 34 ? 6.869   -13.350 -6.365  1.00 25.70  ? 196 THR B CG2 1 
ATOM   642 N N   . GLN B 2 35 ? 9.606   -13.928 -3.524  1.00 32.65  ? 197 GLN B N   1 
ATOM   643 C CA  . GLN B 2 35 ? 11.042  -14.129 -3.652  1.00 41.49  ? 197 GLN B CA  1 
ATOM   644 C C   . GLN B 2 35 ? 11.420  -15.573 -3.339  1.00 37.95  ? 197 GLN B C   1 
ATOM   645 O O   . GLN B 2 35 ? 12.189  -16.197 -4.079  1.00 43.66  ? 197 GLN B O   1 
ATOM   646 C CB  . GLN B 2 35 ? 11.791  -13.150 -2.746  1.00 34.58  ? 197 GLN B CB  1 
ATOM   647 C CG  . GLN B 2 35 ? 13.303  -13.320 -2.765  1.00 34.21  ? 197 GLN B CG  1 
ATOM   648 C CD  . GLN B 2 35 ? 13.937  -12.861 -4.060  1.00 41.27  ? 197 GLN B CD  1 
ATOM   649 O OE1 . GLN B 2 35 ? 13.562  -11.827 -4.608  1.00 36.79  ? 197 GLN B OE1 1 
ATOM   650 N NE2 . GLN B 2 35 ? 14.894  -13.641 -4.568  1.00 45.46  ? 197 GLN B NE2 1 
ATOM   651 N N   . GLU B 2 36 ? 10.866  -16.121 -2.301  1.00 31.78  ? 198 GLU B N   1 
ATOM   652 C CA  . GLU B 2 36 ? 11.172  -17.503 -1.938  1.00 36.80  ? 198 GLU B CA  1 
ATOM   653 C C   . GLU B 2 36 ? 10.468  -18.466 -2.878  1.00 41.03  ? 198 GLU B C   1 
ATOM   654 O O   . GLU B 2 36 ? 10.996  -19.463 -3.125  1.00 38.50  ? 198 GLU B O   1 
ATOM   655 C CB  . GLU B 2 36 ? 11.130  -17.744 -0.443  1.00 43.32  ? 198 GLU B CB  1 
ATOM   656 C CG  . GLU B 2 36 ? 9.785   -17.785 0.190   1.00 78.41  ? 198 GLU B CG  1 
ATOM   657 C CD  . GLU B 2 36 ? 9.820   -17.341 1.646   1.00 95.12  ? 198 GLU B CD  1 
ATOM   658 O OE1 . GLU B 2 36 ? 10.895  -17.362 2.236   1.00 99.47  ? 198 GLU B OE1 1 
ATOM   659 O OE2 . GLU B 2 36 ? 8.783   -16.967 2.190   1.00 97.74  ? 198 GLU B OE2 1 
ATOM   660 N N   . ALA B 2 37 ? 9.384   -18.114 -3.454  1.00 37.76  ? 199 ALA B N   1 
ATOM   661 C CA  . ALA B 2 37 ? 8.735   -19.018 -4.394  1.00 48.87  ? 199 ALA B CA  1 
ATOM   662 C C   . ALA B 2 37 ? 9.582   -19.234 -5.644  1.00 52.03  ? 199 ALA B C   1 
ATOM   663 O O   . ALA B 2 37 ? 9.434   -20.255 -6.321  1.00 46.20  ? 199 ALA B O   1 
ATOM   664 C CB  . ALA B 2 37 ? 7.353   -18.491 -4.784  1.00 31.55  ? 199 ALA B CB  1 
ATOM   665 N N   . SER B 2 38 ? 10.455  -18.282 -5.975  1.00 50.94  ? 200 SER B N   1 
ATOM   666 C CA  . SER B 2 38 ? 11.280  -18.402 -7.168  1.00 54.97  ? 200 SER B CA  1 
ATOM   667 C C   . SER B 2 38 ? 12.528  -19.240 -6.934  1.00 57.01  ? 200 SER B C   1 
ATOM   668 O O   . SER B 2 38 ? 13.189  -19.622 -7.907  1.00 50.90  ? 200 SER B O   1 
ATOM   669 C CB  . SER B 2 38 ? 11.683  -17.016 -7.658  1.00 47.45  ? 200 SER B CB  1 
ATOM   670 O OG  . SER B 2 38 ? 12.642  -16.458 -6.784  1.00 55.41  ? 200 SER B OG  1 
ATOM   671 N N   . ASP B 2 39 ? 12.837  -19.554 -5.673  1.00 46.72  ? 201 ASP B N   1 
ATOM   672 C CA  . ASP B 2 39 ? 14.142  -20.110 -5.343  1.00 53.72  ? 201 ASP B CA  1 
ATOM   673 C C   . ASP B 2 39 ? 14.357  -21.464 -6.000  1.00 60.15  ? 201 ASP B C   1 
ATOM   674 O O   . ASP B 2 39 ? 15.451  -21.741 -6.502  1.00 65.94  ? 201 ASP B O   1 
ATOM   675 C CB  . ASP B 2 39 ? 14.303  -20.210 -3.828  1.00 62.93  ? 201 ASP B CB  1 
ATOM   676 C CG  . ASP B 2 39 ? 14.703  -18.882 -3.197  1.00 78.49  ? 201 ASP B CG  1 
ATOM   677 O OD1 . ASP B 2 39 ? 14.986  -17.915 -3.946  1.00 71.58  ? 201 ASP B OD1 1 
ATOM   678 O OD2 . ASP B 2 39 ? 14.752  -18.815 -1.948  1.00 90.30  ? 201 ASP B OD2 1 
ATOM   679 N N   . THR B 2 40 ? 13.337  -22.279 -6.010  1.00 64.74  ? 202 THR B N   1 
ATOM   680 C CA  . THR B 2 40 ? 13.410  -23.651 -6.552  1.00 73.93  ? 202 THR B CA  1 
ATOM   681 C C   . THR B 2 40 ? 13.623  -23.610 -8.058  1.00 77.24  ? 202 THR B C   1 
ATOM   682 O O   . THR B 2 40 ? 14.406  -24.383 -8.536  1.00 76.77  ? 202 THR B O   1 
ATOM   683 C CB  . THR B 2 40 ? 12.159  -24.433 -6.162  1.00 65.93  ? 202 THR B CB  1 
ATOM   684 O OG1 . THR B 2 40 ? 12.619  -25.609 -5.537  1.00 83.64  ? 202 THR B OG1 1 
ATOM   685 C CG2 . THR B 2 40 ? 11.330  -24.867 -7.328  1.00 51.84  ? 202 THR B CG2 1 
ATOM   686 N N   . SER B 2 41 ? 12.901  -22.777 -8.744  1.00 70.39  ? 203 SER B N   1 
ATOM   687 C CA  . SER B 2 41 ? 13.075  -22.644 -10.186 1.00 71.24  ? 203 SER B CA  1 
ATOM   688 C C   . SER B 2 41 ? 14.461  -22.104 -10.505 1.00 74.51  ? 203 SER B C   1 
ATOM   689 O O   . SER B 2 41 ? 15.150  -22.619 -11.396 1.00 74.87  ? 203 SER B O   1 
ATOM   690 C CB  . SER B 2 41 ? 11.998  -21.727 -10.770 1.00 63.88  ? 203 SER B CB  1 
ATOM   691 O OG  . SER B 2 41 ? 10.719  -22.036 -10.255 1.00 71.21  ? 203 SER B OG  1 
ATOM   692 N N   . TRP B 2 42 ? 14.889  -21.079 -9.760  1.00 69.11  ? 204 TRP B N   1 
ATOM   693 C CA  . TRP B 2 42 ? 16.207  -20.490 -9.965  1.00 67.70  ? 204 TRP B CA  1 
ATOM   694 C C   . TRP B 2 42 ? 17.311  -21.514 -9.719  1.00 61.90  ? 204 TRP B C   1 
ATOM   695 O O   . TRP B 2 42 ? 18.285  -21.582 -10.482 1.00 56.50  ? 204 TRP B O   1 
ATOM   696 C CB  . TRP B 2 42 ? 16.367  -19.263 -9.060  1.00 64.67  ? 204 TRP B CB  1 
ATOM   697 C CG  . TRP B 2 42 ? 17.756  -18.693 -9.025  1.00 78.84  ? 204 TRP B CG  1 
ATOM   698 C CD1 . TRP B 2 42 ? 18.539  -18.512 -7.919  1.00 86.63  ? 204 TRP B CD1 1 
ATOM   699 C CD2 . TRP B 2 42 ? 18.532  -18.234 -10.146 1.00 83.14  ? 204 TRP B CD2 1 
ATOM   700 N NE1 . TRP B 2 42 ? 19.755  -17.972 -8.282  1.00 89.21  ? 204 TRP B NE1 1 
ATOM   701 C CE2 . TRP B 2 42 ? 19.775  -17.792 -9.641  1.00 87.43  ? 204 TRP B CE2 1 
ATOM   702 C CE3 . TRP B 2 42 ? 18.300  -18.158 -11.525 1.00 78.95  ? 204 TRP B CE3 1 
ATOM   703 C CZ2 . TRP B 2 42 ? 20.779  -17.278 -10.467 1.00 84.82  ? 204 TRP B CZ2 1 
ATOM   704 C CZ3 . TRP B 2 42 ? 19.301  -17.648 -12.344 1.00 78.07  ? 204 TRP B CZ3 1 
ATOM   705 C CH2 . TRP B 2 42 ? 20.522  -17.214 -11.811 1.00 82.29  ? 204 TRP B CH2 1 
ATOM   706 N N   . GLN B 2 43 ? 17.166  -22.334 -8.671  1.00 68.88  ? 205 GLN B N   1 
ATOM   707 C CA  . GLN B 2 43 ? 18.145  -23.388 -8.404  1.00 75.20  ? 205 GLN B CA  1 
ATOM   708 C C   . GLN B 2 43 ? 18.185  -24.402 -9.543  1.00 79.54  ? 205 GLN B C   1 
ATOM   709 O O   . GLN B 2 43 ? 19.257  -24.895 -9.907  1.00 73.72  ? 205 GLN B O   1 
ATOM   710 C CB  . GLN B 2 43 ? 17.825  -24.091 -7.082  1.00 82.05  ? 205 GLN B CB  1 
ATOM   711 C CG  . GLN B 2 43 ? 18.051  -23.259 -5.817  1.00 92.49  ? 205 GLN B CG  1 
ATOM   712 C CD  . GLN B 2 43 ? 19.515  -22.963 -5.546  1.00 106.29 ? 205 GLN B CD  1 
ATOM   713 O OE1 . GLN B 2 43 ? 19.918  -21.800 -5.468  1.00 106.11 ? 205 GLN B OE1 1 
ATOM   714 N NE2 . GLN B 2 43 ? 20.321  -24.016 -5.399  1.00 110.09 ? 205 GLN B NE2 1 
ATOM   715 N N   . ALA B 2 44 ? 17.026  -24.715 -10.129 1.00 87.95  ? 206 ALA B N   1 
ATOM   716 C CA  . ALA B 2 44 ? 16.971  -25.677 -11.225 1.00 89.10  ? 206 ALA B CA  1 
ATOM   717 C C   . ALA B 2 44 ? 17.758  -25.216 -12.448 1.00 87.83  ? 206 ALA B C   1 
ATOM   718 O O   . ALA B 2 44 ? 18.143  -26.048 -13.275 1.00 87.62  ? 206 ALA B O   1 
ATOM   719 C CB  . ALA B 2 44 ? 15.512  -25.945 -11.603 1.00 87.41  ? 206 ALA B CB  1 
ATOM   720 N N   . LEU B 2 45 ? 18.002  -23.915 -12.588 1.00 86.30  ? 207 LEU B N   1 
ATOM   721 C CA  . LEU B 2 45 ? 18.823  -23.393 -13.672 1.00 99.33  ? 207 LEU B CA  1 
ATOM   722 C C   . LEU B 2 45 ? 20.276  -23.196 -13.264 1.00 105.63 ? 207 LEU B C   1 
ATOM   723 O O   . LEU B 2 45 ? 21.099  -22.855 -14.120 1.00 111.33 ? 207 LEU B O   1 
ATOM   724 C CB  . LEU B 2 45 ? 18.243  -22.062 -14.177 1.00 98.82  ? 207 LEU B CB  1 
ATOM   725 N N   . ILE B 2 46 ? 20.600  -23.417 -11.989 1.00 111.40 ? 208 ILE B N   1 
ATOM   726 C CA  . ILE B 2 46 ? 21.929  -23.190 -11.418 1.00 106.55 ? 208 ILE B CA  1 
ATOM   727 C C   . ILE B 2 46 ? 22.365  -21.744 -11.619 1.00 101.46 ? 208 ILE B C   1 
ATOM   728 O O   . ILE B 2 46 ? 22.455  -20.982 -10.657 1.00 100.24 ? 208 ILE B O   1 
ATOM   729 C CB  . ILE B 2 46 ? 22.976  -24.169 -11.994 1.00 98.85  ? 208 ILE B CB  1 
ATOM   730 C CG1 . ILE B 2 46 ? 22.754  -25.573 -11.427 1.00 99.37  ? 208 ILE B CG1 1 
ATOM   731 C CG2 . ILE B 2 46 ? 24.386  -23.674 -11.686 1.00 101.76 ? 208 ILE B CG2 1 
ATOM   732 C CD1 . ILE B 2 46 ? 23.999  -26.460 -11.455 1.00 105.74 ? 208 ILE B CD1 1 
HETATM 733 C C1  . GOL C 3 .  ? -1.613  -16.691 -15.811 1.00 80.84  ? 101 GOL A C1  1 
HETATM 734 O O1  . GOL C 3 .  ? -0.943  -15.603 -16.402 1.00 77.94  ? 101 GOL A O1  1 
HETATM 735 C C2  . GOL C 3 .  ? -1.238  -16.750 -14.290 1.00 69.95  ? 101 GOL A C2  1 
HETATM 736 O O2  . GOL C 3 .  ? 0.030   -16.250 -14.035 1.00 55.74  ? 101 GOL A O2  1 
HETATM 737 C C3  . GOL C 3 .  ? -1.349  -18.253 -13.907 1.00 71.32  ? 101 GOL A C3  1 
HETATM 738 O O3  . GOL C 3 .  ? -2.666  -18.474 -13.507 1.00 75.89  ? 101 GOL A O3  1 
HETATM 739 O O   . HOH D 4 .  ? 6.468   -34.023 -11.553 1.00 71.54  ? 201 HOH A O   1 
HETATM 740 O O   . HOH D 4 .  ? 0.789   24.364  6.728   1.00 89.89  ? 202 HOH A O   1 
HETATM 741 O O   . HOH D 4 .  ? -0.556  -0.858  -9.196  1.00 43.86  ? 203 HOH A O   1 
HETATM 742 O O   . HOH D 4 .  ? -0.436  1.782   -7.672  1.00 44.38  ? 204 HOH A O   1 
HETATM 743 O O   . HOH D 4 .  ? 2.442   -5.479  -12.713 1.00 41.45  ? 205 HOH A O   1 
HETATM 744 O O   . HOH D 4 .  ? 4.887   -10.261 -5.828  1.00 39.46  ? 206 HOH A O   1 
HETATM 745 O O   . HOH D 4 .  ? -7.289  -3.585  -7.632  1.00 53.90  ? 207 HOH A O   1 
HETATM 746 O O   . HOH D 4 .  ? -8.588  2.365   -0.430  1.00 59.04  ? 208 HOH A O   1 
HETATM 747 O O   . HOH D 4 .  ? -0.545  -13.583 -12.911 1.00 46.32  ? 209 HOH A O   1 
HETATM 748 O O   . HOH D 4 .  ? -8.732  5.721   0.008   1.00 60.16  ? 210 HOH A O   1 
HETATM 749 O O   . HOH D 4 .  ? -2.460  -20.169 -10.986 1.00 53.79  ? 211 HOH A O   1 
HETATM 750 O O   . HOH D 4 .  ? 1.264   -23.922 -13.858 1.00 61.80  ? 212 HOH A O   1 
HETATM 751 O O   . HOH D 4 .  ? -0.419  -20.023 -9.323  1.00 45.60  ? 213 HOH A O   1 
HETATM 752 O O   . HOH D 4 .  ? -2.378  3.126   -9.299  1.00 58.93  ? 214 HOH A O   1 
HETATM 753 O O   . HOH D 4 .  ? 0.777   13.294  -5.345  1.00 79.48  ? 215 HOH A O   1 
HETATM 754 O O   . HOH D 4 .  ? 9.316   -27.026 -6.125  1.00 62.81  ? 216 HOH A O   1 
HETATM 755 O O   . HOH D 4 .  ? 7.485   -21.704 -0.748  1.00 63.92  ? 217 HOH A O   1 
HETATM 756 O O   . HOH D 4 .  ? -5.781  -3.427  -9.543  1.00 63.14  ? 218 HOH A O   1 
HETATM 757 O O   . HOH D 4 .  ? -3.660  -12.764 -11.738 1.00 69.12  ? 219 HOH A O   1 
HETATM 758 O O   . HOH D 4 .  ? -9.755  9.799   -4.199  1.00 88.85  ? 220 HOH A O   1 
HETATM 759 O O   . HOH D 4 .  ? -4.801  16.382  -3.810  1.00 91.14  ? 221 HOH A O   1 
HETATM 760 O O   . HOH D 4 .  ? -4.842  -12.319 -8.588  0.50 54.03  ? 222 HOH A O   1 
HETATM 761 O O   . HOH D 4 .  ? -3.935  -22.466 -8.755  1.00 73.72  ? 223 HOH A O   1 
HETATM 762 O O   . HOH D 4 .  ? -9.871  -17.843 -7.270  1.00 52.17  ? 224 HOH A O   1 
HETATM 763 O O   . HOH E 4 .  ? -3.936  -6.972  9.875   1.00 60.50  ? 301 HOH B O   1 
HETATM 764 O O   . HOH E 4 .  ? 11.210  -22.293 -4.319  1.00 54.84  ? 302 HOH B O   1 
HETATM 765 O O   . HOH E 4 .  ? 4.744   -12.737 11.964  1.00 69.89  ? 303 HOH B O   1 
HETATM 766 O O   . HOH E 4 .  ? 13.041  -9.863  -2.745  1.00 35.04  ? 304 HOH B O   1 
HETATM 767 O O   . HOH E 4 .  ? -5.866  -1.329  4.378   1.00 54.08  ? 305 HOH B O   1 
HETATM 768 O O   . HOH E 4 .  ? 0.240   4.085   11.088  1.00 74.11  ? 306 HOH B O   1 
HETATM 769 O O   . HOH E 4 .  ? 6.800   -18.982 -1.314  1.00 46.37  ? 307 HOH B O   1 
HETATM 770 O O   . HOH E 4 .  ? 17.481  -20.172 -4.741  1.00 74.34  ? 308 HOH B O   1 
HETATM 771 O O   . HOH E 4 .  ? -10.187 8.025   5.490   1.00 62.95  ? 309 HOH B O   1 
HETATM 772 O O   . HOH E 4 .  ? 6.403   -2.327  4.773   1.00 42.44  ? 310 HOH B O   1 
HETATM 773 O O   . HOH E 4 .  ? 12.147  -6.710  3.628   1.00 59.69  ? 311 HOH B O   1 
# 
loop_
_atom_site_anisotrop.id 
_atom_site_anisotrop.type_symbol 
_atom_site_anisotrop.pdbx_label_atom_id 
_atom_site_anisotrop.pdbx_label_alt_id 
_atom_site_anisotrop.pdbx_label_comp_id 
_atom_site_anisotrop.pdbx_label_asym_id 
_atom_site_anisotrop.pdbx_label_seq_id 
_atom_site_anisotrop.pdbx_PDB_ins_code 
_atom_site_anisotrop.U[1][1] 
_atom_site_anisotrop.U[2][2] 
_atom_site_anisotrop.U[3][3] 
_atom_site_anisotrop.U[1][2] 
_atom_site_anisotrop.U[1][3] 
_atom_site_anisotrop.U[2][3] 
_atom_site_anisotrop.pdbx_auth_seq_id 
_atom_site_anisotrop.pdbx_auth_comp_id 
_atom_site_anisotrop.pdbx_auth_asym_id 
_atom_site_anisotrop.pdbx_auth_atom_id 
1   N N   . THR A 2  ? 1.7933 1.1049 3.1755 0.1504  0.2539  -0.6264 2   THR A N   
2   C CA  . THR A 2  ? 1.7664 1.0952 3.1401 0.1055  0.2963  -0.6448 2   THR A CA  
3   C C   . THR A 2  ? 1.5962 1.0782 3.0039 0.0682  0.3252  -0.6815 2   THR A C   
4   O O   . THR A 2  ? 1.5708 1.0850 2.9485 0.0307  0.3546  -0.6838 2   THR A O   
5   C CB  . THR A 2  ? 1.8452 1.1254 3.2786 0.1048  0.3118  -0.6817 2   THR A CB  
6   N N   . MET A 3  ? 1.5265 1.0998 2.9944 0.0780  0.3160  -0.7099 3   MET A N   
7   C CA  . MET A 3  ? 1.4129 1.1208 2.9066 0.0420  0.3412  -0.7459 3   MET A CA  
8   C C   . MET A 3  ? 1.3209 1.0609 2.7352 0.0235  0.3428  -0.7088 3   MET A C   
9   O O   . MET A 3  ? 1.3301 1.0064 2.6818 0.0438  0.3193  -0.6584 3   MET A O   
10  C CB  . MET A 3  ? 1.3848 1.1703 2.9521 0.0544  0.3306  -0.7819 3   MET A CB  
11  C CG  . MET A 3  ? 1.4597 1.2448 3.1190 0.0620  0.3389  -0.8343 3   MET A CG  
12  S SD  . MET A 3  ? 1.4848 1.2792 3.1583 0.0217  0.3818  -0.8727 3   MET A SD  
13  C CE  . MET A 3  ? 1.3904 1.3369 3.0993 -0.0199 0.4085  -0.9288 3   MET A CE  
14  N N   . ALA A 4  ? 1.2386 1.0767 2.6533 -0.0155 0.3693  -0.7352 4   ALA A N   
15  C CA  . ALA A 4  ? 1.1589 1.0274 2.5008 -0.0375 0.3751  -0.7052 4   ALA A CA  
16  C C   . ALA A 4  ? 1.0944 0.9941 2.4072 -0.0238 0.3513  -0.6786 4   ALA A C   
17  O O   . ALA A 4  ? 1.0646 0.9366 2.3094 -0.0214 0.3423  -0.6350 4   ALA A O   
18  C CB  . ALA A 4  ? 1.1039 1.0630 2.4519 -0.0813 0.4049  -0.7422 4   ALA A CB  
19  N N   . ILE A 5  ? 1.0765 1.0321 2.4395 -0.0165 0.3424  -0.7054 5   ILE A N   
20  C CA  . ILE A 5  ? 1.0137 1.0060 2.3501 -0.0099 0.3238  -0.6844 5   ILE A CA  
21  C C   . ILE A 5  ? 1.0451 0.9608 2.3565 0.0304  0.2901  -0.6385 5   ILE A C   
22  O O   . ILE A 5  ? 0.9925 0.9235 2.2621 0.0343  0.2755  -0.6099 5   ILE A O   
23  C CB  . ILE A 5  ? 0.9949 1.0646 2.3881 -0.0173 0.3260  -0.7275 5   ILE A CB  
24  C CG1 . ILE A 5  ? 1.0694 1.1184 2.5508 0.0100  0.3169  -0.7589 5   ILE A CG1 
25  C CG2 . ILE A 5  ? 0.9594 1.1021 2.3422 -0.0609 0.3544  -0.7633 5   ILE A CG2 
26  C CD1 . ILE A 5  ? 1.1134 1.0997 2.6113 0.0571  0.2795  -0.7300 5   ILE A CD1 
27  N N   . GLU A 6  ? 1.1396 0.9664 2.4684 0.0603  0.2756  -0.6296 6   GLU A N   
28  C CA  . GLU A 6  ? 1.2046 0.9441 2.4931 0.0990  0.2389  -0.5826 6   GLU A CA  
29  C C   . GLU A 6  ? 1.1901 0.8956 2.3821 0.0892  0.2385  -0.5343 6   GLU A C   
30  O O   . GLU A 6  ? 1.1399 0.8263 2.2925 0.1091  0.2115  -0.5000 6   GLU A O   
31  C CB  . GLU A 6  ? 1.3133 0.9448 2.6163 0.1283  0.2248  -0.5776 6   GLU A CB  
32  N N   . LYS A 7  ? 1.1895 0.8911 2.3464 0.0574  0.2687  -0.5342 7   LYS A N   
33  C CA  . LYS A 7  ? 1.1745 0.8558 2.2475 0.0428  0.2735  -0.4951 7   LYS A CA  
34  C C   . LYS A 7  ? 1.0616 0.8478 2.1237 0.0164  0.2862  -0.5026 7   LYS A C   
35  O O   . LYS A 7  ? 1.0607 0.8385 2.0613 0.0158  0.2785  -0.4679 7   LYS A O   
36  C CB  . LYS A 7  ? 1.1916 0.8214 2.2347 0.0191  0.3003  -0.4922 7   LYS A CB  
37  N N   . ILE A 8  ? 0.9516 0.8291 2.0642 -0.0067 0.3044  -0.5461 8   ILE A N   
38  C CA  . ILE A 8  ? 0.8526 0.8154 1.9439 -0.0304 0.3099  -0.5507 8   ILE A CA  
39  C C   . ILE A 8  ? 0.8674 0.8417 1.9563 -0.0082 0.2830  -0.5336 8   ILE A C   
40  O O   . ILE A 8  ? 0.8667 0.8476 1.9011 -0.0107 0.2753  -0.5037 8   ILE A O   
41  C CB  . ILE A 8  ? 0.8316 0.8733 1.9622 -0.0613 0.3311  -0.6004 8   ILE A CB  
42  C CG1 . ILE A 8  ? 0.8633 0.8964 2.0061 -0.0821 0.3563  -0.6214 8   ILE A CG1 
43  C CG2 . ILE A 8  ? 0.7611 0.8702 1.8504 -0.0852 0.3310  -0.6014 8   ILE A CG2 
44  C CD1 . ILE A 8  ? 0.9502 1.0242 2.1601 -0.0941 0.3706  -0.6749 8   ILE A CD1 
45  N N   . LEU A 9  ? 0.8597 0.8385 2.0118 0.0133  0.2687  -0.5547 9   LEU A N   
46  C CA  . LEU A 9  ? 0.8764 0.8740 2.0373 0.0325  0.2437  -0.5443 9   LEU A CA  
47  C C   . LEU A 9  ? 0.8497 0.7833 1.9537 0.0584  0.2175  -0.4935 9   LEU A C   
48  O O   . LEU A 9  ? 0.7949 0.7544 1.8711 0.0589  0.2059  -0.4755 9   LEU A O   
49  C CB  . LEU A 9  ? 0.8865 0.8896 2.1324 0.0560  0.2294  -0.5754 9   LEU A CB  
50  N N   . THR A 10 ? 0.9161 0.7584 1.9953 0.0785  0.2080  -0.4695 10  THR A N   
51  C CA  . THR A 10 ? 0.9392 0.7081 1.9479 0.0999  0.1830  -0.4199 10  THR A CA  
52  C C   . THR A 10 ? 0.8743 0.6672 1.8158 0.0727  0.2006  -0.3990 10  THR A C   
53  O O   . THR A 10 ? 0.8478 0.6305 1.7448 0.0830  0.1821  -0.3687 10  THR A O   
54  C CB  . THR A 10 ? 1.0482 0.6992 2.0231 0.1194  0.1728  -0.3967 10  THR A CB  
55  O OG1 . THR A 10 ? 1.2417 0.8893 2.2163 0.0899  0.2082  -0.4139 10  THR A OG1 
56  C CG2 . THR A 10 ? 1.1315 0.7425 2.1622 0.1562  0.1445  -0.4079 10  THR A CG2 
57  N N   . ASP A 11 ? 0.8538 0.6807 1.7902 0.0383  0.2349  -0.4167 11  ASP A N   
58  C CA  . ASP A 11 ? 0.8743 0.7272 1.7523 0.0121  0.2514  -0.4003 11  ASP A CA  
59  C C   . ASP A 11 ? 0.8111 0.7441 1.6877 0.0007  0.2484  -0.4061 11  ASP A C   
60  O O   . ASP A 11 ? 0.6599 0.5922 1.4853 0.0003  0.2412  -0.3781 11  ASP A O   
61  C CB  . ASP A 11 ? 0.7735 0.6471 1.6541 -0.0211 0.2853  -0.4221 11  ASP A CB  
62  C CG  . ASP A 11 ? 1.0270 0.8097 1.8808 -0.0179 0.2930  -0.4052 11  ASP A CG  
63  O OD1 . ASP A 11 ? 1.1383 0.8325 1.9577 0.0093  0.2691  -0.3723 11  ASP A OD1 
64  O OD2 . ASP A 11 ? 1.0494 0.8451 1.9118 -0.0444 0.3212  -0.4246 11  ASP A OD2 
65  N N   . ALA A 12 ? 0.6873 0.6822 1.6147 -0.0099 0.2535  -0.4422 12  ALA A N   
66  C CA  . ALA A 12 ? 0.6500 0.7042 1.5645 -0.0225 0.2497  -0.4470 12  ALA A CA  
67  C C   . ALA A 12 ? 0.6402 0.6797 1.5569 0.0059  0.2220  -0.4244 12  ALA A C   
68  O O   . ALA A 12 ? 0.5763 0.6356 1.4517 -0.0003 0.2168  -0.4070 12  ALA A O   
69  C CB  . ALA A 12 ? 0.6286 0.7365 1.5880 -0.0397 0.2614  -0.4914 12  ALA A CB  
70  N N   . LYS A 13 ? 0.6740 0.6758 1.6370 0.0382  0.2010  -0.4250 13  LYS A N   
71  C CA  . LYS A 13 ? 0.6826 0.6670 1.6480 0.0675  0.1684  -0.4038 13  LYS A CA  
72  C C   . LYS A 13 ? 0.6798 0.6119 1.5696 0.0769  0.1566  -0.3588 13  LYS A C   
73  O O   . LYS A 13 ? 0.6474 0.5897 1.5177 0.0853  0.1388  -0.3411 13  LYS A O   
74  C CB  . LYS A 13 ? 0.7528 0.6978 1.7760 0.1027  0.1419  -0.4123 13  LYS A CB  
75  N N   . THR A 14 ? 0.7090 0.5822 1.5553 0.0737  0.1675  -0.3418 14  THR A N   
76  C CA  . THR A 14 ? 0.8017 0.6168 1.5699 0.0788  0.1596  -0.3010 14  THR A CA  
77  C C   . THR A 14 ? 0.6473 0.5186 1.3786 0.0500  0.1800  -0.2970 14  THR A C   
78  O O   . THR A 14 ? 0.6265 0.4899 1.3169 0.0569  0.1665  -0.2719 14  THR A O   
79  C CB  . THR A 14 ? 0.8256 0.5560 1.5558 0.0775  0.1691  -0.2868 14  THR A CB  
80  O OG1 . THR A 14 ? 0.8841 0.5384 1.6262 0.1100  0.1412  -0.2788 14  THR A OG1 
81  C CG2 . THR A 14 ? 0.7951 0.4734 1.4392 0.0698  0.1715  -0.2496 14  THR A CG2 
82  N N   . LEU A 15 ? 0.6193 0.5435 1.3615 0.0182  0.2101  -0.3218 15  LEU A N   
83  C CA  . LEU A 15 ? 0.5330 0.5125 1.2403 -0.0099 0.2242  -0.3223 15  LEU A CA  
84  C C   . LEU A 15 ? 0.6395 0.6544 1.3454 -0.0039 0.2075  -0.3180 15  LEU A C   
85  O O   . LEU A 15 ? 0.5074 0.5257 1.1654 -0.0073 0.2037  -0.2960 15  LEU A O   
86  C CB  . LEU A 15 ? 0.5996 0.6265 1.3242 -0.0402 0.2456  -0.3560 15  LEU A CB  
87  C CG  . LEU A 15 ? 0.5749 0.6453 1.2507 -0.0694 0.2522  -0.3616 15  LEU A CG  
88  C CD1 . LEU A 15 ? 0.5512 0.6063 1.1653 -0.0724 0.2492  -0.3307 15  LEU A CD1 
89  C CD2 . LEU A 15 ? 0.4918 0.5835 1.1774 -0.0946 0.2689  -0.3917 15  LEU A CD2 
90  N N   . LEU A 16 ? 0.5057 0.5483 1.2660 0.0029  0.1996  -0.3415 16  LEU A N   
91  C CA  . LEU A 16 ? 0.4795 0.5549 1.2441 0.0056  0.1871  -0.3418 16  LEU A CA  
92  C C   . LEU A 16 ? 0.6058 0.6496 1.3571 0.0321  0.1613  -0.3113 16  LEU A C   
93  O O   . LEU A 16 ? 0.4815 0.5419 1.1990 0.0268  0.1576  -0.2969 16  LEU A O   
94  C CB  . LEU A 16 ? 0.6636 0.7687 1.4977 0.0090  0.1847  -0.3761 16  LEU A CB  
95  C CG  . LEU A 16 ? 0.6530 0.7969 1.4990 0.0042  0.1804  -0.3876 16  LEU A CG  
96  C CD1 . LEU A 16 ? 0.4471 0.6030 1.2144 -0.0164 0.1912  -0.3698 16  LEU A CD1 
97  C CD2 . LEU A 16 ? 0.6994 0.8312 1.5827 0.0336  0.1500  -0.3761 16  LEU A CD2 
98  N N   . GLU A 17 ? 0.5621 0.5509 1.3291 0.0617  0.1405  -0.2993 17  GLU A N   
99  C CA  . GLU A 17 ? 0.6084 0.5590 1.3540 0.0890  0.1079  -0.2708 17  GLU A CA  
100 C C   . GLU A 17 ? 0.6586 0.5782 1.3262 0.0819  0.1142  -0.2392 17  GLU A C   
101 O O   . GLU A 17 ? 0.5495 0.4694 1.1939 0.0901  0.0971  -0.2219 17  GLU A O   
102 C CB  . GLU A 17 ? 0.7253 0.6070 1.4862 0.1242  0.0765  -0.2615 17  GLU A CB  
103 C CG  . GLU A 17 ? 1.1022 0.9050 1.7980 0.1501  0.0431  -0.2204 17  GLU A CG  
104 C CD  . GLU A 17 ? 1.3239 1.1596 2.0289 0.1615  0.0148  -0.2144 17  GLU A CD  
105 O OE1 . GLU A 17 ? 1.4120 1.1884 2.0774 0.1870  -0.0216 -0.1865 17  GLU A OE1 
106 O OE2 . GLU A 17 ? 1.3105 1.2257 2.0567 0.1428  0.0287  -0.2374 17  GLU A OE2 
107 N N   . ARG A 18 ? 0.5507 0.4441 1.1808 0.0656  0.1386  -0.2339 18  ARG A N   
108 C CA  . ARG A 18 ? 0.6151 0.4829 1.1759 0.0559  0.1475  -0.2081 18  ARG A CA  
109 C C   . ARG A 18 ? 0.5744 0.5109 1.1249 0.0349  0.1605  -0.2132 18  ARG A C   
110 O O   . ARG A 18 ? 0.5909 0.5169 1.0992 0.0371  0.1549  -0.1923 18  ARG A O   
111 C CB  . ARG A 18 ? 0.5984 0.4308 1.1283 0.0378  0.1740  -0.2062 18  ARG A CB  
112 C CG  . ARG A 18 ? 0.7312 0.4666 1.2364 0.0561  0.1592  -0.1871 18  ARG A CG  
113 C CD  . ARG A 18 ? 0.8754 0.5848 1.3636 0.0327  0.1902  -0.1919 18  ARG A CD  
114 N NE  . ARG A 18 ? 1.0564 0.6643 1.5168 0.0470  0.1764  -0.1730 18  ARG A NE  
115 C CZ  . ARG A 18 ? 1.0983 0.6626 1.5379 0.0277  0.2003  -0.1720 18  ARG A CZ  
116 N NH1 . ARG A 18 ? 1.0100 0.6323 1.4611 -0.0042 0.2382  -0.1919 18  ARG A NH1 
117 N NH2 . ARG A 18 ? 1.2088 0.6709 1.6148 0.0400  0.1850  -0.1512 18  ARG A NH2 
118 N N   . LEU A 19 ? 0.4930 0.4892 1.0706 0.0139  0.1751  -0.2389 19  LEU A N   
119 C CA  . LEU A 19 ? 0.5227 0.5628 1.0679 -0.0046 0.1798  -0.2382 19  LEU A CA  
120 C C   . LEU A 19 ? 0.5061 0.5572 1.0638 0.0106  0.1600  -0.2298 19  LEU A C   
121 O O   . LEU A 19 ? 0.3658 0.4261 0.8826 0.0052  0.1587  -0.2142 19  LEU A O   
122 C CB  . LEU A 19 ? 0.3745 0.4525 0.9255 -0.0256 0.1916  -0.2647 19  LEU A CB  
123 C CG  . LEU A 19 ? 0.4169 0.4963 0.9363 -0.0467 0.2070  -0.2730 19  LEU A CG  
124 C CD1 . LEU A 19 ? 0.5366 0.6463 1.0729 -0.0602 0.2149  -0.3038 19  LEU A CD1 
125 C CD2 . LEU A 19 ? 0.4689 0.5508 0.9163 -0.0558 0.2049  -0.2530 19  LEU A CD2 
126 N N   . ARG A 20 ? 0.4304 0.4796 1.0461 0.0303  0.1417  -0.2406 20  ARG A N   
127 C CA  . ARG A 20 ? 0.4812 0.5447 1.1177 0.0433  0.1198  -0.2372 20  ARG A CA  
128 C C   . ARG A 20 ? 0.6304 0.6541 1.2303 0.0622  0.0996  -0.2072 20  ARG A C   
129 O O   . ARG A 20 ? 0.5488 0.5902 1.1304 0.0582  0.0956  -0.1981 20  ARG A O   
130 C CB  . ARG A 20 ? 0.4089 0.4795 1.1185 0.0611  0.0999  -0.2584 20  ARG A CB  
131 C CG  . ARG A 20 ? 0.5047 0.6211 1.2486 0.0395  0.1207  -0.2917 20  ARG A CG  
132 C CD  . ARG A 20 ? 0.5023 0.6311 1.3270 0.0557  0.1033  -0.3181 20  ARG A CD  
133 N NE  . ARG A 20 ? 0.6927 0.8638 1.5432 0.0333  0.1259  -0.3510 20  ARG A NE  
134 C CZ  . ARG A 20 ? 0.7726 0.9614 1.6942 0.0384  0.1237  -0.3841 20  ARG A CZ  
135 N NH1 . ARG A 20 ? 0.7299 0.9531 1.6646 0.0167  0.1479  -0.4139 20  ARG A NH1 
136 N NH2 . ARG A 20 ? 0.7257 0.8927 1.7002 0.0673  0.0965  -0.3867 20  ARG A NH2 
137 N N   . GLU A 21 ? 0.5862 0.5452 1.1643 0.0817  0.0863  -0.1904 21  GLU A N   
138 C CA  . GLU A 21 ? 0.6634 0.5673 1.1889 0.0986  0.0632  -0.1603 21  GLU A CA  
139 C C   . GLU A 21 ? 0.5773 0.4821 1.0446 0.0780  0.0896  -0.1472 21  GLU A C   
140 O O   . GLU A 21 ? 0.4957 0.3774 0.9251 0.0846  0.0759  -0.1280 21  GLU A O   
141 C CB  . GLU A 21 ? 0.7830 0.5971 1.2758 0.1212  0.0402  -0.1399 21  GLU A CB  
142 C CG  . GLU A 21 ? 1.0133 0.7889 1.4772 0.1065  0.0692  -0.1380 21  GLU A CG  
143 C CD  . GLU A 21 ? 1.2426 0.9195 1.6683 0.1274  0.0461  -0.1155 21  GLU A CD  
144 O OE1 . GLU A 21 ? 1.3391 0.9406 1.6844 0.1259  0.0426  -0.0843 21  GLU A OE1 
145 O OE2 . GLU A 21 ? 1.2710 0.9416 1.7419 0.1440  0.0321  -0.1280 21  GLU A OE2 
146 N N   . HIS A 22 ? 0.4721 0.4050 0.9315 0.0528  0.1246  -0.1586 22  HIS A N   
147 C CA  . HIS A 22 ? 0.4268 0.3665 0.8328 0.0341  0.1463  -0.1479 22  HIS A CA  
148 C C   . HIS A 22 ? 0.4614 0.4634 0.8658 0.0197  0.1498  -0.1522 22  HIS A C   
149 O O   . HIS A 22 ? 0.4284 0.4333 0.7892 0.0130  0.1543  -0.1381 22  HIS A O   
150 C CB  . HIS A 22 ? 0.4825 0.4184 0.8706 0.0131  0.1740  -0.1550 22  HIS A CB  
151 C CG  . HIS A 22 ? 0.8049 0.6662 1.1809 0.0226  0.1731  -0.1461 22  HIS A CG  
152 N ND1 . HIS A 22 ? 0.7722 0.6292 1.1656 0.0103  0.1913  -0.1607 22  HIS A ND1 
153 C CD2 . HIS A 22 ? 0.9388 0.7181 1.2757 0.0405  0.1516  -0.1200 22  HIS A CD2 
154 C CE1 . HIS A 22 ? 0.8593 0.6346 1.2266 0.0205  0.1840  -0.1438 22  HIS A CE1 
155 N NE2 . HIS A 22 ? 1.0093 0.7332 1.3354 0.0381  0.1582  -0.1166 22  HIS A NE2 
156 N N   . ASP A 23 ? 0.4234 0.4649 0.8654 0.0140  0.1467  -0.1700 23  ASP A N   
157 C CA  . ASP A 23 ? 0.3644 0.4411 0.7918 0.0032  0.1457  -0.1692 23  ASP A CA  
158 C C   . ASP A 23 ? 0.4664 0.5405 0.9109 0.0186  0.1272  -0.1593 23  ASP A C   
159 O O   . ASP A 23 ? 0.3924 0.4786 0.8056 0.0108  0.1290  -0.1482 23  ASP A O   
160 C CB  . ASP A 23 ? 0.3374 0.4431 0.7936 -0.0061 0.1507  -0.1920 23  ASP A CB  
161 C CG  . ASP A 23 ? 0.4544 0.5855 0.8994 -0.0138 0.1515  -0.1913 23  ASP A CG  
162 O OD1 . ASP A 23 ? 0.4542 0.5911 0.8414 -0.0246 0.1590  -0.1778 23  ASP A OD1 
163 O OD2 . ASP A 23 ? 0.4372 0.5809 0.9331 -0.0071 0.1425  -0.2028 23  ASP A OD2 
164 N N   . ALA A 24 ? 0.4368 0.4875 0.9243 0.0433  0.1034  -0.1615 24  ALA A N   
165 C CA  . ALA A 24 ? 0.3860 0.4216 0.8776 0.0618  0.0750  -0.1503 24  ALA A CA  
166 C C   . ALA A 24 ? 0.5060 0.4986 0.9338 0.0652  0.0778  -0.1270 24  ALA A C   
167 O O   . ALA A 24 ? 0.6064 0.6054 1.0089 0.0617  0.0684  -0.1156 24  ALA A O   
168 C CB  . ALA A 24 ? 0.3852 0.3894 0.9134 0.0905  0.0356  -0.1523 24  ALA A CB  
169 N N   . ALA A 25 ? 0.5391 0.4842 0.9229 0.0638  0.0890  -0.1160 25  ALA A N   
170 C CA  . ALA A 25 ? 0.5199 0.4262 0.8171 0.0540  0.0916  -0.0889 25  ALA A CA  
171 C C   . ALA A 25 ? 0.4267 0.3823 0.7053 0.0340  0.1155  -0.0904 25  ALA A C   
172 O O   . ALA A 25 ? 0.4658 0.4082 0.6945 0.0309  0.1076  -0.0731 25  ALA A O   
173 C CB  . ALA A 25 ? 0.4388 0.2955 0.7001 0.0477  0.1094  -0.0821 25  ALA A CB  
174 N N   . ALA A 26 ? 0.3673 0.3758 0.6778 0.0204  0.1418  -0.1098 26  ALA A N   
175 C CA  . ALA A 26 ? 0.3851 0.4249 0.6536 0.0017  0.1476  -0.1014 26  ALA A CA  
176 C C   . ALA A 26 ? 0.3664 0.4255 0.6516 0.0045  0.1369  -0.0987 26  ALA A C   
177 O O   . ALA A 26 ? 0.3365 0.3990 0.5852 -0.0016 0.1380  -0.0865 26  ALA A O   
178 C CB  . ALA A 26 ? 0.3446 0.4087 0.5995 -0.0130 0.1505  -0.1091 26  ALA A CB  
179 N N   . GLU A 27 ? 0.2991 0.3708 0.6425 0.0132  0.1244  -0.1118 27  GLU A N   
180 C CA  . GLU A 27 ? 0.3284 0.4193 0.6975 0.0134  0.1133  -0.1132 27  GLU A CA  
181 C C   . GLU A 27 ? 0.3711 0.4269 0.7074 0.0244  0.0895  -0.0959 27  GLU A C   
182 O O   . GLU A 27 ? 0.3239 0.3869 0.6428 0.0161  0.0887  -0.0888 27  GLU A O   
183 C CB  . GLU A 27 ? 0.2934 0.4020 0.7294 0.0197  0.0980  -0.1329 27  GLU A CB  
184 C CG  . GLU A 27 ? 0.5401 0.6710 1.0058 0.0143  0.0889  -0.1385 27  GLU A CG  
185 C CD  . GLU A 27 ? 0.6258 0.7813 1.1346 0.0056  0.0927  -0.1602 27  GLU A CD  
186 O OE1 . GLU A 27 ? 0.6031 0.7707 1.0850 -0.0135 0.1161  -0.1604 27  GLU A OE1 
187 O OE2 . GLU A 27 ? 0.6934 0.8528 1.2608 0.0211  0.0696  -0.1769 27  GLU A OE2 
188 N N   A SER A 28 ? 0.3601 0.3659 0.6677 0.0400  0.0660  -0.0851 28  SER A N   
189 N N   B SER A 28 ? 0.3606 0.3664 0.6683 0.0400  0.0658  -0.0851 28  SER A N   
190 N N   C SER A 28 ? 0.3573 0.3631 0.6647 0.0399  0.0661  -0.0851 28  SER A N   
191 C CA  A SER A 28 ? 0.3677 0.3300 0.6152 0.0461  0.0404  -0.0656 28  SER A CA  
192 C CA  B SER A 28 ? 0.3672 0.3298 0.6148 0.0461  0.0404  -0.0656 28  SER A CA  
193 C CA  C SER A 28 ? 0.3713 0.3335 0.6188 0.0462  0.0404  -0.0656 28  SER A CA  
194 C C   A SER A 28 ? 0.3595 0.3134 0.5424 0.0318  0.0631  -0.0522 28  SER A C   
195 C C   B SER A 28 ? 0.3586 0.3127 0.5417 0.0318  0.0632  -0.0523 28  SER A C   
196 C C   C SER A 28 ? 0.3636 0.3173 0.5465 0.0318  0.0630  -0.0523 28  SER A C   
197 O O   A SER A 28 ? 0.4145 0.3537 0.5599 0.0308  0.0515  -0.0433 28  SER A O   
198 O O   B SER A 28 ? 0.4136 0.3534 0.5594 0.0308  0.0516  -0.0433 28  SER A O   
199 O O   C SER A 28 ? 0.4077 0.3465 0.5529 0.0310  0.0512  -0.0432 28  SER A O   
200 C CB  A SER A 28 ? 0.4283 0.3309 0.6458 0.0649  0.0126  -0.0541 28  SER A CB  
201 C CB  B SER A 28 ? 0.4275 0.3303 0.6452 0.0650  0.0122  -0.0541 28  SER A CB  
202 C CB  C SER A 28 ? 0.4221 0.3245 0.6396 0.0649  0.0128  -0.0540 28  SER A CB  
203 O OG  A SER A 28 ? 0.4118 0.3196 0.6887 0.0847  -0.0213 -0.0662 28  SER A OG  
204 O OG  B SER A 28 ? 0.4134 0.2711 0.5574 0.0683  -0.0082 -0.0353 28  SER A OG  
205 O OG  C SER A 28 ? 0.3845 0.2604 0.5729 0.0593  0.0372  -0.0478 28  SER A OG  
206 N N   . LEU A 29 ? 0.3036 0.2691 0.4780 0.0214  0.0941  -0.0548 29  LEU A N   
207 C CA  . LEU A 29 ? 0.3215 0.2911 0.4504 0.0099  0.1143  -0.0481 29  LEU A CA  
208 C C   . LEU A 29 ? 0.2698 0.2741 0.4101 0.0033  0.1187  -0.0496 29  LEU A C   
209 O O   . LEU A 29 ? 0.2856 0.2799 0.3884 0.0013  0.1182  -0.0412 29  LEU A O   
210 C CB  . LEU A 29 ? 0.3468 0.3316 0.4761 0.0006  0.1433  -0.0566 29  LEU A CB  
211 C CG  . LEU A 29 ? 0.3987 0.3429 0.5101 0.0009  0.1487  -0.0548 29  LEU A CG  
212 C CD1 . LEU A 29 ? 0.4180 0.3922 0.5457 -0.0118 0.1725  -0.0699 29  LEU A CD1 
213 C CD2 . LEU A 29 ? 0.3356 0.2367 0.3821 -0.0021 0.1483  -0.0397 29  LEU A CD2 
214 N N   . VAL A 30 ? 0.2352 0.2771 0.4263 -0.0009 0.1255  -0.0608 30  VAL A N   
215 C CA  . VAL A 30 ? 0.2308 0.2962 0.4272 -0.0101 0.1332  -0.0589 30  VAL A CA  
216 C C   . VAL A 30 ? 0.2760 0.3170 0.4609 -0.0064 0.1096  -0.0515 30  VAL A C   
217 O O   . VAL A 30 ? 0.3379 0.3695 0.4908 -0.0096 0.1116  -0.0425 30  VAL A O   
218 C CB  . VAL A 30 ? 0.3410 0.4320 0.5683 -0.0183 0.1342  -0.0677 30  VAL A CB  
219 C CG1 . VAL A 30 ? 0.3591 0.4571 0.5851 -0.0283 0.1378  -0.0620 30  VAL A CG1 
220 C CG2 . VAL A 30 ? 0.2607 0.3579 0.4559 -0.0218 0.1373  -0.0666 30  VAL A CG2 
221 N N   . ASP A 31 ? 0.2632 0.2905 0.4714 0.0032  0.0835  -0.0567 31  ASP A N   
222 C CA  . ASP A 31 ? 0.2833 0.2915 0.4836 0.0067  0.0574  -0.0550 31  ASP A CA  
223 C C   . ASP A 31 ? 0.2822 0.2496 0.4113 0.0119  0.0494  -0.0423 31  ASP A C   
224 O O   . ASP A 31 ? 0.3377 0.2938 0.4467 0.0092  0.0420  -0.0408 31  ASP A O   
225 C CB  . ASP A 31 ? 0.3297 0.3381 0.5751 0.0185  0.0260  -0.0670 31  ASP A CB  
226 C CG  . ASP A 31 ? 0.6074 0.6628 0.9345 0.0091  0.0335  -0.0863 31  ASP A CG  
227 O OD1 . ASP A 31 ? 0.5606 0.6325 0.8978 -0.0079 0.0511  -0.0872 31  ASP A OD1 
228 O OD2 . ASP A 31 ? 0.6534 0.7270 1.0361 0.0183  0.0237  -0.1014 31  ASP A OD2 
229 N N   . GLN A 32 ? 0.2885 0.2328 0.3802 0.0168  0.0549  -0.0354 32  GLN A N   
230 C CA  . GLN A 32 ? 0.3484 0.2581 0.3724 0.0168  0.0579  -0.0263 32  GLN A CA  
231 C C   . GLN A 32 ? 0.3555 0.2835 0.3694 0.0088  0.0785  -0.0268 32  GLN A C   
232 O O   . GLN A 32 ? 0.4006 0.3114 0.3838 0.0094  0.0722  -0.0264 32  GLN A O   
233 C CB  . GLN A 32 ? 0.5407 0.4290 0.5351 0.0164  0.0730  -0.0209 32  GLN A CB  
234 C CG  . GLN A 32 ? 0.5709 0.4030 0.5121 0.0241  0.0541  -0.0104 32  GLN A CG  
235 C CD  . GLN A 32 ? 0.6090 0.4124 0.5118 0.0167  0.0790  -0.0039 32  GLN A CD  
236 O OE1 . GLN A 32 ? 0.5270 0.3398 0.4624 0.0149  0.0920  -0.0073 32  GLN A OE1 
237 N NE2 . GLN A 32 ? 0.4742 0.2390 0.3077 0.0111  0.0868  0.0033  32  GLN A NE2 
238 N N   . SER A 33 ? 0.3124 0.2740 0.3510 0.0029  0.1011  -0.0291 33  SER A N   
239 C CA  . SER A 33 ? 0.3946 0.3691 0.4193 0.0001  0.1155  -0.0280 33  SER A CA  
240 C C   . SER A 33 ? 0.2454 0.2210 0.2845 -0.0017 0.1071  -0.0257 33  SER A C   
241 O O   . SER A 33 ? 0.3276 0.2939 0.3463 0.0006  0.1085  -0.0238 33  SER A O   
242 C CB  . SER A 33 ? 0.2446 0.2535 0.2844 -0.0039 0.1368  -0.0314 33  SER A CB  
243 O OG  . SER A 33 ? 0.4311 0.4621 0.5059 -0.0089 0.1382  -0.0317 33  SER A OG  
244 N N   . ALA A 34 ? 0.2456 0.2316 0.3244 -0.0064 0.0997  -0.0281 34  ALA A N   
245 C CA  . ALA A 34 ? 0.2865 0.2687 0.3830 -0.0126 0.0940  -0.0279 34  ALA A CA  
246 C C   . ALA A 34 ? 0.3832 0.3340 0.4574 -0.0075 0.0722  -0.0316 34  ALA A C   
247 O O   . ALA A 34 ? 0.3317 0.2682 0.3981 -0.0099 0.0723  -0.0306 34  ALA A O   
248 C CB  . ALA A 34 ? 0.2449 0.2500 0.3979 -0.0216 0.0932  -0.0361 34  ALA A CB  
249 N N   . ALA A 35 ? 0.3752 0.3102 0.4339 0.0002  0.0526  -0.0361 35  ALA A N   
250 C CA  . ALA A 35 ? 0.4629 0.3666 0.4873 0.0049  0.0313  -0.0415 35  ALA A CA  
251 C C   . ALA A 35 ? 0.4628 0.3498 0.4392 0.0071  0.0458  -0.0395 35  ALA A C   
252 O O   . ALA A 35 ? 0.4235 0.2927 0.3847 0.0075  0.0390  -0.0467 35  ALA A O   
253 C CB  . ALA A 35 ? 0.3634 0.2471 0.3647 0.0143  0.0066  -0.0427 35  ALA A CB  
254 N N   . LEU A 36 ? 0.3719 0.2674 0.3313 0.0084  0.0666  -0.0340 36  LEU A N   
255 C CA  . LEU A 36 ? 0.4459 0.3363 0.3747 0.0107  0.0828  -0.0373 36  LEU A CA  
256 C C   . LEU A 36 ? 0.3874 0.2885 0.3389 0.0120  0.0885  -0.0367 36  LEU A C   
257 O O   . LEU A 36 ? 0.4271 0.3131 0.3635 0.0168  0.0883  -0.0442 36  LEU A O   
258 C CB  . LEU A 36 ? 0.3436 0.2488 0.2632 0.0095  0.1041  -0.0356 36  LEU A CB  
259 C CG  . LEU A 36 ? 0.5475 0.4576 0.4470 0.0112  0.1235  -0.0449 36  LEU A CG  
260 C CD1 . LEU A 36 ? 0.4693 0.3462 0.3227 0.0111  0.1208  -0.0540 36  LEU A CD1 
261 C CD2 . LEU A 36 ? 0.5365 0.4670 0.4411 0.0057  0.1408  -0.0457 36  LEU A CD2 
262 N N   . HIS A 37 ? 0.3809 0.3034 0.3657 0.0080  0.0943  -0.0280 37  HIS A N   
263 C CA  . HIS A 37 ? 0.3491 0.2698 0.3455 0.0087  0.0983  -0.0218 37  HIS A CA  
264 C C   . HIS A 37 ? 0.5028 0.3937 0.5032 0.0064  0.0845  -0.0270 37  HIS A C   
265 O O   . HIS A 37 ? 0.4480 0.3196 0.4392 0.0131  0.0843  -0.0291 37  HIS A O   
266 C CB  . HIS A 37 ? 0.3113 0.2524 0.3330 0.0000  0.1078  -0.0109 37  HIS A CB  
267 C CG  . HIS A 37 ? 0.3560 0.2814 0.3801 -0.0023 0.1115  0.0004  37  HIS A CG  
268 N ND1 . HIS A 37 ? 0.4391 0.3510 0.4867 -0.0165 0.1116  0.0037  37  HIS A ND1 
269 C CD2 . HIS A 37 ? 0.4109 0.3264 0.4157 0.0083  0.1141  0.0091  37  HIS A CD2 
270 C CE1 . HIS A 37 ? 0.4768 0.3644 0.5132 -0.0170 0.1173  0.0173  37  HIS A CE1 
271 N NE2 . HIS A 37 ? 0.5105 0.3985 0.5193 0.0005  0.1161  0.0219  37  HIS A NE2 
272 N N   . ARG A 38 ? 0.3957 0.2837 0.4156 -0.0021 0.0710  -0.0324 38  ARG A N   
273 C CA  . ARG A 38 ? 0.5381 0.4017 0.5680 -0.0067 0.0561  -0.0428 38  ARG A CA  
274 C C   . ARG A 38 ? 0.4921 0.3312 0.4834 0.0029  0.0487  -0.0555 38  ARG A C   
275 O O   . ARG A 38 ? 0.5362 0.3518 0.5296 0.0034  0.0458  -0.0631 38  ARG A O   
276 C CB  . ARG A 38 ? 0.4820 0.3548 0.5421 -0.0145 0.0373  -0.0529 38  ARG A CB  
277 C CG  . ARG A 38 ? 0.5676 0.4226 0.6516 -0.0232 0.0224  -0.0678 38  ARG A CG  
278 C CD  . ARG A 38 ? 0.6482 0.5126 0.7514 -0.0236 -0.0069 -0.0851 38  ARG A CD  
279 N NE  . ARG A 38 ? 0.8655 0.7630 1.0284 -0.0330 -0.0046 -0.0863 38  ARG A NE  
280 C CZ  . ARG A 38 ? 1.0347 0.9428 1.2526 -0.0516 0.0075  -0.0911 38  ARG A CZ  
281 N NH1 . ARG A 38 ? 1.0759 0.9567 1.2939 -0.0620 0.0162  -0.0922 38  ARG A NH1 
282 N NH2 . ARG A 38 ? 1.0028 0.9466 1.2772 -0.0607 0.0135  -0.0965 38  ARG A NH2 
283 N N   . ARG A 39 ? 0.4383 0.2796 0.3931 0.0093  0.0485  -0.0590 39  ARG A N   
284 C CA  . ARG A 39 ? 0.4643 0.2829 0.3779 0.0150  0.0460  -0.0743 39  ARG A CA  
285 C C   . ARG A 39 ? 0.5052 0.3238 0.4183 0.0234  0.0639  -0.0775 39  ARG A C   
286 O O   . ARG A 39 ? 0.5775 0.3752 0.4835 0.0276  0.0611  -0.0929 39  ARG A O   
287 C CB  . ARG A 39 ? 0.4811 0.2949 0.3478 0.0161  0.0456  -0.0753 39  ARG A CB  
288 C CG  . ARG A 39 ? 0.6471 0.4454 0.4656 0.0192  0.0595  -0.0894 39  ARG A CG  
289 C CD  . ARG A 39 ? 0.7644 0.5346 0.5567 0.0189  0.0414  -0.1086 39  ARG A CD  
290 N NE  . ARG A 39 ? 0.8289 0.5830 0.5955 0.0165  0.0127  -0.1082 39  ARG A NE  
291 C CZ  . ARG A 39 ? 1.0074 0.7419 0.7122 0.0163  0.0085  -0.1042 39  ARG A CZ  
292 N NH1 . ARG A 39 ? 1.0212 0.7493 0.6828 0.0136  0.0373  -0.1021 39  ARG A NH1 
293 N NH2 . ARG A 39 ? 1.0780 0.7967 0.7630 0.0186  -0.0257 -0.1035 39  ARG A NH2 
294 N N   . VAL A 40 ? 0.5252 0.3681 0.4503 0.0276  0.0797  -0.0658 40  VAL A N   
295 C CA  . VAL A 40 ? 0.5116 0.3587 0.4425 0.0401  0.0906  -0.0706 40  VAL A CA  
296 C C   . VAL A 40 ? 0.6177 0.4420 0.5718 0.0443  0.0825  -0.0650 40  VAL A C   
297 O O   . VAL A 40 ? 0.5662 0.3732 0.5222 0.0560  0.0819  -0.0771 40  VAL A O   
298 C CB  . VAL A 40 ? 0.5325 0.4149 0.4720 0.0441  0.1042  -0.0621 40  VAL A CB  
299 C CG1 . VAL A 40 ? 0.4630 0.3540 0.4178 0.0615  0.1074  -0.0666 40  VAL A CG1 
300 C CG2 . VAL A 40 ? 0.4293 0.3254 0.3458 0.0385  0.1171  -0.0713 40  VAL A CG2 
301 N N   . ALA A 41 ? 0.5582 0.3781 0.5314 0.0335  0.0779  -0.0482 41  ALA A N   
302 C CA  . ALA A 41 ? 0.5381 0.3270 0.5286 0.0325  0.0746  -0.0398 41  ALA A CA  
303 C C   . ALA A 41 ? 0.5820 0.3378 0.5763 0.0292  0.0636  -0.0594 41  ALA A C   
304 O O   . ALA A 41 ? 0.7035 0.4257 0.7056 0.0362  0.0619  -0.0618 41  ALA A O   
305 C CB  . ALA A 41 ? 0.5086 0.3022 0.5180 0.0158  0.0792  -0.0202 41  ALA A CB  
306 N N   . ALA A 42 ? 0.5458 0.3073 0.5331 0.0198  0.0536  -0.0746 42  ALA A N   
307 C CA  . ALA A 42 ? 0.6811 0.4149 0.6674 0.0162  0.0403  -0.0983 42  ALA A CA  
308 C C   . ALA A 42 ? 0.7603 0.4820 0.7204 0.0311  0.0443  -0.1192 42  ALA A C   
309 O O   . ALA A 42 ? 0.8435 0.5348 0.8109 0.0328  0.0389  -0.1379 42  ALA A O   
310 C CB  . ALA A 42 ? 0.5198 0.2649 0.5001 0.0055  0.0228  -0.1095 42  ALA A CB  
311 N N   . MET A 43 ? 0.7454 0.4906 0.6797 0.0403  0.0564  -0.1201 43  MET A N   
312 C CA  . MET A 43 ? 0.7964 0.5368 0.7162 0.0536  0.0666  -0.1431 43  MET A CA  
313 C C   . MET A 43 ? 0.8172 0.5431 0.7707 0.0696  0.0689  -0.1402 43  MET A C   
314 O O   . MET A 43 ? 0.8621 0.5657 0.8221 0.0796  0.0686  -0.1637 43  MET A O   
315 C CB  . MET A 43 ? 0.7381 0.5101 0.6326 0.0564  0.0843  -0.1454 43  MET A CB  
316 C CG  . MET A 43 ? 0.8758 0.6450 0.7185 0.0443  0.0850  -0.1547 43  MET A CG  
317 S SD  . MET A 43 ? 0.8558 0.6545 0.6724 0.0391  0.1070  -0.1439 43  MET A SD  
318 C CE  . MET A 43 ? 1.0428 0.8742 0.8793 0.0489  0.1260  -0.1628 43  MET A CE  
319 N N   A ARG A 44 ? 0.8619 0.5971 0.8340 0.0735  0.0696  -0.1121 44  ARG A N   
320 N N   B ARG A 44 ? 0.8611 0.5959 0.8331 0.0734  0.0696  -0.1121 44  ARG A N   
321 C CA  A ARG A 44 ? 0.8684 0.5822 0.8627 0.0915  0.0668  -0.1032 44  ARG A CA  
322 C CA  B ARG A 44 ? 0.8695 0.5832 0.8638 0.0917  0.0667  -0.1036 44  ARG A CA  
323 C C   A ARG A 44 ? 0.9472 0.6076 0.9565 0.0867  0.0576  -0.1044 44  ARG A C   
324 C C   B ARG A 44 ? 0.9465 0.6068 0.9558 0.0867  0.0575  -0.1045 44  ARG A C   
325 O O   A ARG A 44 ? 0.9824 0.6128 1.0054 0.1035  0.0541  -0.1188 44  ARG A O   
326 O O   B ARG A 44 ? 0.9824 0.6122 1.0055 0.1034  0.0540  -0.1187 44  ARG A O   
327 C CB  A ARG A 44 ? 0.8228 0.5534 0.8196 0.0937  0.0678  -0.0705 44  ARG A CB  
328 C CB  B ARG A 44 ? 0.8246 0.5554 0.8215 0.0943  0.0678  -0.0713 44  ARG A CB  
329 C CG  A ARG A 44 ? 0.8660 0.5599 0.8728 0.1100  0.0596  -0.0512 44  ARG A CG  
330 C CG  B ARG A 44 ? 0.8663 0.5766 0.8748 0.1189  0.0604  -0.0604 44  ARG A CG  
331 C CD  A ARG A 44 ? 0.8377 0.5568 0.8357 0.1197  0.0589  -0.0262 44  ARG A CD  
332 C CD  B ARG A 44 ? 0.8599 0.5586 0.8584 0.1148  0.0581  -0.0227 44  ARG A CD  
333 N NE  A ARG A 44 ? 0.7484 0.4711 0.7334 0.0968  0.0657  0.0002  44  ARG A NE  
334 N NE  B ARG A 44 ? 0.8674 0.5335 0.8654 0.0884  0.0620  -0.0087 44  ARG A NE  
335 C CZ  A ARG A 44 ? 0.7233 0.4429 0.6918 0.0999  0.0650  0.0284  44  ARG A CZ  
336 C CZ  B ARG A 44 ? 0.6619 0.3511 0.6564 0.0653  0.0708  0.0029  44  ARG A CZ  
337 N NH1 A ARG A 44 ? 0.7052 0.4160 0.6659 0.1276  0.0520  0.0365  44  ARG A NH1 
338 N NH1 B ARG A 44 ? 0.6549 0.3944 0.6412 0.0655  0.0761  0.0044  44  ARG A NH1 
339 N NH2 A ARG A 44 ? 0.7356 0.4618 0.6946 0.0762  0.0764  0.0466  44  ARG A NH2 
340 N NH2 B ARG A 44 ? 0.6357 0.2992 0.6412 0.0414  0.0752  0.0094  44  ARG A NH2 
341 N N   . GLU A 45 ? 0.9074 0.5560 0.9208 0.0634  0.0543  -0.0928 45  GLU A N   
342 C CA  . GLU A 45 ? 1.0219 0.6202 1.0556 0.0532  0.0486  -0.0961 45  GLU A CA  
343 C C   . GLU A 45 ? 1.1009 0.6824 1.1352 0.0545  0.0417  -0.1357 45  GLU A C   
344 O O   . GLU A 45 ? 1.1423 0.6775 1.1952 0.0581  0.0384  -0.1464 45  GLU A O   
345 C CB  . GLU A 45 ? 0.9030 0.5038 0.9509 0.0249  0.0492  -0.0820 45  GLU A CB  
346 N N   . ALA A 46 ? 1.0487 0.6624 1.0576 0.0516  0.0401  -0.1576 46  ALA A N   
347 C CA  . ALA A 46 ? 1.0626 0.6618 1.0595 0.0531  0.0353  -0.1974 46  ALA A CA  
348 C C   . ALA A 46 ? 1.0890 0.6874 1.0815 0.0763  0.0442  -0.2120 46  ALA A C   
349 O O   . ALA A 46 ? 1.2427 0.8314 1.2214 0.0773  0.0425  -0.2381 46  ALA A O   
350 C CB  . ALA A 46 ? 1.0266 0.6546 0.9820 0.0427  0.0303  -0.2117 46  ALA A CB  
351 N N   . GLY A 47 ? 1.0010 0.6148 1.0054 0.0945  0.0529  -0.1958 47  GLY A N   
352 C CA  . GLY A 47 ? 1.1171 0.7350 1.1306 0.1185  0.0570  -0.2060 47  GLY A CA  
353 C C   . GLY A 47 ? 1.2043 0.7805 1.2463 0.1346  0.0481  -0.1880 47  GLY A C   
354 O O   . GLY A 47 ? 1.2735 0.8526 1.3292 0.1579  0.0493  -0.1952 47  GLY A O   
355 N N   . THR A 48 ? 1.2661 0.8032 1.3164 0.1213  0.0404  -0.1635 48  THR A N   
356 C CA  . THR A 48 ? 1.3546 0.8408 1.4178 0.1331  0.0328  -0.1385 48  THR A CA  
357 C C   . THR A 48 ? 1.2903 0.7290 1.3586 0.1232  0.0288  -0.1520 48  THR A C   
358 O O   . THR A 48 ? 1.4160 0.8231 1.4921 0.1424  0.0262  -0.1564 48  THR A O   
359 C CB  . THR A 48 ? 1.4297 0.8996 1.4920 0.1200  0.0331  -0.0968 48  THR A CB  
360 O OG1 . THR A 48 ? 1.3908 0.8940 1.4476 0.1380  0.0357  -0.0788 48  THR A OG1 
361 C CG2 . THR A 48 ? 1.5070 0.9099 1.5679 0.1190  0.0259  -0.0709 48  THR A CG2 
362 N N   . SER B 1  ? 1.5577 1.4102 2.8773 0.0558  0.3988  -0.9643 163 SER B N   
363 C CA  . SER B 1  ? 1.5859 1.4184 2.7982 0.0366  0.4102  -0.9757 163 SER B CA  
364 C C   . SER B 1  ? 1.5104 1.3265 2.6430 0.0230  0.3764  -0.9231 163 SER B C   
365 O O   . SER B 1  ? 1.4314 1.2802 2.5486 0.0148  0.3731  -0.8886 163 SER B O   
366 C CB  . SER B 1  ? 1.6169 1.4926 2.7813 0.0194  0.4642  -1.0102 163 SER B CB  
367 O OG  . SER B 1  ? 1.6547 1.5104 2.7140 0.0029  0.4693  -1.0243 163 SER B OG  
368 N N   . THR B 2  ? 1.5400 1.3033 2.6241 0.0197  0.3526  -0.9180 164 THR B N   
369 C CA  . THR B 2  ? 1.4770 1.2230 2.4884 0.0061  0.3236  -0.8701 164 THR B CA  
370 C C   . THR B 2  ? 1.4483 1.2320 2.3732 -0.0201 0.3451  -0.8725 164 THR B C   
371 O O   . THR B 2  ? 1.3753 1.1693 2.2532 -0.0307 0.3294  -0.8311 164 THR B O   
372 C CB  . THR B 2  ? 1.5263 1.2005 2.5158 0.0077  0.2943  -0.8634 164 THR B CB  
373 O OG1 . THR B 2  ? 1.6015 1.2647 2.5591 -0.0048 0.3138  -0.9102 164 THR B OG1 
374 C CG2 . THR B 2  ? 1.5698 1.1969 2.6352 0.0357  0.2706  -0.8591 164 THR B CG2 
375 N N   . MET B 3  ? 1.5125 1.3142 2.4099 -0.0289 0.3797  -0.9206 165 MET B N   
376 C CA  . MET B 3  ? 1.5017 1.3327 2.3061 -0.0511 0.3959  -0.9232 165 MET B CA  
377 C C   . MET B 3  ? 1.4601 1.3437 2.2581 -0.0552 0.4245  -0.9137 165 MET B C   
378 O O   . MET B 3  ? 1.4503 1.3559 2.1653 -0.0716 0.4356  -0.9086 165 MET B O   
379 C CB  . MET B 3  ? 1.6051 1.4231 2.3622 -0.0580 0.4155  -0.9778 165 MET B CB  
380 C CG  . MET B 3  ? 1.6571 1.4184 2.4314 -0.0550 0.3894  -0.9912 165 MET B CG  
381 S SD  . MET B 3  ? 1.6251 1.3695 2.3177 -0.0796 0.3564  -0.9644 165 MET B SD  
382 C CE  . MET B 3  ? 1.6613 1.4482 2.2540 -0.0965 0.3817  -0.9951 165 MET B CE  
383 N N   . GLU B 4  ? 1.4453 1.3470 2.3290 -0.0408 0.4365  -0.9130 166 GLU B N   
384 C CA  . GLU B 4  ? 1.3899 1.3347 2.2820 -0.0459 0.4548  -0.8917 166 GLU B CA  
385 C C   . GLU B 4  ? 1.2902 1.2344 2.2064 -0.0427 0.4166  -0.8367 166 GLU B C   
386 O O   . GLU B 4  ? 1.2353 1.2094 2.1366 -0.0513 0.4245  -0.8119 166 GLU B O   
387 C CB  . GLU B 4  ? 1.4317 1.4006 2.4109 -0.0344 0.4905  -0.9228 166 GLU B CB  
388 N N   . GLN B 5  ? 1.2768 1.1818 2.2221 -0.0295 0.3760  -0.8172 167 GLN B N   
389 C CA  . GLN B 5  ? 1.2012 1.0950 2.1606 -0.0217 0.3371  -0.7658 167 GLN B CA  
390 C C   . GLN B 5  ? 1.1576 1.0373 2.0246 -0.0368 0.3176  -0.7319 167 GLN B C   
391 O O   . GLN B 5  ? 1.0873 0.9819 1.9324 -0.0405 0.3053  -0.6937 167 GLN B O   
392 C CB  . GLN B 5  ? 1.2306 1.0798 2.2556 0.0028  0.3042  -0.7612 167 GLN B CB  
393 C CG  . GLN B 5  ? 1.1959 0.9992 2.1869 0.0100  0.2586  -0.7114 167 GLN B CG  
394 C CD  . GLN B 5  ? 1.2292 0.9906 2.2864 0.0377  0.2255  -0.7020 167 GLN B CD  
395 O OE1 . GLN B 5  ? 1.2997 1.0411 2.4085 0.0499  0.2305  -0.7355 167 GLN B OE1 
396 N NE2 . GLN B 5  ? 1.1870 0.9321 2.2396 0.0490  0.1901  -0.6575 167 GLN B NE2 
397 N N   . LEU B 6  ? 1.2037 1.0548 2.0212 -0.0457 0.3148  -0.7481 168 LEU B N   
398 C CA  . LEU B 6  ? 1.1818 1.0348 1.9129 -0.0660 0.3094  -0.7344 168 LEU B CA  
399 C C   . LEU B 6  ? 1.1551 1.0572 1.8404 -0.0800 0.3308  -0.7281 168 LEU B C   
400 O O   . LEU B 6  ? 1.0719 0.9839 1.7312 -0.0842 0.3161  -0.6883 168 LEU B O   
401 C CB  . LEU B 6  ? 1.2596 1.0939 1.9563 -0.0766 0.3174  -0.7749 168 LEU B CB  
402 C CG  . LEU B 6  ? 1.2561 1.0718 1.8890 -0.0941 0.2974  -0.7629 168 LEU B CG  
403 C CD1 . LEU B 6  ? 1.2497 1.0109 1.9010 -0.0881 0.2653  -0.7318 168 LEU B CD1 
404 C CD2 . LEU B 6  ? 1.3422 1.1530 1.9454 -0.1046 0.3109  -0.8141 168 LEU B CD2 
405 N N   . SER B 7  ? 1.1958 1.1224 1.8631 -0.0865 0.3661  -0.7675 169 SER B N   
406 C CA  . SER B 7  ? 1.2016 1.1638 1.8036 -0.1004 0.3887  -0.7644 169 SER B CA  
407 C C   . SER B 7  ? 1.1085 1.0935 1.7404 -0.0979 0.3885  -0.7270 169 SER B C   
408 O O   . SER B 7  ? 1.0781 1.0826 1.6511 -0.1092 0.3940  -0.7070 169 SER B O   
409 C CB  . SER B 7  ? 1.2747 1.2504 1.8544 -0.1021 0.4308  -0.8115 169 SER B CB  
410 O OG  . SER B 7  ? 1.2999 1.2910 1.7764 -0.1156 0.4428  -0.8133 169 SER B OG  
411 N N   . GLN B 8  ? 1.0830 1.0628 1.8058 -0.0820 0.3787  -0.7178 170 GLN B N   
412 C CA  . GLN B 8  ? 1.0115 1.0080 1.7690 -0.0784 0.3697  -0.6822 170 GLN B CA  
413 C C   . GLN B 8  ? 0.9451 0.9228 1.6688 -0.0770 0.3298  -0.6363 170 GLN B C   
414 O O   . GLN B 8  ? 0.8940 0.8878 1.5813 -0.0851 0.3280  -0.6087 170 GLN B O   
415 C CB  . GLN B 8  ? 1.0155 1.0142 1.8835 -0.0603 0.3669  -0.6903 170 GLN B CB  
416 N N   . TYR B 9  ? 0.9543 0.8925 1.6863 -0.0661 0.2994  -0.6274 171 TYR B N   
417 C CA  . TYR B 9  ? 0.9088 0.8198 1.6000 -0.0643 0.2650  -0.5844 171 TYR B CA  
418 C C   . TYR B 9  ? 0.9689 0.8969 1.5786 -0.0846 0.2710  -0.5749 171 TYR B C   
419 O O   . TYR B 9  ? 0.8280 0.7617 1.4089 -0.0864 0.2582  -0.5401 171 TYR B O   
420 C CB  . TYR B 9  ? 0.9513 0.8081 1.6442 -0.0554 0.2409  -0.5831 171 TYR B CB  
421 C CG  . TYR B 9  ? 0.9724 0.7957 1.7284 -0.0310 0.2182  -0.5745 171 TYR B CG  
422 C CD1 . TYR B 9  ? 0.9679 0.8118 1.7766 -0.0171 0.2107  -0.5612 171 TYR B CD1 
423 C CD2 . TYR B 9  ? 1.0545 0.8215 1.8165 -0.0222 0.2013  -0.5798 171 TYR B CD2 
424 C CE1 . TYR B 9  ? 1.0750 0.8882 1.9416 0.0066  0.1840  -0.5551 171 TYR B CE1 
425 C CE2 . TYR B 9  ? 1.0694 0.7991 1.8820 0.0016  0.1775  -0.5719 171 TYR B CE2 
426 C CZ  . TYR B 9  ? 1.1879 0.9422 2.0519 0.0168  0.1671  -0.5596 171 TYR B CZ  
427 O OH  . TYR B 9  ? 1.3081 1.0255 2.2226 0.0417  0.1382  -0.5529 171 TYR B OH  
428 N N   . LEU B 10 ? 0.9331 0.8682 1.5043 -0.0987 0.2878  -0.6074 172 LEU B N   
429 C CA  . LEU B 10 ? 0.9216 0.8729 1.4164 -0.1166 0.2879  -0.6021 172 LEU B CA  
430 C C   . LEU B 10 ? 0.9142 0.9017 1.3791 -0.1232 0.3057  -0.5917 172 LEU B C   
431 O O   . LEU B 10 ? 0.8434 0.8390 1.2683 -0.1289 0.2934  -0.5620 172 LEU B O   
432 C CB  . LEU B 10 ? 0.9946 0.9446 1.4539 -0.1280 0.2978  -0.6435 172 LEU B CB  
433 C CG  . LEU B 10 ? 1.0093 0.9289 1.4555 -0.1346 0.2732  -0.6417 172 LEU B CG  
434 C CD1 . LEU B 10 ? 1.0220 0.8956 1.5265 -0.1201 0.2588  -0.6341 172 LEU B CD1 
435 C CD2 . LEU B 10 ? 1.1076 1.0319 1.5125 -0.1480 0.2799  -0.6849 172 LEU B CD2 
436 N N   . GLN B 11 ? 0.9267 0.9326 1.4089 -0.1224 0.3365  -0.6161 173 GLN B N   
437 C CA  . GLN B 11 ? 0.9214 0.9530 1.3701 -0.1291 0.3574  -0.6050 173 GLN B CA  
438 C C   . GLN B 11 ? 0.8349 0.8684 1.3192 -0.1232 0.3418  -0.5647 173 GLN B C   
439 O O   . GLN B 11 ? 0.8082 0.8543 1.2481 -0.1302 0.3454  -0.5433 173 GLN B O   
440 C CB  . GLN B 11 ? 0.9754 1.0199 1.4437 -0.1280 0.3977  -0.6371 173 GLN B CB  
441 C CG  . GLN B 11 ? 1.1248 1.1728 1.5129 -0.1352 0.4202  -0.6708 173 GLN B CG  
442 C CD  . GLN B 11 ? 1.1826 1.2458 1.4758 -0.1432 0.4342  -0.6554 173 GLN B CD  
443 O OE1 . GLN B 11 ? 1.1768 1.2393 1.3836 -0.1487 0.4245  -0.6619 173 GLN B OE1 
444 N NE2 . GLN B 11 ? 1.1664 1.2412 1.4755 -0.1426 0.4548  -0.6344 173 GLN B NE2 
445 N N   . GLU B 12 ? 0.8064 0.8243 1.3652 -0.1081 0.3219  -0.5539 174 GLU B N   
446 C CA  . GLU B 12 ? 0.7421 0.7580 1.3301 -0.0991 0.3013  -0.5172 174 GLU B CA  
447 C C   . GLU B 12 ? 0.7014 0.6969 1.2400 -0.0973 0.2693  -0.4829 174 GLU B C   
448 O O   . GLU B 12 ? 0.6852 0.6831 1.2107 -0.0952 0.2578  -0.4526 174 GLU B O   
449 C CB  . GLU B 12 ? 0.7416 0.7480 1.4225 -0.0799 0.2880  -0.5190 174 GLU B CB  
450 C CG  . GLU B 12 ? 0.7697 0.7360 1.4592 -0.0633 0.2524  -0.5065 174 GLU B CG  
451 C CD  . GLU B 12 ? 0.9657 0.9205 1.7377 -0.0413 0.2315  -0.5032 174 GLU B CD  
452 N N   . ALA B 13 ? 0.7261 0.6994 1.2372 -0.0990 0.2569  -0.4887 175 ALA B N   
453 C CA  . ALA B 13 ? 0.6984 0.6546 1.1581 -0.1025 0.2343  -0.4605 175 ALA B CA  
454 C C   . ALA B 13 ? 0.7383 0.7242 1.1366 -0.1196 0.2452  -0.4586 175 ALA B C   
455 O O   . ALA B 13 ? 0.6411 0.6255 1.0091 -0.1202 0.2311  -0.4290 175 ALA B O   
456 C CB  . ALA B 13 ? 0.7390 0.6634 1.1909 -0.1044 0.2227  -0.4712 175 ALA B CB  
457 N N   . LEU B 14 ? 0.7259 0.7355 1.0982 -0.1318 0.2687  -0.4898 176 LEU B N   
458 C CA  . LEU B 14 ? 0.7254 0.7590 1.0285 -0.1444 0.2751  -0.4858 176 LEU B CA  
459 C C   . LEU B 14 ? 0.7868 0.8302 1.0904 -0.1413 0.2827  -0.4609 176 LEU B C   
460 O O   . LEU B 14 ? 0.7189 0.7690 0.9779 -0.1451 0.2731  -0.4379 176 LEU B O   
461 C CB  . LEU B 14 ? 0.7990 0.8475 1.0586 -0.1531 0.2961  -0.5223 176 LEU B CB  
462 C CG  . LEU B 14 ? 0.8414 0.8828 1.0816 -0.1599 0.2831  -0.5472 176 LEU B CG  
463 C CD1 . LEU B 14 ? 0.9221 0.9611 1.1629 -0.1597 0.3047  -0.5910 176 LEU B CD1 
464 C CD2 . LEU B 14 ? 0.8466 0.9050 1.0162 -0.1703 0.2670  -0.5423 176 LEU B CD2 
465 N N   . HIS B 15 ? 0.6885 0.7326 1.0475 -0.1345 0.2994  -0.4664 177 HIS B N   
466 C CA  . HIS B 15 ? 0.7067 0.7570 1.0758 -0.1328 0.3068  -0.4448 177 HIS B CA  
467 C C   . HIS B 15 ? 0.6951 0.7310 1.0780 -0.1232 0.2761  -0.4095 177 HIS B C   
468 O O   . HIS B 15 ? 0.5651 0.6040 0.9118 -0.1258 0.2728  -0.3871 177 HIS B O   
469 C CB  . HIS B 15 ? 0.6734 0.7283 1.1163 -0.1280 0.3287  -0.4604 177 HIS B CB  
470 C CG  . HIS B 15 ? 0.7110 0.7695 1.1797 -0.1267 0.3350  -0.4397 177 HIS B CG  
471 N ND1 . HIS B 15 ? 0.7499 0.8042 1.3045 -0.1150 0.3179  -0.4294 177 HIS B ND1 
472 C CD2 . HIS B 15 ? 0.7999 0.8643 1.2179 -0.1338 0.3533  -0.4256 177 HIS B CD2 
473 C CE1 . HIS B 15 ? 0.7917 0.8489 1.3554 -0.1179 0.3268  -0.4139 177 HIS B CE1 
474 N NE2 . HIS B 15 ? 0.8003 0.8612 1.2798 -0.1288 0.3502  -0.4099 177 HIS B NE2 
475 N N   . ARG B 16 ? 0.6411 0.6564 1.0667 -0.1092 0.2524  -0.4025 178 ARG B N   
476 C CA  . ARG B 16 ? 0.6166 0.6103 1.0413 -0.0953 0.2219  -0.3668 178 ARG B CA  
477 C C   . ARG B 16 ? 0.5748 0.5631 0.9310 -0.1031 0.2110  -0.3499 178 ARG B C   
478 O O   . ARG B 16 ? 0.5830 0.5603 0.9196 -0.0966 0.1950  -0.3213 178 ARG B O   
479 C CB  . ARG B 16 ? 0.6439 0.6047 1.1060 -0.0766 0.1963  -0.3606 178 ARG B CB  
480 C CG  . ARG B 16 ? 0.6522 0.5776 1.0979 -0.0596 0.1606  -0.3227 178 ARG B CG  
481 C CD  . ARG B 16 ? 0.6192 0.5574 1.0833 -0.0527 0.1550  -0.3059 178 ARG B CD  
482 N NE  . ARG B 16 ? 0.5879 0.5451 1.1335 -0.0460 0.1605  -0.3228 178 ARG B NE  
483 C CZ  . ARG B 16 ? 0.6236 0.6099 1.2135 -0.0503 0.1749  -0.3268 178 ARG B CZ  
484 N NH1 . ARG B 16 ? 0.5924 0.5977 1.2689 -0.0472 0.1814  -0.3467 178 ARG B NH1 
485 N NH2 . ARG B 16 ? 0.4459 0.4390 1.0001 -0.0577 0.1813  -0.3109 178 ARG B NH2 
486 N N   . GLU B 17 ? 0.5471 0.5448 0.8694 -0.1169 0.2186  -0.3694 179 GLU B N   
487 C CA  . GLU B 17 ? 0.6385 0.6386 0.9084 -0.1258 0.2075  -0.3575 179 GLU B CA  
488 C C   . GLU B 17 ? 0.6464 0.6730 0.8707 -0.1348 0.2164  -0.3525 179 GLU B C   
489 O O   . GLU B 17 ? 0.5865 0.6145 0.7778 -0.1365 0.2039  -0.3336 179 GLU B O   
490 C CB  . GLU B 17 ? 0.5743 0.5775 0.8315 -0.1373 0.2076  -0.3821 179 GLU B CB  
491 C CG  . GLU B 17 ? 0.8339 0.8342 1.0626 -0.1447 0.1922  -0.3694 179 GLU B CG  
492 C CD  . GLU B 17 ? 0.9292 0.9657 1.1090 -0.1566 0.1924  -0.3718 179 GLU B CD  
493 O OE1 . GLU B 17 ? 0.9774 1.0372 1.1299 -0.1606 0.2044  -0.3870 179 GLU B OE1 
494 O OE2 . GLU B 17 ? 0.9046 0.9428 1.0694 -0.1598 0.1800  -0.3555 179 GLU B OE2 
495 N N   . GLN B 18 ? 0.5516 0.5952 0.7688 -0.1392 0.2388  -0.3675 180 GLN B N   
496 C CA  . GLN B 18 ? 0.6755 0.7335 0.8419 -0.1423 0.2467  -0.3539 180 GLN B CA  
497 C C   . GLN B 18 ? 0.6255 0.6690 0.8191 -0.1324 0.2421  -0.3266 180 GLN B C   
498 O O   . GLN B 18 ? 0.6213 0.6691 0.7728 -0.1316 0.2390  -0.3064 180 GLN B O   
499 C CB  . GLN B 18 ? 0.6406 0.7132 0.7794 -0.1467 0.2756  -0.3713 180 GLN B CB  
500 C CG  . GLN B 18 ? 0.9050 0.9950 0.9731 -0.1539 0.2752  -0.3888 180 GLN B CG  
501 C CD  . GLN B 18 ? 1.1567 1.2555 1.1761 -0.1540 0.3051  -0.3991 180 GLN B CD  
502 O OE1 . GLN B 18 ? 1.0935 1.1869 1.1526 -0.1525 0.3321  -0.4092 180 GLN B OE1 
503 N NE2 . GLN B 18 ? 1.3293 1.4409 1.2613 -0.1542 0.3006  -0.3952 180 GLN B NE2 
504 N N   . MET B 19 ? 0.5103 0.5381 0.7740 -0.1222 0.2391  -0.3254 181 MET B N   
505 C CA  . MET B 19 ? 0.5146 0.5266 0.8091 -0.1092 0.2255  -0.3002 181 MET B CA  
506 C C   . MET B 19 ? 0.5308 0.5239 0.7893 -0.1021 0.1980  -0.2754 181 MET B C   
507 O O   . MET B 19 ? 0.4784 0.4654 0.7132 -0.0990 0.1923  -0.2562 181 MET B O   
508 C CB  . MET B 19 ? 0.4968 0.4995 0.8696 -0.0948 0.2161  -0.3031 181 MET B CB  
509 C CG  . MET B 19 ? 0.6585 0.6802 1.0756 -0.1037 0.2463  -0.3323 181 MET B CG  
510 S SD  . MET B 19 ? 0.8411 0.8709 1.2867 -0.1089 0.2702  -0.3279 181 MET B SD  
511 C CE  . MET B 19 ? 0.9092 0.9518 1.2569 -0.1248 0.3048  -0.3333 181 MET B CE  
512 N N   . LEU B 20 ? 0.4272 0.4073 0.6802 -0.1003 0.1835  -0.2764 182 LEU B N   
513 C CA  . LEU B 20 ? 0.4198 0.3783 0.6385 -0.0964 0.1625  -0.2543 182 LEU B CA  
514 C C   . LEU B 20 ? 0.4302 0.4113 0.6004 -0.1095 0.1687  -0.2536 182 LEU B C   
515 O O   . LEU B 20 ? 0.5066 0.4744 0.6551 -0.1039 0.1573  -0.2321 182 LEU B O   
516 C CB  . LEU B 20 ? 0.4367 0.3777 0.6576 -0.0982 0.1548  -0.2604 182 LEU B CB  
517 C CG  . LEU B 20 ? 0.7322 0.6314 0.9312 -0.0901 0.1332  -0.2336 182 LEU B CG  
518 C CD1 . LEU B 20 ? 0.7327 0.6040 0.9413 -0.0917 0.1288  -0.2405 182 LEU B CD1 
519 C CD2 . LEU B 20 ? 0.6553 0.5641 0.8180 -0.0999 0.1346  -0.2238 182 LEU B CD2 
520 N N   . GLU B 21 ? 0.4872 0.5015 0.6341 -0.1248 0.1829  -0.2765 183 GLU B N   
521 C CA  . GLU B 21 ? 0.5059 0.5466 0.5989 -0.1326 0.1804  -0.2739 183 GLU B CA  
522 C C   . GLU B 21 ? 0.5184 0.5601 0.5877 -0.1244 0.1855  -0.2535 183 GLU B C   
523 O O   . GLU B 21 ? 0.5334 0.5826 0.5693 -0.1210 0.1761  -0.2369 183 GLU B O   
524 C CB  . GLU B 21 ? 0.5467 0.6202 0.6082 -0.1443 0.1873  -0.2983 183 GLU B CB  
525 C CG  . GLU B 21 ? 0.7775 0.8835 0.7788 -0.1468 0.1763  -0.2921 183 GLU B CG  
526 C CD  . GLU B 21 ? 1.0748 1.1902 1.0275 -0.1391 0.1874  -0.2740 183 GLU B CD  
527 O OE1 . GLU B 21 ? 1.1363 1.2739 1.0374 -0.1358 0.1753  -0.2596 183 GLU B OE1 
528 O OE2 . GLU B 21 ? 1.2289 1.3298 1.1983 -0.1363 0.2086  -0.2726 183 GLU B OE2 
529 N N   . GLN B 22 ? 0.4291 0.4665 0.5195 -0.1208 0.2030  -0.2544 184 GLN B N   
530 C CA  . GLN B 22 ? 0.4467 0.4820 0.5277 -0.1130 0.2119  -0.2321 184 GLN B CA  
531 C C   . GLN B 22 ? 0.5098 0.5151 0.6070 -0.1006 0.1920  -0.2119 184 GLN B C   
532 O O   . GLN B 22 ? 0.4901 0.4989 0.5575 -0.0942 0.1811  -0.1802 184 GLN B O   
533 C CB  . GLN B 22 ? 0.6542 0.6858 0.7815 -0.1128 0.2345  -0.2392 184 GLN B CB  
534 C CG  . GLN B 22 ? 0.9498 1.0032 1.0347 -0.1194 0.2601  -0.2350 184 GLN B CG  
535 C CD  . GLN B 22 ? 1.1367 1.1892 1.2059 -0.1152 0.2693  -0.2018 184 GLN B CD  
536 O OE1 . GLN B 22 ? 1.0564 1.1015 1.1188 -0.1085 0.2533  -0.1809 184 GLN B OE1 
537 N NE2 . GLN B 22 ? 1.0514 1.1086 1.1176 -0.1198 0.2978  -0.1956 184 GLN B NE2 
538 N N   . LYS B 23 ? 0.3824 0.3551 0.5209 -0.0946 0.1742  -0.2150 185 LYS B N   
539 C CA  . LYS B 23 ? 0.4218 0.3581 0.5588 -0.0810 0.1479  -0.1890 185 LYS B CA  
540 C C   . LYS B 23 ? 0.3497 0.2921 0.4389 -0.0848 0.1402  -0.1792 185 LYS B C   
541 O O   . LYS B 23 ? 0.3758 0.3096 0.4432 -0.0742 0.1266  -0.1512 185 LYS B O   
542 C CB  . LYS B 23 ? 0.5079 0.4175 0.6767 -0.0667 0.1242  -0.1784 185 LYS B CB  
543 C CG  . LYS B 23 ? 0.4902 0.4041 0.7160 -0.0584 0.1241  -0.1839 185 LYS B CG  
544 C CD  . LYS B 23 ? 0.5031 0.3876 0.7427 -0.0421 0.0943  -0.1739 185 LYS B CD  
545 C CE  . LYS B 23 ? 0.4237 0.3199 0.7300 -0.0341 0.0913  -0.1831 185 LYS B CE  
546 N NZ  . LYS B 23 ? 0.3968 0.3305 0.7487 -0.0481 0.1274  -0.2143 185 LYS B NZ  
547 N N   . LEU B 24 ? 0.3663 0.3295 0.4446 -0.0988 0.1468  -0.1998 186 LEU B N   
548 C CA  . LEU B 24 ? 0.4281 0.4093 0.4779 -0.1030 0.1385  -0.1902 186 LEU B CA  
549 C C   . LEU B 24 ? 0.5292 0.5504 0.5436 -0.0978 0.1344  -0.1708 186 LEU B C   
550 O O   . LEU B 24 ? 0.4349 0.4602 0.4347 -0.0894 0.1227  -0.1490 186 LEU B O   
551 C CB  . LEU B 24 ? 0.3870 0.3890 0.4443 -0.1215 0.1439  -0.2192 186 LEU B CB  
552 C CG  . LEU B 24 ? 0.4950 0.4646 0.5865 -0.1209 0.1422  -0.2189 186 LEU B CG  
553 C CD1 . LEU B 24 ? 0.5593 0.5542 0.6618 -0.1379 0.1468  -0.2428 186 LEU B CD1 
554 C CD2 . LEU B 24 ? 0.4812 0.4032 0.5681 -0.1102 0.1330  -0.1926 186 LEU B CD2 
555 N N   . ALA B 25 ? 0.3701 0.4170 0.3677 -0.1014 0.1458  -0.1779 187 ALA B N   
556 C CA  . ALA B 25 ? 0.4426 0.5169 0.3976 -0.0948 0.1409  -0.1549 187 ALA B CA  
557 C C   . ALA B 25 ? 0.3642 0.4107 0.3239 -0.0786 0.1336  -0.1202 187 ALA B C   
558 O O   . ALA B 25 ? 0.4624 0.5179 0.3973 -0.0680 0.1201  -0.0961 187 ALA B O   
559 C CB  . ALA B 25 ? 0.4220 0.5173 0.3456 -0.1026 0.1601  -0.1673 187 ALA B CB  
560 N N   . THR B 26 ? 0.3523 0.3637 0.3488 -0.0753 0.1390  -0.1199 188 THR B N   
561 C CA  . THR B 26 ? 0.3821 0.3629 0.3875 -0.0607 0.1269  -0.0923 188 THR B CA  
562 C C   . THR B 26 ? 0.3614 0.3215 0.3572 -0.0492 0.1067  -0.0807 188 THR B C   
563 O O   . THR B 26 ? 0.3428 0.2942 0.3213 -0.0361 0.0952  -0.0572 188 THR B O   
564 C CB  . THR B 26 ? 0.3340 0.2844 0.3913 -0.0596 0.1302  -0.1008 188 THR B CB  
565 O OG1 . THR B 26 ? 0.3503 0.3243 0.4241 -0.0720 0.1580  -0.1175 188 THR B OG1 
566 C CG2 . THR B 26 ? 0.3292 0.2501 0.3988 -0.0466 0.1151  -0.0762 188 THR B CG2 
567 N N   . LEU B 27 ? 0.3498 0.2981 0.3546 -0.0542 0.1057  -0.0970 189 LEU B N   
568 C CA  . LEU B 27 ? 0.3232 0.2519 0.3130 -0.0461 0.0963  -0.0866 189 LEU B CA  
569 C C   . LEU B 27 ? 0.3215 0.2927 0.2903 -0.0437 0.0948  -0.0764 189 LEU B C   
570 O O   . LEU B 27 ? 0.3217 0.2808 0.2773 -0.0286 0.0870  -0.0580 189 LEU B O   
571 C CB  . LEU B 27 ? 0.4200 0.3298 0.4212 -0.0570 0.1026  -0.1050 189 LEU B CB  
572 C CG  . LEU B 27 ? 0.7199 0.5635 0.7254 -0.0466 0.0921  -0.1009 189 LEU B CG  
573 C CD1 . LEU B 27 ? 0.8004 0.6256 0.8229 -0.0585 0.0987  -0.1196 189 LEU B CD1 
574 C CD2 . LEU B 27 ? 0.7259 0.5314 0.6961 -0.0311 0.0832  -0.0792 189 LEU B CD2 
575 N N   . GLN B 28 ? 0.3259 0.3466 0.2926 -0.0564 0.0996  -0.0911 190 GLN B N   
576 C CA  . GLN B 28 ? 0.3466 0.4120 0.3014 -0.0519 0.0907  -0.0844 190 GLN B CA  
577 C C   . GLN B 28 ? 0.3492 0.4098 0.2826 -0.0322 0.0797  -0.0553 190 GLN B C   
578 O O   . GLN B 28 ? 0.3536 0.4224 0.2870 -0.0178 0.0709  -0.0423 190 GLN B O   
579 C CB  . GLN B 28 ? 0.3460 0.4610 0.2936 -0.0663 0.0893  -0.1060 190 GLN B CB  
580 C CG  . GLN B 28 ? 0.4111 0.5765 0.3582 -0.0613 0.0723  -0.1052 190 GLN B CG  
581 C CD  . GLN B 28 ? 0.5413 0.7170 0.4540 -0.0418 0.0566  -0.0778 190 GLN B CD  
582 O OE1 . GLN B 28 ? 0.6832 0.8469 0.5600 -0.0412 0.0601  -0.0681 190 GLN B OE1 
583 N NE2 . GLN B 28 ? 0.6793 0.8750 0.6053 -0.0254 0.0419  -0.0649 190 GLN B NE2 
584 N N   A ARG B 29 ? 0.3440 0.3901 0.2643 -0.0315 0.0832  -0.0454 191 ARG B N   
585 N N   B ARG B 29 ? 0.3438 0.3895 0.2643 -0.0315 0.0832  -0.0454 191 ARG B N   
586 C CA  A ARG B 29 ? 0.3573 0.3922 0.2583 -0.0155 0.0745  -0.0162 191 ARG B CA  
587 C CA  B ARG B 29 ? 0.3574 0.3921 0.2584 -0.0156 0.0747  -0.0164 191 ARG B CA  
588 C C   A ARG B 29 ? 0.4228 0.4109 0.3367 -0.0003 0.0676  -0.0026 191 ARG B C   
589 C C   B ARG B 29 ? 0.4212 0.4091 0.3351 -0.0004 0.0677  -0.0025 191 ARG B C   
590 O O   A ARG B 29 ? 0.4155 0.3968 0.3185 0.0172  0.0562  0.0171  191 ARG B O   
591 O O   B ARG B 29 ? 0.4216 0.4021 0.3243 0.0170  0.0564  0.0176  191 ARG B O   
592 C CB  A ARG B 29 ? 0.3994 0.4291 0.2852 -0.0236 0.0874  -0.0094 191 ARG B CB  
593 C CB  B ARG B 29 ? 0.4086 0.4394 0.2941 -0.0241 0.0877  -0.0101 191 ARG B CB  
594 C CG  A ARG B 29 ? 0.4193 0.4894 0.2620 -0.0300 0.0886  -0.0121 191 ARG B CG  
595 C CG  B ARG B 29 ? 0.4158 0.4886 0.2628 -0.0336 0.0911  -0.0192 191 ARG B CG  
596 C CD  A ARG B 29 ? 0.4427 0.5126 0.2753 -0.0474 0.1145  -0.0261 191 ARG B CD  
597 C CD  B ARG B 29 ? 0.4761 0.5383 0.2901 -0.0383 0.1083  -0.0035 191 ARG B CD  
598 N NE  A ARG B 29 ? 0.4977 0.5992 0.2742 -0.0531 0.1153  -0.0331 191 ARG B NE  
599 N NE  B ARG B 29 ? 0.5157 0.6079 0.2702 -0.0427 0.1079  -0.0072 191 ARG B NE  
600 C CZ  A ARG B 29 ? 0.5537 0.6868 0.3247 -0.0634 0.1113  -0.0658 191 ARG B CZ  
601 C CZ  B ARG B 29 ? 0.5551 0.6547 0.2599 -0.0289 0.0885  0.0176  191 ARG B CZ  
602 N NH1 A ARG B 29 ? 0.4551 0.5908 0.2769 -0.0706 0.1100  -0.0912 191 ARG B NH1 
603 N NH1 B ARG B 29 ? 0.5454 0.6262 0.2611 -0.0102 0.0712  0.0463  191 ARG B NH1 
604 N NH2 A ARG B 29 ? 0.5896 0.7465 0.2995 -0.0666 0.1070  -0.0728 191 ARG B NH2 
605 N NH2 B ARG B 29 ? 0.6164 0.7375 0.2570 -0.0317 0.0836  0.0125  191 ARG B NH2 
606 N N   . LEU B 30 ? 0.3407 0.2928 0.2745 -0.0044 0.0709  -0.0141 192 LEU B N   
607 C CA  . LEU B 30 ? 0.3638 0.2662 0.2979 0.0116  0.0592  -0.0045 192 LEU B CA  
608 C C   . LEU B 30 ? 0.4178 0.3223 0.3363 0.0234  0.0575  -0.0024 192 LEU B C   
609 O O   . LEU B 30 ? 0.3674 0.2476 0.2734 0.0422  0.0486  0.0106  192 LEU B O   
610 C CB  . LEU B 30 ? 0.3913 0.2522 0.3442 0.0072  0.0565  -0.0182 192 LEU B CB  
611 C CG  . LEU B 30 ? 0.4513 0.2961 0.4365 0.0032  0.0539  -0.0192 192 LEU B CG  
612 C CD1 . LEU B 30 ? 0.4068 0.2150 0.4169 0.0026  0.0447  -0.0365 192 LEU B CD1 
613 C CD2 . LEU B 30 ? 0.3993 0.2173 0.3831 0.0169  0.0397  0.0002  192 LEU B CD2 
614 N N   . LEU B 31 ? 0.3326 0.2662 0.2569 0.0118  0.0686  -0.0172 193 LEU B N   
615 C CA  . LEU B 31 ? 0.3912 0.3343 0.3125 0.0198  0.0748  -0.0169 193 LEU B CA  
616 C C   . LEU B 31 ? 0.4833 0.4684 0.4082 0.0340  0.0665  -0.0056 193 LEU B C   
617 O O   . LEU B 31 ? 0.3502 0.3265 0.2722 0.0523  0.0672  0.0017  193 LEU B O   
618 C CB  . LEU B 31 ? 0.3507 0.3179 0.2899 0.0000  0.0908  -0.0360 193 LEU B CB  
619 C CG  . LEU B 31 ? 0.4471 0.3581 0.3773 -0.0087 0.0980  -0.0431 193 LEU B CG  
620 C CD1 . LEU B 31 ? 0.3492 0.2798 0.3020 -0.0327 0.1135  -0.0630 193 LEU B CD1 
621 C CD2 . LEU B 31 ? 0.4161 0.2661 0.3121 0.0080  0.1009  -0.0315 193 LEU B CD2 
622 N N   . ALA B 32 ? 0.3372 0.3637 0.2642 0.0283  0.0580  -0.0039 194 ALA B N   
623 C CA  . ALA B 32 ? 0.3488 0.4117 0.2758 0.0449  0.0436  0.0087  194 ALA B CA  
624 C C   . ALA B 32 ? 0.4092 0.4310 0.3207 0.0679  0.0338  0.0323  194 ALA B C   
625 O O   . ALA B 32 ? 0.4373 0.4666 0.3572 0.0892  0.0272  0.0394  194 ALA B O   
626 C CB  . ALA B 32 ? 0.3620 0.4659 0.2756 0.0352  0.0331  0.0075  194 ALA B CB  
627 N N   . ILE B 33 ? 0.4704 0.4485 0.3678 0.0641  0.0334  0.0421  195 ILE B N   
628 C CA  . ILE B 33 ? 0.4654 0.4015 0.3544 0.0835  0.0228  0.0625  195 ILE B CA  
629 C C   . ILE B 33 ? 0.4491 0.3424 0.3379 0.0981  0.0233  0.0560  195 ILE B C   
630 O O   . ILE B 33 ? 0.4882 0.3553 0.3720 0.1199  0.0140  0.0667  195 ILE B O   
631 C CB  . ILE B 33 ? 0.4562 0.3625 0.3410 0.0725  0.0238  0.0744  195 ILE B CB  
632 C CG1 . ILE B 33 ? 0.4793 0.3525 0.3806 0.0594  0.0298  0.0590  195 ILE B CG1 
633 C CG2 . ILE B 33 ? 0.4230 0.3669 0.2913 0.0591  0.0292  0.0812  195 ILE B CG2 
634 C CD1 . ILE B 33 ? 0.5741 0.4160 0.4913 0.0513  0.0305  0.0692  195 ILE B CD1 
635 N N   . THR B 34 ? 0.4405 0.3215 0.3283 0.0879  0.0342  0.0386  196 THR B N   
636 C CA  . THR B 34 ? 0.5246 0.3645 0.3951 0.1033  0.0380  0.0329  196 THR B CA  
637 C C   . THR B 34 ? 0.5177 0.3942 0.3976 0.1172  0.0494  0.0306  196 THR B C   
638 O O   . THR B 34 ? 0.5040 0.3523 0.3711 0.1397  0.0508  0.0319  196 THR B O   
639 C CB  . THR B 34 ? 0.5076 0.3173 0.3650 0.0896  0.0468  0.0192  196 THR B CB  
640 O OG1 . THR B 34 ? 0.5373 0.3277 0.4046 0.0770  0.0351  0.0180  196 THR B OG1 
641 C CG2 . THR B 34 ? 0.4698 0.2185 0.2882 0.1066  0.0481  0.0160  196 THR B CG2 
642 N N   . GLN B 35 ? 0.4641 0.4048 0.3717 0.1051  0.0573  0.0240  197 GLN B N   
643 C CA  . GLN B 35 ? 0.5518 0.5374 0.4874 0.1178  0.0665  0.0188  197 GLN B CA  
644 C C   . GLN B 35 ? 0.5027 0.4937 0.4454 0.1460  0.0477  0.0333  197 GLN B C   
645 O O   . GLN B 35 ? 0.5731 0.5600 0.5258 0.1687  0.0556  0.0306  197 GLN B O   
646 C CB  . GLN B 35 ? 0.4280 0.4845 0.4014 0.0979  0.0701  0.0058  197 GLN B CB  
647 C CG  . GLN B 35 ? 0.3867 0.5028 0.4102 0.1095  0.0763  -0.0032 197 GLN B CG  
648 C CD  . GLN B 35 ? 0.4774 0.5795 0.5111 0.1087  0.1126  -0.0148 197 GLN B CD  
649 O OE1 . GLN B 35 ? 0.4372 0.5091 0.4517 0.0875  0.1336  -0.0214 197 GLN B OE1 
650 N NE2 . GLN B 35 ? 0.5156 0.6351 0.5768 0.1331  0.1222  -0.0168 197 GLN B NE2 
651 N N   . GLU B 36 ? 0.4258 0.4209 0.3608 0.1459  0.0253  0.0495  198 GLU B N   
652 C CA  . GLU B 36 ? 0.4899 0.4803 0.4281 0.1736  0.0062  0.0672  198 GLU B CA  
653 C C   . GLU B 36 ? 0.5756 0.4923 0.4912 0.1897  0.0044  0.0745  198 GLU B C   
654 O O   . GLU B 36 ? 0.5453 0.4489 0.4687 0.2175  -0.0039 0.0808  198 GLU B O   
655 C CB  . GLU B 36 ? 0.5707 0.5789 0.4964 0.1695  -0.0150 0.0867  198 GLU B CB  
656 C CG  . GLU B 36 ? 1.0316 1.0178 0.9298 0.1427  -0.0103 0.0917  198 GLU B CG  
657 C CD  . GLU B 36 ? 1.2361 1.2612 1.1167 0.1330  -0.0215 0.1009  198 GLU B CD  
658 O OE1 . GLU B 36 ? 1.2736 1.3426 1.1633 0.1480  -0.0396 0.1030  198 GLU B OE1 
659 O OE2 . GLU B 36 ? 1.2819 1.2929 1.1389 0.1121  -0.0129 0.1048  198 GLU B OE2 
660 N N   . ALA B 37 ? 0.5585 0.4261 0.4503 0.1745  0.0092  0.0703  199 ALA B N   
661 C CA  . ALA B 37 ? 0.7285 0.5267 0.6017 0.1885  0.0014  0.0714  199 ALA B CA  
662 C C   . ALA B 37 ? 0.7749 0.5608 0.6413 0.2059  0.0138  0.0549  199 ALA B C   
663 O O   . ALA B 37 ? 0.7103 0.4695 0.5755 0.2070  0.0048  0.0496  199 ALA B O   
664 C CB  . ALA B 37 ? 0.5228 0.2887 0.3874 0.1608  -0.0016 0.0625  199 ALA B CB  
665 N N   . SER B 38 ? 0.7492 0.5665 0.6197 0.2067  0.0377  0.0427  200 SER B N   
666 C CA  . SER B 38 ? 0.8098 0.6106 0.6681 0.2258  0.0603  0.0279  200 SER B CA  
667 C C   . SER B 38 ? 0.8071 0.6510 0.7080 0.2525  0.0633  0.0274  200 SER B C   
668 O O   . SER B 38 ? 0.7370 0.5647 0.6323 0.2722  0.0831  0.0142  200 SER B O   
669 C CB  . SER B 38 ? 0.7108 0.5294 0.5626 0.2058  0.0911  0.0149  200 SER B CB  
670 O OG  . SER B 38 ? 0.7655 0.6666 0.6732 0.1947  0.1002  0.0125  200 SER B OG  
671 N N   . ASP B 39 ? 0.6464 0.5421 0.5867 0.2537  0.0425  0.0410  201 ASP B N   
672 C CA  . ASP B 39 ? 0.6988 0.6497 0.6924 0.2785  0.0409  0.0387  201 ASP B CA  
673 C C   . ASP B 39 ? 0.7953 0.7033 0.7868 0.3076  0.0354  0.0374  201 ASP B C   
674 O O   . ASP B 39 ? 0.8474 0.7825 0.8757 0.3273  0.0524  0.0222  201 ASP B O   
675 C CB  . ASP B 39 ? 0.7894 0.7920 0.8095 0.2748  0.0104  0.0557  201 ASP B CB  
676 C CG  . ASP B 39 ? 0.9552 1.0262 1.0006 0.2465  0.0173  0.0448  201 ASP B CG  
677 O OD1 . ASP B 39 ? 0.8611 0.9432 0.9153 0.2304  0.0487  0.0254  201 ASP B OD1 
678 O OD2 . ASP B 39 ? 1.0898 1.1988 1.1421 0.2405  -0.0086 0.0554  201 ASP B OD2 
679 N N   . THR B 40 ? 0.8833 0.7333 0.8430 0.2936  0.0134  0.0476  202 THR B N   
680 C CA  . THR B 40 ? 1.0063 0.8264 0.9763 0.3062  0.0046  0.0435  202 THR B CA  
681 C C   . THR B 40 ? 1.0713 0.8526 1.0110 0.3101  0.0275  0.0202  202 THR B C   
682 O O   . THR B 40 ? 1.0619 0.8364 1.0187 0.3307  0.0334  0.0085  202 THR B O   
683 C CB  . THR B 40 ? 0.9191 0.7026 0.8835 0.2880  -0.0229 0.0617  202 THR B CB  
684 O OG1 . THR B 40 ? 1.1367 0.9102 1.1311 0.3065  -0.0347 0.0653  202 THR B OG1 
685 C CG2 . THR B 40 ? 0.7675 0.5024 0.6996 0.2651  -0.0221 0.0527  202 THR B CG2 
686 N N   . SER B 41 ? 1.0096 0.7635 0.9016 0.2917  0.0399  0.0131  203 SER B N   
687 C CA  . SER B 41 ? 1.0462 0.7644 0.8962 0.2965  0.0632  -0.0067 203 SER B CA  
688 C C   . SER B 41 ? 1.0654 0.8254 0.9402 0.3136  0.1029  -0.0201 203 SER B C   
689 O O   . SER B 41 ? 1.0740 0.8238 0.9470 0.3292  0.1227  -0.0365 203 SER B O   
690 C CB  . SER B 41 ? 0.9850 0.6649 0.7771 0.2721  0.0621  -0.0076 203 SER B CB  
691 O OG  . SER B 41 ? 1.0809 0.7474 0.8774 0.2505  0.0291  0.0026  203 SER B OG  
692 N N   . TRP B 42 ? 0.9678 0.7824 0.8758 0.3080  0.1172  -0.0157 204 TRP B N   
693 C CA  . TRP B 42 ? 0.9143 0.7883 0.8697 0.3138  0.1575  -0.0308 204 TRP B CA  
694 C C   . TRP B 42 ? 0.8021 0.7207 0.8289 0.3414  0.1536  -0.0389 204 TRP B C   
695 O O   . TRP B 42 ? 0.7187 0.6567 0.7716 0.3494  0.1872  -0.0594 204 TRP B O   
696 C CB  . TRP B 42 ? 0.8435 0.7785 0.8352 0.2976  0.1666  -0.0258 204 TRP B CB  
697 C CG  . TRP B 42 ? 0.9699 0.9867 1.0389 0.2950  0.2015  -0.0417 204 TRP B CG  
698 C CD1 . TRP B 42 ? 1.0088 1.1168 1.1660 0.2962  0.1878  -0.0423 204 TRP B CD1 
699 C CD2 . TRP B 42 ? 1.0241 1.0417 1.0932 0.2826  0.2484  -0.0604 204 TRP B CD2 
700 N NE1 . TRP B 42 ? 0.9978 1.1674 1.2243 0.2900  0.2282  -0.0631 204 TRP B NE1 
701 C CE2 . TRP B 42 ? 1.0124 1.1263 1.1832 0.2782  0.2664  -0.0739 204 TRP B CE2 
702 C CE3 . TRP B 42 ? 1.0200 0.9678 1.0120 0.2748  0.2735  -0.0659 204 TRP B CE3 
703 C CZ2 . TRP B 42 ? 0.9608 1.1024 1.1595 0.2639  0.3116  -0.0927 204 TRP B CZ2 
704 C CZ3 . TRP B 42 ? 0.9949 0.9663 1.0051 0.2634  0.3197  -0.0809 204 TRP B CZ3 
705 C CH2 . TRP B 42 ? 0.9818 1.0492 1.0956 0.2570  0.3400  -0.0939 204 TRP B CH2 
706 N N   . GLN B 43 ? 0.8757 0.8075 0.9339 0.3544  0.1122  -0.0228 205 GLN B N   
707 C CA  . GLN B 43 ? 0.9226 0.8869 1.0479 0.3813  0.1003  -0.0279 205 GLN B CA  
708 C C   . GLN B 43 ? 1.0044 0.9121 1.1054 0.3940  0.1103  -0.0434 205 GLN B C   
709 O O   . GLN B 43 ? 0.9030 0.8393 1.0590 0.4151  0.1271  -0.0624 205 GLN B O   
710 C CB  . GLN B 43 ? 1.0010 0.9721 1.1442 0.3864  0.0506  -0.0014 205 GLN B CB  
711 C CG  . GLN B 43 ? 1.0988 1.1399 1.2756 0.3809  0.0339  0.0115  205 GLN B CG  
712 C CD  . GLN B 43 ? 1.2113 1.3446 1.4826 0.3963  0.0423  -0.0053 205 GLN B CD  
713 O OE1 . GLN B 43 ? 1.1779 1.3726 1.4811 0.3831  0.0641  -0.0177 205 GLN B OE1 
714 N NE2 . GLN B 43 ? 1.2374 1.3825 1.5632 0.4207  0.0249  -0.0069 205 GLN B NE2 
715 N N   . ALA B 44 ? 1.1617 0.9932 1.1869 0.3809  0.0991  -0.0385 206 ALA B N   
716 C CA  . ALA B 44 ? 1.2035 0.9812 1.2009 0.3921  0.1046  -0.0546 206 ALA B CA  
717 C C   . ALA B 44 ? 1.1913 0.9725 1.1733 0.3983  0.1528  -0.0817 206 ALA B C   
718 O O   . ALA B 44 ? 1.1978 0.9540 1.1773 0.4156  0.1641  -0.1009 206 ALA B O   
719 C CB  . ALA B 44 ? 1.2290 0.9365 1.1558 0.3718  0.0802  -0.0461 206 ALA B CB  
720 N N   . LEU B 45 ? 1.1657 0.9759 1.1374 0.3818  0.1840  -0.0837 207 LEU B N   
721 C CA  . LEU B 45 ? 1.3313 1.1508 1.2921 0.3805  0.2351  -0.1056 207 LEU B CA  
722 C C   . LEU B 45 ? 1.3454 1.2571 1.4109 0.3905  0.2620  -0.1217 207 LEU B C   
723 O O   . LEU B 45 ? 1.4092 1.3400 1.4807 0.3886  0.3074  -0.1420 207 LEU B O   
724 C CB  . LEU B 45 ? 1.3583 1.1499 1.2465 0.3505  0.2554  -0.0969 207 LEU B CB  
725 N N   . ILE B 46 ? 1.3717 1.3417 1.5193 0.4007  0.2325  -0.1124 208 ILE B N   
726 C CA  . ILE B 46 ? 1.2392 1.3083 1.5007 0.4099  0.2450  -0.1277 208 ILE B CA  
727 C C   . ILE B 46 ? 1.1552 1.2732 1.4265 0.3807  0.2860  -0.1348 208 ILE B C   
728 O O   . ILE B 46 ? 1.1051 1.2801 1.4234 0.3668  0.2742  -0.1257 208 ILE B O   
729 C CB  . ILE B 46 ? 1.1159 1.2050 1.4351 0.4397  0.2595  -0.1568 208 ILE B CB  
730 C CG1 . ILE B 46 ? 1.1242 1.1825 1.4690 0.4667  0.2126  -0.1457 208 ILE B CG1 
731 C CG2 . ILE B 46 ? 1.0797 1.2798 1.5069 0.4463  0.2794  -0.1796 208 ILE B CG2 
732 C CD1 . ILE B 46 ? 1.1542 1.2601 1.6031 0.4992  0.2149  -0.1725 208 ILE B CD1 
# 
loop_
_pdbx_poly_seq_scheme.asym_id 
_pdbx_poly_seq_scheme.entity_id 
_pdbx_poly_seq_scheme.seq_id 
_pdbx_poly_seq_scheme.mon_id 
_pdbx_poly_seq_scheme.ndb_seq_num 
_pdbx_poly_seq_scheme.pdb_seq_num 
_pdbx_poly_seq_scheme.auth_seq_num 
_pdbx_poly_seq_scheme.pdb_mon_id 
_pdbx_poly_seq_scheme.auth_mon_id 
_pdbx_poly_seq_scheme.pdb_strand_id 
_pdbx_poly_seq_scheme.pdb_ins_code 
_pdbx_poly_seq_scheme.hetero 
A 1 1  SER 1  1   ?   ?   ?   A . n 
A 1 2  THR 2  2   2   THR THR A . n 
A 1 3  MET 3  3   3   MET MET A . n 
A 1 4  ALA 4  4   4   ALA ALA A . n 
A 1 5  ILE 5  5   5   ILE ILE A . n 
A 1 6  GLU 6  6   6   GLU GLU A . n 
A 1 7  LYS 7  7   7   LYS LYS A . n 
A 1 8  ILE 8  8   8   ILE ILE A . n 
A 1 9  LEU 9  9   9   LEU LEU A . n 
A 1 10 THR 10 10  10  THR THR A . n 
A 1 11 ASP 11 11  11  ASP ASP A . n 
A 1 12 ALA 12 12  12  ALA ALA A . n 
A 1 13 LYS 13 13  13  LYS LYS A . n 
A 1 14 THR 14 14  14  THR THR A . n 
A 1 15 LEU 15 15  15  LEU LEU A . n 
A 1 16 LEU 16 16  16  LEU LEU A . n 
A 1 17 GLU 17 17  17  GLU GLU A . n 
A 1 18 ARG 18 18  18  ARG ARG A . n 
A 1 19 LEU 19 19  19  LEU LEU A . n 
A 1 20 ARG 20 20  20  ARG ARG A . n 
A 1 21 GLU 21 21  21  GLU GLU A . n 
A 1 22 HIS 22 22  22  HIS HIS A . n 
A 1 23 ASP 23 23  23  ASP ASP A . n 
A 1 24 ALA 24 24  24  ALA ALA A . n 
A 1 25 ALA 25 25  25  ALA ALA A . n 
A 1 26 ALA 26 26  26  ALA ALA A . n 
A 1 27 GLU 27 27  27  GLU GLU A . n 
A 1 28 SER 28 28  28  SER SER A . n 
A 1 29 LEU 29 29  29  LEU LEU A . n 
A 1 30 VAL 30 30  30  VAL VAL A . n 
A 1 31 ASP 31 31  31  ASP ASP A . n 
A 1 32 GLN 32 32  32  GLN GLN A . n 
A 1 33 SER 33 33  33  SER SER A . n 
A 1 34 ALA 34 34  34  ALA ALA A . n 
A 1 35 ALA 35 35  35  ALA ALA A . n 
A 1 36 LEU 36 36  36  LEU LEU A . n 
A 1 37 HIS 37 37  37  HIS HIS A . n 
A 1 38 ARG 38 38  38  ARG ARG A . n 
A 1 39 ARG 39 39  39  ARG ARG A . n 
A 1 40 VAL 40 40  40  VAL VAL A . n 
A 1 41 ALA 41 41  41  ALA ALA A . n 
A 1 42 ALA 42 42  42  ALA ALA A . n 
A 1 43 MET 43 43  43  MET MET A . n 
A 1 44 ARG 44 44  44  ARG ARG A . n 
A 1 45 GLU 45 45  45  GLU GLU A . n 
A 1 46 ALA 46 46  46  ALA ALA A . n 
A 1 47 GLY 47 47  47  GLY GLY A . n 
A 1 48 THR 48 48  48  THR THR A . n 
A 1 49 ALA 49 49  ?   ?   ?   A . n 
A 1 50 LEU 50 50  ?   ?   ?   A . n 
A 1 51 PRO 51 51  ?   ?   ?   A . n 
A 1 52 ASP 52 52  ?   ?   ?   A . n 
A 1 53 GLN 53 53  ?   ?   ?   A . n 
A 1 54 TYR 54 54  ?   ?   ?   A . n 
A 1 55 GLN 55 55  ?   ?   ?   A . n 
A 1 56 GLU 56 56  ?   ?   ?   A . n 
A 1 57 ASP 57 57  ?   ?   ?   A . n 
A 1 58 ALA 58 58  ?   ?   ?   A . n 
A 1 59 SER 59 59  ?   ?   ?   A . n 
A 1 60 ASP 60 60  ?   ?   ?   A . n 
A 1 61 MET 61 61  ?   ?   ?   A . n 
A 1 62 LYS 62 62  ?   ?   ?   A . n 
A 1 63 ASP 63 63  ?   ?   ?   A . n 
A 1 64 MET 64 64  ?   ?   ?   A . n 
A 1 65 SER 65 65  ?   ?   ?   A . n 
B 2 1  SER 1  163 163 SER SER B . n 
B 2 2  THR 2  164 164 THR THR B . n 
B 2 3  MET 3  165 165 MET MET B . n 
B 2 4  GLU 4  166 166 GLU GLU B . n 
B 2 5  GLN 5  167 167 GLN GLN B . n 
B 2 6  LEU 6  168 168 LEU LEU B . n 
B 2 7  SER 7  169 169 SER SER B . n 
B 2 8  GLN 8  170 170 GLN GLN B . n 
B 2 9  TYR 9  171 171 TYR TYR B . n 
B 2 10 LEU 10 172 172 LEU LEU B . n 
B 2 11 GLN 11 173 173 GLN GLN B . n 
B 2 12 GLU 12 174 174 GLU GLU B . n 
B 2 13 ALA 13 175 175 ALA ALA B . n 
B 2 14 LEU 14 176 176 LEU LEU B . n 
B 2 15 HIS 15 177 177 HIS HIS B . n 
B 2 16 ARG 16 178 178 ARG ARG B . n 
B 2 17 GLU 17 179 179 GLU GLU B . n 
B 2 18 GLN 18 180 180 GLN GLN B . n 
B 2 19 MET 19 181 181 MET MET B . n 
B 2 20 LEU 20 182 182 LEU LEU B . n 
B 2 21 GLU 21 183 183 GLU GLU B . n 
B 2 22 GLN 22 184 184 GLN GLN B . n 
B 2 23 LYS 23 185 185 LYS LYS B . n 
B 2 24 LEU 24 186 186 LEU LEU B . n 
B 2 25 ALA 25 187 187 ALA ALA B . n 
B 2 26 THR 26 188 188 THR THR B . n 
B 2 27 LEU 27 189 189 LEU LEU B . n 
B 2 28 GLN 28 190 190 GLN GLN B . n 
B 2 29 ARG 29 191 191 ARG ARG B . n 
B 2 30 LEU 30 192 192 LEU LEU B . n 
B 2 31 LEU 31 193 193 LEU LEU B . n 
B 2 32 ALA 32 194 194 ALA ALA B . n 
B 2 33 ILE 33 195 195 ILE ILE B . n 
B 2 34 THR 34 196 196 THR THR B . n 
B 2 35 GLN 35 197 197 GLN GLN B . n 
B 2 36 GLU 36 198 198 GLU GLU B . n 
B 2 37 ALA 37 199 199 ALA ALA B . n 
B 2 38 SER 38 200 200 SER SER B . n 
B 2 39 ASP 39 201 201 ASP ASP B . n 
B 2 40 THR 40 202 202 THR THR B . n 
B 2 41 SER 41 203 203 SER SER B . n 
B 2 42 TRP 42 204 204 TRP TRP B . n 
B 2 43 GLN 43 205 205 GLN GLN B . n 
B 2 44 ALA 44 206 206 ALA ALA B . n 
B 2 45 LEU 45 207 207 LEU LEU B . n 
B 2 46 ILE 46 208 208 ILE ILE B . n 
B 2 47 ASP 47 209 ?   ?   ?   B . n 
B 2 48 GLU 48 210 ?   ?   ?   B . n 
B 2 49 ASP 49 211 ?   ?   ?   B . n 
B 2 50 ARG 50 212 ?   ?   ?   B . n 
B 2 51 LEU 51 213 ?   ?   ?   B . n 
B 2 52 LEU 52 214 ?   ?   ?   B . n 
B 2 53 SER 53 215 ?   ?   ?   B . n 
B 2 54 ARG 54 216 ?   ?   ?   B . n 
B 2 55 LEU 55 217 ?   ?   ?   B . n 
B 2 56 GLU 56 218 ?   ?   ?   B . n 
B 2 57 VAL 57 219 ?   ?   ?   B . n 
B 2 58 MET 58 220 ?   ?   ?   B . n 
B 2 59 GLY 59 221 ?   ?   ?   B . n 
B 2 60 ASN 60 222 ?   ?   ?   B . n 
B 2 61 GLN 61 223 ?   ?   ?   B . n 
B 2 62 LEU 62 224 ?   ?   ?   B . n 
B 2 63 GLN 63 225 ?   ?   ?   B . n 
B 2 64 ALA 64 226 ?   ?   ?   B . n 
# 
loop_
_pdbx_nonpoly_scheme.asym_id 
_pdbx_nonpoly_scheme.entity_id 
_pdbx_nonpoly_scheme.mon_id 
_pdbx_nonpoly_scheme.ndb_seq_num 
_pdbx_nonpoly_scheme.pdb_seq_num 
_pdbx_nonpoly_scheme.auth_seq_num 
_pdbx_nonpoly_scheme.pdb_mon_id 
_pdbx_nonpoly_scheme.auth_mon_id 
_pdbx_nonpoly_scheme.pdb_strand_id 
_pdbx_nonpoly_scheme.pdb_ins_code 
C 3 GOL 1  101 1  GOL GOL A . 
D 4 HOH 1  201 32 HOH HOH A . 
D 4 HOH 2  202 40 HOH HOH A . 
D 4 HOH 3  203 37 HOH HOH A . 
D 4 HOH 4  204 9  HOH HOH A . 
D 4 HOH 5  205 1  HOH HOH A . 
D 4 HOH 6  206 4  HOH HOH A . 
D 4 HOH 7  207 52 HOH HOH A . 
D 4 HOH 8  208 11 HOH HOH A . 
D 4 HOH 9  209 12 HOH HOH A . 
D 4 HOH 10 210 13 HOH HOH A . 
D 4 HOH 11 211 16 HOH HOH A . 
D 4 HOH 12 212 36 HOH HOH A . 
D 4 HOH 13 213 7  HOH HOH A . 
D 4 HOH 14 214 18 HOH HOH A . 
D 4 HOH 15 215 31 HOH HOH A . 
D 4 HOH 16 216 47 HOH HOH A . 
D 4 HOH 17 217 23 HOH HOH A . 
D 4 HOH 18 218 17 HOH HOH A . 
D 4 HOH 19 219 44 HOH HOH A . 
D 4 HOH 20 220 42 HOH HOH A . 
D 4 HOH 21 221 53 HOH HOH A . 
D 4 HOH 22 222 45 HOH HOH A . 
D 4 HOH 23 223 10 HOH HOH A . 
D 4 HOH 24 224 19 HOH HOH A . 
E 4 HOH 1  301 49 HOH HOH B . 
E 4 HOH 2  302 41 HOH HOH B . 
E 4 HOH 3  303 33 HOH HOH B . 
E 4 HOH 4  304 2  HOH HOH B . 
E 4 HOH 5  305 8  HOH HOH B . 
E 4 HOH 6  306 48 HOH HOH B . 
E 4 HOH 7  307 5  HOH HOH B . 
E 4 HOH 8  308 51 HOH HOH B . 
E 4 HOH 9  309 35 HOH HOH B . 
E 4 HOH 10 310 20 HOH HOH B . 
E 4 HOH 11 311 3  HOH HOH B . 
# 
_pdbx_struct_assembly.id                   1 
_pdbx_struct_assembly.details              author_and_software_defined_assembly 
_pdbx_struct_assembly.method_details       PISA 
_pdbx_struct_assembly.oligomeric_details   tetrameric 
_pdbx_struct_assembly.oligomeric_count     4 
# 
_pdbx_struct_assembly_gen.assembly_id       1 
_pdbx_struct_assembly_gen.oper_expression   1,2 
_pdbx_struct_assembly_gen.asym_id_list      A,B,C,D,E 
# 
loop_
_pdbx_struct_assembly_prop.biol_id 
_pdbx_struct_assembly_prop.type 
_pdbx_struct_assembly_prop.value 
_pdbx_struct_assembly_prop.details 
1 'ABSA (A^2)' 8500  ? 
1 MORE         -84   ? 
1 'SSA (A^2)'  10000 ? 
# 
loop_
_pdbx_struct_oper_list.id 
_pdbx_struct_oper_list.type 
_pdbx_struct_oper_list.name 
_pdbx_struct_oper_list.symmetry_operation 
_pdbx_struct_oper_list.matrix[1][1] 
_pdbx_struct_oper_list.matrix[1][2] 
_pdbx_struct_oper_list.matrix[1][3] 
_pdbx_struct_oper_list.vector[1] 
_pdbx_struct_oper_list.matrix[2][1] 
_pdbx_struct_oper_list.matrix[2][2] 
_pdbx_struct_oper_list.matrix[2][3] 
_pdbx_struct_oper_list.vector[2] 
_pdbx_struct_oper_list.matrix[3][1] 
_pdbx_struct_oper_list.matrix[3][2] 
_pdbx_struct_oper_list.matrix[3][3] 
_pdbx_struct_oper_list.vector[3] 
1 'identity operation'         1_555 x,y,z         1.0000000000  0.0000000000  0.0000000000  0.0000000000 0.0000000000  1.0000000000 0.0000000000 0.0000000000 0.0000000000  0.0000000000 1.0000000000  0.0000000000  
2 'crystal symmetry operation' 5_555 x-y,-y,-z+1/3 -0.8293685859 -0.4689762618 -0.3036593726 7.0568771441 -0.4689762618 0.2889697676 0.8346003471 3.2582635432 -0.3036593726 0.8346003471 -0.4596011816 -1.0667325291 
# 
_pdbx_struct_special_symmetry.id              1 
_pdbx_struct_special_symmetry.PDB_model_num   1 
_pdbx_struct_special_symmetry.auth_asym_id    A 
_pdbx_struct_special_symmetry.auth_comp_id    HOH 
_pdbx_struct_special_symmetry.auth_seq_id     222 
_pdbx_struct_special_symmetry.PDB_ins_code    ? 
_pdbx_struct_special_symmetry.label_asym_id   D 
_pdbx_struct_special_symmetry.label_comp_id   HOH 
_pdbx_struct_special_symmetry.label_seq_id    . 
# 
loop_
_pdbx_audit_revision_history.ordinal 
_pdbx_audit_revision_history.data_content_type 
_pdbx_audit_revision_history.major_revision 
_pdbx_audit_revision_history.minor_revision 
_pdbx_audit_revision_history.revision_date 
1 'Structure model' 1 0 2019-01-16 
2 'Structure model' 1 1 2019-02-13 
3 'Structure model' 1 2 2023-11-22 
# 
_pdbx_audit_revision_details.ordinal             1 
_pdbx_audit_revision_details.revision_ordinal    1 
_pdbx_audit_revision_details.data_content_type   'Structure model' 
_pdbx_audit_revision_details.provider            repository 
_pdbx_audit_revision_details.type                'Initial release' 
_pdbx_audit_revision_details.description         ? 
_pdbx_audit_revision_details.details             ? 
# 
loop_
_pdbx_audit_revision_group.ordinal 
_pdbx_audit_revision_group.revision_ordinal 
_pdbx_audit_revision_group.data_content_type 
_pdbx_audit_revision_group.group 
1 2 'Structure model' 'Data collection'        
2 2 'Structure model' 'Database references'    
3 3 'Structure model' 'Data collection'        
4 3 'Structure model' 'Database references'    
5 3 'Structure model' 'Refinement description' 
# 
loop_
_pdbx_audit_revision_category.ordinal 
_pdbx_audit_revision_category.revision_ordinal 
_pdbx_audit_revision_category.data_content_type 
_pdbx_audit_revision_category.category 
1 2 'Structure model' citation                      
2 2 'Structure model' citation_author               
3 3 'Structure model' chem_comp_atom                
4 3 'Structure model' chem_comp_bond                
5 3 'Structure model' database_2                    
6 3 'Structure model' pdbx_initial_refinement_model 
# 
loop_
_pdbx_audit_revision_item.ordinal 
_pdbx_audit_revision_item.revision_ordinal 
_pdbx_audit_revision_item.data_content_type 
_pdbx_audit_revision_item.item 
1  2 'Structure model' '_citation.journal_volume'            
2  2 'Structure model' '_citation.page_first'                
3  2 'Structure model' '_citation.page_last'                 
4  2 'Structure model' '_citation.pdbx_database_id_DOI'      
5  2 'Structure model' '_citation.pdbx_database_id_PubMed'   
6  2 'Structure model' '_citation.title'                     
7  2 'Structure model' '_citation_author.identifier_ORCID'   
8  2 'Structure model' '_citation_author.name'               
9  3 'Structure model' '_database_2.pdbx_DOI'                
10 3 'Structure model' '_database_2.pdbx_database_accession' 
# 
loop_
_pdbx_refine_tls.pdbx_refine_id 
_pdbx_refine_tls.id 
_pdbx_refine_tls.details 
_pdbx_refine_tls.method 
_pdbx_refine_tls.origin_x 
_pdbx_refine_tls.origin_y 
_pdbx_refine_tls.origin_z 
_pdbx_refine_tls.T[1][1] 
_pdbx_refine_tls.T[2][2] 
_pdbx_refine_tls.T[3][3] 
_pdbx_refine_tls.T[1][2] 
_pdbx_refine_tls.T[1][3] 
_pdbx_refine_tls.T[2][3] 
_pdbx_refine_tls.L[1][1] 
_pdbx_refine_tls.L[2][2] 
_pdbx_refine_tls.L[3][3] 
_pdbx_refine_tls.L[1][2] 
_pdbx_refine_tls.L[1][3] 
_pdbx_refine_tls.L[2][3] 
_pdbx_refine_tls.S[1][1] 
_pdbx_refine_tls.S[1][2] 
_pdbx_refine_tls.S[1][3] 
_pdbx_refine_tls.S[2][1] 
_pdbx_refine_tls.S[2][2] 
_pdbx_refine_tls.S[2][3] 
_pdbx_refine_tls.S[3][1] 
_pdbx_refine_tls.S[3][2] 
_pdbx_refine_tls.S[3][3] 
'X-RAY DIFFRACTION' 1 ? refined -1.3051 1.4519  -3.0932 0.2428 0.2613 0.5301 0.0139  0.1499 -0.1047 4.8706 6.4746 4.1638 0.3860  -0.2573 3.1075 0.4440 -0.1865 0.7412 -0.5758 -0.1351 0.9756 -0.6343 -0.3375 0.1582 
'X-RAY DIFFRACTION' 2 ? refined 1.4842  -1.8717 3.4424  0.3605 0.3471 0.4197 -0.1020 0.1486 -0.1982 4.8924 8.9027 3.6870 -0.7518 0.1335  1.7026 0.5745 -0.9635 0.5246 0.5868  -0.0119 0.4462 -0.4459 0.2987  0.1007 
# 
loop_
_pdbx_refine_tls_group.pdbx_refine_id 
_pdbx_refine_tls_group.id 
_pdbx_refine_tls_group.refine_tls_id 
_pdbx_refine_tls_group.beg_auth_asym_id 
_pdbx_refine_tls_group.beg_auth_seq_id 
_pdbx_refine_tls_group.beg_label_asym_id 
_pdbx_refine_tls_group.beg_label_seq_id 
_pdbx_refine_tls_group.end_auth_asym_id 
_pdbx_refine_tls_group.end_auth_seq_id 
_pdbx_refine_tls_group.end_label_asym_id 
_pdbx_refine_tls_group.end_label_seq_id 
_pdbx_refine_tls_group.selection 
_pdbx_refine_tls_group.selection_details 
'X-RAY DIFFRACTION' 1 1 ? ? ? ? ? ? ? ? ? 
;chain 'A' and (resid 2 through 48 )
;
'X-RAY DIFFRACTION' 2 2 ? ? ? ? ? ? ? ? ? 
;chain 'B' and (resid 163 through 208 )
;
# 
loop_
_software.citation_id 
_software.classification 
_software.compiler_name 
_software.compiler_version 
_software.contact_author 
_software.contact_author_email 
_software.date 
_software.description 
_software.dependencies 
_software.hardware 
_software.language 
_software.location 
_software.mods 
_software.name 
_software.os 
_software.os_version 
_software.type 
_software.version 
_software.pdbx_ordinal 
? refinement       ? ? ? ? ? ? ? ? ? ? ? PHENIX   ? ? ? '(1.12_2829: ???)' 1 
? 'data reduction' ? ? ? ? ? ? ? ? ? ? ? HKL-3000 ? ? ? .                  2 
? 'data scaling'   ? ? ? ? ? ? ? ? ? ? ? HKL-3000 ? ? ? .                  3 
? phasing          ? ? ? ? ? ? ? ? ? ? ? PHENIX   ? ? ? .                  4 
# 
_pdbx_validate_torsion.id              1 
_pdbx_validate_torsion.PDB_model_num   1 
_pdbx_validate_torsion.auth_comp_id    LEU 
_pdbx_validate_torsion.auth_asym_id    B 
_pdbx_validate_torsion.auth_seq_id     168 
_pdbx_validate_torsion.PDB_ins_code    ? 
_pdbx_validate_torsion.label_alt_id    ? 
_pdbx_validate_torsion.phi             -38.60 
_pdbx_validate_torsion.psi             -71.23 
# 
loop_
_pdbx_validate_main_chain_plane.id 
_pdbx_validate_main_chain_plane.PDB_model_num 
_pdbx_validate_main_chain_plane.auth_comp_id 
_pdbx_validate_main_chain_plane.auth_asym_id 
_pdbx_validate_main_chain_plane.auth_seq_id 
_pdbx_validate_main_chain_plane.PDB_ins_code 
_pdbx_validate_main_chain_plane.label_alt_id 
_pdbx_validate_main_chain_plane.improper_torsion_angle 
1 1 ARG A 44 ? A -10.15 
2 1 ARG A 44 ? B -11.40 
# 
_pdbx_validate_planes.id              1 
_pdbx_validate_planes.PDB_model_num   1 
_pdbx_validate_planes.auth_comp_id    ARG 
_pdbx_validate_planes.auth_asym_id    A 
_pdbx_validate_planes.auth_seq_id     44 
_pdbx_validate_planes.PDB_ins_code    ? 
_pdbx_validate_planes.label_alt_id    A 
_pdbx_validate_planes.rmsd            0.289 
_pdbx_validate_planes.type            'SIDE CHAIN' 
# 
loop_
_pdbx_unobs_or_zero_occ_atoms.id 
_pdbx_unobs_or_zero_occ_atoms.PDB_model_num 
_pdbx_unobs_or_zero_occ_atoms.polymer_flag 
_pdbx_unobs_or_zero_occ_atoms.occupancy_flag 
_pdbx_unobs_or_zero_occ_atoms.auth_asym_id 
_pdbx_unobs_or_zero_occ_atoms.auth_comp_id 
_pdbx_unobs_or_zero_occ_atoms.auth_seq_id 
_pdbx_unobs_or_zero_occ_atoms.PDB_ins_code 
_pdbx_unobs_or_zero_occ_atoms.auth_atom_id 
_pdbx_unobs_or_zero_occ_atoms.label_alt_id 
_pdbx_unobs_or_zero_occ_atoms.label_asym_id 
_pdbx_unobs_or_zero_occ_atoms.label_comp_id 
_pdbx_unobs_or_zero_occ_atoms.label_seq_id 
_pdbx_unobs_or_zero_occ_atoms.label_atom_id 
1  1 Y 1 A THR 2   ? OG1 ? A THR 2  OG1 
2  1 Y 1 A THR 2   ? CG2 ? A THR 2  CG2 
3  1 Y 1 A GLU 6   ? CG  ? A GLU 6  CG  
4  1 Y 1 A GLU 6   ? CD  ? A GLU 6  CD  
5  1 Y 1 A GLU 6   ? OE1 ? A GLU 6  OE1 
6  1 Y 1 A GLU 6   ? OE2 ? A GLU 6  OE2 
7  1 Y 1 A LYS 7   ? CG  ? A LYS 7  CG  
8  1 Y 1 A LYS 7   ? CD  ? A LYS 7  CD  
9  1 Y 1 A LYS 7   ? CE  ? A LYS 7  CE  
10 1 Y 1 A LYS 7   ? NZ  ? A LYS 7  NZ  
11 1 Y 1 A LEU 9   ? CG  ? A LEU 9  CG  
12 1 Y 1 A LEU 9   ? CD1 ? A LEU 9  CD1 
13 1 Y 1 A LEU 9   ? CD2 ? A LEU 9  CD2 
14 1 Y 1 A LYS 13  ? CG  ? A LYS 13 CG  
15 1 Y 1 A LYS 13  ? CD  ? A LYS 13 CD  
16 1 Y 1 A LYS 13  ? CE  ? A LYS 13 CE  
17 1 Y 1 A LYS 13  ? NZ  ? A LYS 13 NZ  
18 1 Y 1 A GLU 45  ? CG  ? A GLU 45 CG  
19 1 Y 1 A GLU 45  ? CD  ? A GLU 45 CD  
20 1 Y 1 A GLU 45  ? OE1 ? A GLU 45 OE1 
21 1 Y 1 A GLU 45  ? OE2 ? A GLU 45 OE2 
22 1 Y 1 B GLU 166 ? CG  ? B GLU 4  CG  
23 1 Y 1 B GLU 166 ? CD  ? B GLU 4  CD  
24 1 Y 1 B GLU 166 ? OE1 ? B GLU 4  OE1 
25 1 Y 1 B GLU 166 ? OE2 ? B GLU 4  OE2 
26 1 Y 1 B GLN 170 ? CG  ? B GLN 8  CG  
27 1 Y 1 B GLN 170 ? CD  ? B GLN 8  CD  
28 1 Y 1 B GLN 170 ? OE1 ? B GLN 8  OE1 
29 1 Y 1 B GLN 170 ? NE2 ? B GLN 8  NE2 
30 1 Y 1 B GLU 174 ? OE1 ? B GLU 12 OE1 
31 1 Y 1 B GLU 174 ? OE2 ? B GLU 12 OE2 
32 1 Y 1 B LEU 207 ? CG  ? B LEU 45 CG  
33 1 Y 1 B LEU 207 ? CD1 ? B LEU 45 CD1 
34 1 Y 1 B LEU 207 ? CD2 ? B LEU 45 CD2 
# 
loop_
_pdbx_unobs_or_zero_occ_residues.id 
_pdbx_unobs_or_zero_occ_residues.PDB_model_num 
_pdbx_unobs_or_zero_occ_residues.polymer_flag 
_pdbx_unobs_or_zero_occ_residues.occupancy_flag 
_pdbx_unobs_or_zero_occ_residues.auth_asym_id 
_pdbx_unobs_or_zero_occ_residues.auth_comp_id 
_pdbx_unobs_or_zero_occ_residues.auth_seq_id 
_pdbx_unobs_or_zero_occ_residues.PDB_ins_code 
_pdbx_unobs_or_zero_occ_residues.label_asym_id 
_pdbx_unobs_or_zero_occ_residues.label_comp_id 
_pdbx_unobs_or_zero_occ_residues.label_seq_id 
1  1 Y 1 A SER 1   ? A SER 1  
2  1 Y 1 A ALA 49  ? A ALA 49 
3  1 Y 1 A LEU 50  ? A LEU 50 
4  1 Y 1 A PRO 51  ? A PRO 51 
5  1 Y 1 A ASP 52  ? A ASP 52 
6  1 Y 1 A GLN 53  ? A GLN 53 
7  1 Y 1 A TYR 54  ? A TYR 54 
8  1 Y 1 A GLN 55  ? A GLN 55 
9  1 Y 1 A GLU 56  ? A GLU 56 
10 1 Y 1 A ASP 57  ? A ASP 57 
11 1 Y 1 A ALA 58  ? A ALA 58 
12 1 Y 1 A SER 59  ? A SER 59 
13 1 Y 1 A ASP 60  ? A ASP 60 
14 1 Y 1 A MET 61  ? A MET 61 
15 1 Y 1 A LYS 62  ? A LYS 62 
16 1 Y 1 A ASP 63  ? A ASP 63 
17 1 Y 1 A MET 64  ? A MET 64 
18 1 Y 1 A SER 65  ? A SER 65 
19 1 Y 1 B ASP 209 ? B ASP 47 
20 1 Y 1 B GLU 210 ? B GLU 48 
21 1 Y 1 B ASP 211 ? B ASP 49 
22 1 Y 1 B ARG 212 ? B ARG 50 
23 1 Y 1 B LEU 213 ? B LEU 51 
24 1 Y 1 B LEU 214 ? B LEU 52 
25 1 Y 1 B SER 215 ? B SER 53 
26 1 Y 1 B ARG 216 ? B ARG 54 
27 1 Y 1 B LEU 217 ? B LEU 55 
28 1 Y 1 B GLU 218 ? B GLU 56 
29 1 Y 1 B VAL 219 ? B VAL 57 
30 1 Y 1 B MET 220 ? B MET 58 
31 1 Y 1 B GLY 221 ? B GLY 59 
32 1 Y 1 B ASN 222 ? B ASN 60 
33 1 Y 1 B GLN 223 ? B GLN 61 
34 1 Y 1 B LEU 224 ? B LEU 62 
35 1 Y 1 B GLN 225 ? B GLN 63 
36 1 Y 1 B ALA 226 ? B ALA 64 
# 
loop_
_chem_comp_atom.comp_id 
_chem_comp_atom.atom_id 
_chem_comp_atom.type_symbol 
_chem_comp_atom.pdbx_aromatic_flag 
_chem_comp_atom.pdbx_stereo_config 
_chem_comp_atom.pdbx_ordinal 
ALA N    N N N 1   
ALA CA   C N S 2   
ALA C    C N N 3   
ALA O    O N N 4   
ALA CB   C N N 5   
ALA OXT  O N N 6   
ALA H    H N N 7   
ALA H2   H N N 8   
ALA HA   H N N 9   
ALA HB1  H N N 10  
ALA HB2  H N N 11  
ALA HB3  H N N 12  
ALA HXT  H N N 13  
ARG N    N N N 14  
ARG CA   C N S 15  
ARG C    C N N 16  
ARG O    O N N 17  
ARG CB   C N N 18  
ARG CG   C N N 19  
ARG CD   C N N 20  
ARG NE   N N N 21  
ARG CZ   C N N 22  
ARG NH1  N N N 23  
ARG NH2  N N N 24  
ARG OXT  O N N 25  
ARG H    H N N 26  
ARG H2   H N N 27  
ARG HA   H N N 28  
ARG HB2  H N N 29  
ARG HB3  H N N 30  
ARG HG2  H N N 31  
ARG HG3  H N N 32  
ARG HD2  H N N 33  
ARG HD3  H N N 34  
ARG HE   H N N 35  
ARG HH11 H N N 36  
ARG HH12 H N N 37  
ARG HH21 H N N 38  
ARG HH22 H N N 39  
ARG HXT  H N N 40  
ASN N    N N N 41  
ASN CA   C N S 42  
ASN C    C N N 43  
ASN O    O N N 44  
ASN CB   C N N 45  
ASN CG   C N N 46  
ASN OD1  O N N 47  
ASN ND2  N N N 48  
ASN OXT  O N N 49  
ASN H    H N N 50  
ASN H2   H N N 51  
ASN HA   H N N 52  
ASN HB2  H N N 53  
ASN HB3  H N N 54  
ASN HD21 H N N 55  
ASN HD22 H N N 56  
ASN HXT  H N N 57  
ASP N    N N N 58  
ASP CA   C N S 59  
ASP C    C N N 60  
ASP O    O N N 61  
ASP CB   C N N 62  
ASP CG   C N N 63  
ASP OD1  O N N 64  
ASP OD2  O N N 65  
ASP OXT  O N N 66  
ASP H    H N N 67  
ASP H2   H N N 68  
ASP HA   H N N 69  
ASP HB2  H N N 70  
ASP HB3  H N N 71  
ASP HD2  H N N 72  
ASP HXT  H N N 73  
GLN N    N N N 74  
GLN CA   C N S 75  
GLN C    C N N 76  
GLN O    O N N 77  
GLN CB   C N N 78  
GLN CG   C N N 79  
GLN CD   C N N 80  
GLN OE1  O N N 81  
GLN NE2  N N N 82  
GLN OXT  O N N 83  
GLN H    H N N 84  
GLN H2   H N N 85  
GLN HA   H N N 86  
GLN HB2  H N N 87  
GLN HB3  H N N 88  
GLN HG2  H N N 89  
GLN HG3  H N N 90  
GLN HE21 H N N 91  
GLN HE22 H N N 92  
GLN HXT  H N N 93  
GLU N    N N N 94  
GLU CA   C N S 95  
GLU C    C N N 96  
GLU O    O N N 97  
GLU CB   C N N 98  
GLU CG   C N N 99  
GLU CD   C N N 100 
GLU OE1  O N N 101 
GLU OE2  O N N 102 
GLU OXT  O N N 103 
GLU H    H N N 104 
GLU H2   H N N 105 
GLU HA   H N N 106 
GLU HB2  H N N 107 
GLU HB3  H N N 108 
GLU HG2  H N N 109 
GLU HG3  H N N 110 
GLU HE2  H N N 111 
GLU HXT  H N N 112 
GLY N    N N N 113 
GLY CA   C N N 114 
GLY C    C N N 115 
GLY O    O N N 116 
GLY OXT  O N N 117 
GLY H    H N N 118 
GLY H2   H N N 119 
GLY HA2  H N N 120 
GLY HA3  H N N 121 
GLY HXT  H N N 122 
GOL C1   C N N 123 
GOL O1   O N N 124 
GOL C2   C N N 125 
GOL O2   O N N 126 
GOL C3   C N N 127 
GOL O3   O N N 128 
GOL H11  H N N 129 
GOL H12  H N N 130 
GOL HO1  H N N 131 
GOL H2   H N N 132 
GOL HO2  H N N 133 
GOL H31  H N N 134 
GOL H32  H N N 135 
GOL HO3  H N N 136 
HIS N    N N N 137 
HIS CA   C N S 138 
HIS C    C N N 139 
HIS O    O N N 140 
HIS CB   C N N 141 
HIS CG   C Y N 142 
HIS ND1  N Y N 143 
HIS CD2  C Y N 144 
HIS CE1  C Y N 145 
HIS NE2  N Y N 146 
HIS OXT  O N N 147 
HIS H    H N N 148 
HIS H2   H N N 149 
HIS HA   H N N 150 
HIS HB2  H N N 151 
HIS HB3  H N N 152 
HIS HD1  H N N 153 
HIS HD2  H N N 154 
HIS HE1  H N N 155 
HIS HE2  H N N 156 
HIS HXT  H N N 157 
HOH O    O N N 158 
HOH H1   H N N 159 
HOH H2   H N N 160 
ILE N    N N N 161 
ILE CA   C N S 162 
ILE C    C N N 163 
ILE O    O N N 164 
ILE CB   C N S 165 
ILE CG1  C N N 166 
ILE CG2  C N N 167 
ILE CD1  C N N 168 
ILE OXT  O N N 169 
ILE H    H N N 170 
ILE H2   H N N 171 
ILE HA   H N N 172 
ILE HB   H N N 173 
ILE HG12 H N N 174 
ILE HG13 H N N 175 
ILE HG21 H N N 176 
ILE HG22 H N N 177 
ILE HG23 H N N 178 
ILE HD11 H N N 179 
ILE HD12 H N N 180 
ILE HD13 H N N 181 
ILE HXT  H N N 182 
LEU N    N N N 183 
LEU CA   C N S 184 
LEU C    C N N 185 
LEU O    O N N 186 
LEU CB   C N N 187 
LEU CG   C N N 188 
LEU CD1  C N N 189 
LEU CD2  C N N 190 
LEU OXT  O N N 191 
LEU H    H N N 192 
LEU H2   H N N 193 
LEU HA   H N N 194 
LEU HB2  H N N 195 
LEU HB3  H N N 196 
LEU HG   H N N 197 
LEU HD11 H N N 198 
LEU HD12 H N N 199 
LEU HD13 H N N 200 
LEU HD21 H N N 201 
LEU HD22 H N N 202 
LEU HD23 H N N 203 
LEU HXT  H N N 204 
LYS N    N N N 205 
LYS CA   C N S 206 
LYS C    C N N 207 
LYS O    O N N 208 
LYS CB   C N N 209 
LYS CG   C N N 210 
LYS CD   C N N 211 
LYS CE   C N N 212 
LYS NZ   N N N 213 
LYS OXT  O N N 214 
LYS H    H N N 215 
LYS H2   H N N 216 
LYS HA   H N N 217 
LYS HB2  H N N 218 
LYS HB3  H N N 219 
LYS HG2  H N N 220 
LYS HG3  H N N 221 
LYS HD2  H N N 222 
LYS HD3  H N N 223 
LYS HE2  H N N 224 
LYS HE3  H N N 225 
LYS HZ1  H N N 226 
LYS HZ2  H N N 227 
LYS HZ3  H N N 228 
LYS HXT  H N N 229 
MET N    N N N 230 
MET CA   C N S 231 
MET C    C N N 232 
MET O    O N N 233 
MET CB   C N N 234 
MET CG   C N N 235 
MET SD   S N N 236 
MET CE   C N N 237 
MET OXT  O N N 238 
MET H    H N N 239 
MET H2   H N N 240 
MET HA   H N N 241 
MET HB2  H N N 242 
MET HB3  H N N 243 
MET HG2  H N N 244 
MET HG3  H N N 245 
MET HE1  H N N 246 
MET HE2  H N N 247 
MET HE3  H N N 248 
MET HXT  H N N 249 
PRO N    N N N 250 
PRO CA   C N S 251 
PRO C    C N N 252 
PRO O    O N N 253 
PRO CB   C N N 254 
PRO CG   C N N 255 
PRO CD   C N N 256 
PRO OXT  O N N 257 
PRO H    H N N 258 
PRO HA   H N N 259 
PRO HB2  H N N 260 
PRO HB3  H N N 261 
PRO HG2  H N N 262 
PRO HG3  H N N 263 
PRO HD2  H N N 264 
PRO HD3  H N N 265 
PRO HXT  H N N 266 
SER N    N N N 267 
SER CA   C N S 268 
SER C    C N N 269 
SER O    O N N 270 
SER CB   C N N 271 
SER OG   O N N 272 
SER OXT  O N N 273 
SER H    H N N 274 
SER H2   H N N 275 
SER HA   H N N 276 
SER HB2  H N N 277 
SER HB3  H N N 278 
SER HG   H N N 279 
SER HXT  H N N 280 
THR N    N N N 281 
THR CA   C N S 282 
THR C    C N N 283 
THR O    O N N 284 
THR CB   C N R 285 
THR OG1  O N N 286 
THR CG2  C N N 287 
THR OXT  O N N 288 
THR H    H N N 289 
THR H2   H N N 290 
THR HA   H N N 291 
THR HB   H N N 292 
THR HG1  H N N 293 
THR HG21 H N N 294 
THR HG22 H N N 295 
THR HG23 H N N 296 
THR HXT  H N N 297 
TRP N    N N N 298 
TRP CA   C N S 299 
TRP C    C N N 300 
TRP O    O N N 301 
TRP CB   C N N 302 
TRP CG   C Y N 303 
TRP CD1  C Y N 304 
TRP CD2  C Y N 305 
TRP NE1  N Y N 306 
TRP CE2  C Y N 307 
TRP CE3  C Y N 308 
TRP CZ2  C Y N 309 
TRP CZ3  C Y N 310 
TRP CH2  C Y N 311 
TRP OXT  O N N 312 
TRP H    H N N 313 
TRP H2   H N N 314 
TRP HA   H N N 315 
TRP HB2  H N N 316 
TRP HB3  H N N 317 
TRP HD1  H N N 318 
TRP HE1  H N N 319 
TRP HE3  H N N 320 
TRP HZ2  H N N 321 
TRP HZ3  H N N 322 
TRP HH2  H N N 323 
TRP HXT  H N N 324 
TYR N    N N N 325 
TYR CA   C N S 326 
TYR C    C N N 327 
TYR O    O N N 328 
TYR CB   C N N 329 
TYR CG   C Y N 330 
TYR CD1  C Y N 331 
TYR CD2  C Y N 332 
TYR CE1  C Y N 333 
TYR CE2  C Y N 334 
TYR CZ   C Y N 335 
TYR OH   O N N 336 
TYR OXT  O N N 337 
TYR H    H N N 338 
TYR H2   H N N 339 
TYR HA   H N N 340 
TYR HB2  H N N 341 
TYR HB3  H N N 342 
TYR HD1  H N N 343 
TYR HD2  H N N 344 
TYR HE1  H N N 345 
TYR HE2  H N N 346 
TYR HH   H N N 347 
TYR HXT  H N N 348 
VAL N    N N N 349 
VAL CA   C N S 350 
VAL C    C N N 351 
VAL O    O N N 352 
VAL CB   C N N 353 
VAL CG1  C N N 354 
VAL CG2  C N N 355 
VAL OXT  O N N 356 
VAL H    H N N 357 
VAL H2   H N N 358 
VAL HA   H N N 359 
VAL HB   H N N 360 
VAL HG11 H N N 361 
VAL HG12 H N N 362 
VAL HG13 H N N 363 
VAL HG21 H N N 364 
VAL HG22 H N N 365 
VAL HG23 H N N 366 
VAL HXT  H N N 367 
# 
loop_
_chem_comp_bond.comp_id 
_chem_comp_bond.atom_id_1 
_chem_comp_bond.atom_id_2 
_chem_comp_bond.value_order 
_chem_comp_bond.pdbx_aromatic_flag 
_chem_comp_bond.pdbx_stereo_config 
_chem_comp_bond.pdbx_ordinal 
ALA N   CA   sing N N 1   
ALA N   H    sing N N 2   
ALA N   H2   sing N N 3   
ALA CA  C    sing N N 4   
ALA CA  CB   sing N N 5   
ALA CA  HA   sing N N 6   
ALA C   O    doub N N 7   
ALA C   OXT  sing N N 8   
ALA CB  HB1  sing N N 9   
ALA CB  HB2  sing N N 10  
ALA CB  HB3  sing N N 11  
ALA OXT HXT  sing N N 12  
ARG N   CA   sing N N 13  
ARG N   H    sing N N 14  
ARG N   H2   sing N N 15  
ARG CA  C    sing N N 16  
ARG CA  CB   sing N N 17  
ARG CA  HA   sing N N 18  
ARG C   O    doub N N 19  
ARG C   OXT  sing N N 20  
ARG CB  CG   sing N N 21  
ARG CB  HB2  sing N N 22  
ARG CB  HB3  sing N N 23  
ARG CG  CD   sing N N 24  
ARG CG  HG2  sing N N 25  
ARG CG  HG3  sing N N 26  
ARG CD  NE   sing N N 27  
ARG CD  HD2  sing N N 28  
ARG CD  HD3  sing N N 29  
ARG NE  CZ   sing N N 30  
ARG NE  HE   sing N N 31  
ARG CZ  NH1  sing N N 32  
ARG CZ  NH2  doub N N 33  
ARG NH1 HH11 sing N N 34  
ARG NH1 HH12 sing N N 35  
ARG NH2 HH21 sing N N 36  
ARG NH2 HH22 sing N N 37  
ARG OXT HXT  sing N N 38  
ASN N   CA   sing N N 39  
ASN N   H    sing N N 40  
ASN N   H2   sing N N 41  
ASN CA  C    sing N N 42  
ASN CA  CB   sing N N 43  
ASN CA  HA   sing N N 44  
ASN C   O    doub N N 45  
ASN C   OXT  sing N N 46  
ASN CB  CG   sing N N 47  
ASN CB  HB2  sing N N 48  
ASN CB  HB3  sing N N 49  
ASN CG  OD1  doub N N 50  
ASN CG  ND2  sing N N 51  
ASN ND2 HD21 sing N N 52  
ASN ND2 HD22 sing N N 53  
ASN OXT HXT  sing N N 54  
ASP N   CA   sing N N 55  
ASP N   H    sing N N 56  
ASP N   H2   sing N N 57  
ASP CA  C    sing N N 58  
ASP CA  CB   sing N N 59  
ASP CA  HA   sing N N 60  
ASP C   O    doub N N 61  
ASP C   OXT  sing N N 62  
ASP CB  CG   sing N N 63  
ASP CB  HB2  sing N N 64  
ASP CB  HB3  sing N N 65  
ASP CG  OD1  doub N N 66  
ASP CG  OD2  sing N N 67  
ASP OD2 HD2  sing N N 68  
ASP OXT HXT  sing N N 69  
GLN N   CA   sing N N 70  
GLN N   H    sing N N 71  
GLN N   H2   sing N N 72  
GLN CA  C    sing N N 73  
GLN CA  CB   sing N N 74  
GLN CA  HA   sing N N 75  
GLN C   O    doub N N 76  
GLN C   OXT  sing N N 77  
GLN CB  CG   sing N N 78  
GLN CB  HB2  sing N N 79  
GLN CB  HB3  sing N N 80  
GLN CG  CD   sing N N 81  
GLN CG  HG2  sing N N 82  
GLN CG  HG3  sing N N 83  
GLN CD  OE1  doub N N 84  
GLN CD  NE2  sing N N 85  
GLN NE2 HE21 sing N N 86  
GLN NE2 HE22 sing N N 87  
GLN OXT HXT  sing N N 88  
GLU N   CA   sing N N 89  
GLU N   H    sing N N 90  
GLU N   H2   sing N N 91  
GLU CA  C    sing N N 92  
GLU CA  CB   sing N N 93  
GLU CA  HA   sing N N 94  
GLU C   O    doub N N 95  
GLU C   OXT  sing N N 96  
GLU CB  CG   sing N N 97  
GLU CB  HB2  sing N N 98  
GLU CB  HB3  sing N N 99  
GLU CG  CD   sing N N 100 
GLU CG  HG2  sing N N 101 
GLU CG  HG3  sing N N 102 
GLU CD  OE1  doub N N 103 
GLU CD  OE2  sing N N 104 
GLU OE2 HE2  sing N N 105 
GLU OXT HXT  sing N N 106 
GLY N   CA   sing N N 107 
GLY N   H    sing N N 108 
GLY N   H2   sing N N 109 
GLY CA  C    sing N N 110 
GLY CA  HA2  sing N N 111 
GLY CA  HA3  sing N N 112 
GLY C   O    doub N N 113 
GLY C   OXT  sing N N 114 
GLY OXT HXT  sing N N 115 
GOL C1  O1   sing N N 116 
GOL C1  C2   sing N N 117 
GOL C1  H11  sing N N 118 
GOL C1  H12  sing N N 119 
GOL O1  HO1  sing N N 120 
GOL C2  O2   sing N N 121 
GOL C2  C3   sing N N 122 
GOL C2  H2   sing N N 123 
GOL O2  HO2  sing N N 124 
GOL C3  O3   sing N N 125 
GOL C3  H31  sing N N 126 
GOL C3  H32  sing N N 127 
GOL O3  HO3  sing N N 128 
HIS N   CA   sing N N 129 
HIS N   H    sing N N 130 
HIS N   H2   sing N N 131 
HIS CA  C    sing N N 132 
HIS CA  CB   sing N N 133 
HIS CA  HA   sing N N 134 
HIS C   O    doub N N 135 
HIS C   OXT  sing N N 136 
HIS CB  CG   sing N N 137 
HIS CB  HB2  sing N N 138 
HIS CB  HB3  sing N N 139 
HIS CG  ND1  sing Y N 140 
HIS CG  CD2  doub Y N 141 
HIS ND1 CE1  doub Y N 142 
HIS ND1 HD1  sing N N 143 
HIS CD2 NE2  sing Y N 144 
HIS CD2 HD2  sing N N 145 
HIS CE1 NE2  sing Y N 146 
HIS CE1 HE1  sing N N 147 
HIS NE2 HE2  sing N N 148 
HIS OXT HXT  sing N N 149 
HOH O   H1   sing N N 150 
HOH O   H2   sing N N 151 
ILE N   CA   sing N N 152 
ILE N   H    sing N N 153 
ILE N   H2   sing N N 154 
ILE CA  C    sing N N 155 
ILE CA  CB   sing N N 156 
ILE CA  HA   sing N N 157 
ILE C   O    doub N N 158 
ILE C   OXT  sing N N 159 
ILE CB  CG1  sing N N 160 
ILE CB  CG2  sing N N 161 
ILE CB  HB   sing N N 162 
ILE CG1 CD1  sing N N 163 
ILE CG1 HG12 sing N N 164 
ILE CG1 HG13 sing N N 165 
ILE CG2 HG21 sing N N 166 
ILE CG2 HG22 sing N N 167 
ILE CG2 HG23 sing N N 168 
ILE CD1 HD11 sing N N 169 
ILE CD1 HD12 sing N N 170 
ILE CD1 HD13 sing N N 171 
ILE OXT HXT  sing N N 172 
LEU N   CA   sing N N 173 
LEU N   H    sing N N 174 
LEU N   H2   sing N N 175 
LEU CA  C    sing N N 176 
LEU CA  CB   sing N N 177 
LEU CA  HA   sing N N 178 
LEU C   O    doub N N 179 
LEU C   OXT  sing N N 180 
LEU CB  CG   sing N N 181 
LEU CB  HB2  sing N N 182 
LEU CB  HB3  sing N N 183 
LEU CG  CD1  sing N N 184 
LEU CG  CD2  sing N N 185 
LEU CG  HG   sing N N 186 
LEU CD1 HD11 sing N N 187 
LEU CD1 HD12 sing N N 188 
LEU CD1 HD13 sing N N 189 
LEU CD2 HD21 sing N N 190 
LEU CD2 HD22 sing N N 191 
LEU CD2 HD23 sing N N 192 
LEU OXT HXT  sing N N 193 
LYS N   CA   sing N N 194 
LYS N   H    sing N N 195 
LYS N   H2   sing N N 196 
LYS CA  C    sing N N 197 
LYS CA  CB   sing N N 198 
LYS CA  HA   sing N N 199 
LYS C   O    doub N N 200 
LYS C   OXT  sing N N 201 
LYS CB  CG   sing N N 202 
LYS CB  HB2  sing N N 203 
LYS CB  HB3  sing N N 204 
LYS CG  CD   sing N N 205 
LYS CG  HG2  sing N N 206 
LYS CG  HG3  sing N N 207 
LYS CD  CE   sing N N 208 
LYS CD  HD2  sing N N 209 
LYS CD  HD3  sing N N 210 
LYS CE  NZ   sing N N 211 
LYS CE  HE2  sing N N 212 
LYS CE  HE3  sing N N 213 
LYS NZ  HZ1  sing N N 214 
LYS NZ  HZ2  sing N N 215 
LYS NZ  HZ3  sing N N 216 
LYS OXT HXT  sing N N 217 
MET N   CA   sing N N 218 
MET N   H    sing N N 219 
MET N   H2   sing N N 220 
MET CA  C    sing N N 221 
MET CA  CB   sing N N 222 
MET CA  HA   sing N N 223 
MET C   O    doub N N 224 
MET C   OXT  sing N N 225 
MET CB  CG   sing N N 226 
MET CB  HB2  sing N N 227 
MET CB  HB3  sing N N 228 
MET CG  SD   sing N N 229 
MET CG  HG2  sing N N 230 
MET CG  HG3  sing N N 231 
MET SD  CE   sing N N 232 
MET CE  HE1  sing N N 233 
MET CE  HE2  sing N N 234 
MET CE  HE3  sing N N 235 
MET OXT HXT  sing N N 236 
PRO N   CA   sing N N 237 
PRO N   CD   sing N N 238 
PRO N   H    sing N N 239 
PRO CA  C    sing N N 240 
PRO CA  CB   sing N N 241 
PRO CA  HA   sing N N 242 
PRO C   O    doub N N 243 
PRO C   OXT  sing N N 244 
PRO CB  CG   sing N N 245 
PRO CB  HB2  sing N N 246 
PRO CB  HB3  sing N N 247 
PRO CG  CD   sing N N 248 
PRO CG  HG2  sing N N 249 
PRO CG  HG3  sing N N 250 
PRO CD  HD2  sing N N 251 
PRO CD  HD3  sing N N 252 
PRO OXT HXT  sing N N 253 
SER N   CA   sing N N 254 
SER N   H    sing N N 255 
SER N   H2   sing N N 256 
SER CA  C    sing N N 257 
SER CA  CB   sing N N 258 
SER CA  HA   sing N N 259 
SER C   O    doub N N 260 
SER C   OXT  sing N N 261 
SER CB  OG   sing N N 262 
SER CB  HB2  sing N N 263 
SER CB  HB3  sing N N 264 
SER OG  HG   sing N N 265 
SER OXT HXT  sing N N 266 
THR N   CA   sing N N 267 
THR N   H    sing N N 268 
THR N   H2   sing N N 269 
THR CA  C    sing N N 270 
THR CA  CB   sing N N 271 
THR CA  HA   sing N N 272 
THR C   O    doub N N 273 
THR C   OXT  sing N N 274 
THR CB  OG1  sing N N 275 
THR CB  CG2  sing N N 276 
THR CB  HB   sing N N 277 
THR OG1 HG1  sing N N 278 
THR CG2 HG21 sing N N 279 
THR CG2 HG22 sing N N 280 
THR CG2 HG23 sing N N 281 
THR OXT HXT  sing N N 282 
TRP N   CA   sing N N 283 
TRP N   H    sing N N 284 
TRP N   H2   sing N N 285 
TRP CA  C    sing N N 286 
TRP CA  CB   sing N N 287 
TRP CA  HA   sing N N 288 
TRP C   O    doub N N 289 
TRP C   OXT  sing N N 290 
TRP CB  CG   sing N N 291 
TRP CB  HB2  sing N N 292 
TRP CB  HB3  sing N N 293 
TRP CG  CD1  doub Y N 294 
TRP CG  CD2  sing Y N 295 
TRP CD1 NE1  sing Y N 296 
TRP CD1 HD1  sing N N 297 
TRP CD2 CE2  doub Y N 298 
TRP CD2 CE3  sing Y N 299 
TRP NE1 CE2  sing Y N 300 
TRP NE1 HE1  sing N N 301 
TRP CE2 CZ2  sing Y N 302 
TRP CE3 CZ3  doub Y N 303 
TRP CE3 HE3  sing N N 304 
TRP CZ2 CH2  doub Y N 305 
TRP CZ2 HZ2  sing N N 306 
TRP CZ3 CH2  sing Y N 307 
TRP CZ3 HZ3  sing N N 308 
TRP CH2 HH2  sing N N 309 
TRP OXT HXT  sing N N 310 
TYR N   CA   sing N N 311 
TYR N   H    sing N N 312 
TYR N   H2   sing N N 313 
TYR CA  C    sing N N 314 
TYR CA  CB   sing N N 315 
TYR CA  HA   sing N N 316 
TYR C   O    doub N N 317 
TYR C   OXT  sing N N 318 
TYR CB  CG   sing N N 319 
TYR CB  HB2  sing N N 320 
TYR CB  HB3  sing N N 321 
TYR CG  CD1  doub Y N 322 
TYR CG  CD2  sing Y N 323 
TYR CD1 CE1  sing Y N 324 
TYR CD1 HD1  sing N N 325 
TYR CD2 CE2  doub Y N 326 
TYR CD2 HD2  sing N N 327 
TYR CE1 CZ   doub Y N 328 
TYR CE1 HE1  sing N N 329 
TYR CE2 CZ   sing Y N 330 
TYR CE2 HE2  sing N N 331 
TYR CZ  OH   sing N N 332 
TYR OH  HH   sing N N 333 
TYR OXT HXT  sing N N 334 
VAL N   CA   sing N N 335 
VAL N   H    sing N N 336 
VAL N   H2   sing N N 337 
VAL CA  C    sing N N 338 
VAL CA  CB   sing N N 339 
VAL CA  HA   sing N N 340 
VAL C   O    doub N N 341 
VAL C   OXT  sing N N 342 
VAL CB  CG1  sing N N 343 
VAL CB  CG2  sing N N 344 
VAL CB  HB   sing N N 345 
VAL CG1 HG11 sing N N 346 
VAL CG1 HG12 sing N N 347 
VAL CG1 HG13 sing N N 348 
VAL CG2 HG21 sing N N 349 
VAL CG2 HG22 sing N N 350 
VAL CG2 HG23 sing N N 351 
VAL OXT HXT  sing N N 352 
# 
loop_
_pdbx_entity_nonpoly.entity_id 
_pdbx_entity_nonpoly.name 
_pdbx_entity_nonpoly.comp_id 
3 GLYCEROL GOL 
4 water    HOH 
# 
_pdbx_initial_refinement_model.id               1 
_pdbx_initial_refinement_model.entity_id_list   ? 
_pdbx_initial_refinement_model.type             'experimental model' 
_pdbx_initial_refinement_model.source_name      PDB 
_pdbx_initial_refinement_model.accession_code   6AKK 
_pdbx_initial_refinement_model.details          ? 
# 
_pdbx_struct_assembly_auth_evidence.id                     1 
_pdbx_struct_assembly_auth_evidence.assembly_id            1 
_pdbx_struct_assembly_auth_evidence.experimental_support   none 
_pdbx_struct_assembly_auth_evidence.details                ? 
# 
